data_2BS5
# 
_entry.id   2BS5 
# 
_audit_conform.dict_name       mmcif_pdbx.dic 
_audit_conform.dict_version    5.391 
_audit_conform.dict_location   http://mmcif.pdb.org/dictionaries/ascii/mmcif_pdbx.dic 
# 
loop_
_database_2.database_id 
_database_2.database_code 
_database_2.pdbx_database_accession 
_database_2.pdbx_DOI 
PDB   2BS5         pdb_00002bs5 10.2210/pdb2bs5/pdb 
WWPDB D_1290024071 ?            ?                   
# 
loop_
_pdbx_audit_revision_history.ordinal 
_pdbx_audit_revision_history.data_content_type 
_pdbx_audit_revision_history.major_revision 
_pdbx_audit_revision_history.minor_revision 
_pdbx_audit_revision_history.revision_date 
1 'Structure model' 1 0 2005-05-19 
2 'Structure model' 1 1 2011-05-08 
3 'Structure model' 1 2 2011-07-13 
4 'Structure model' 1 3 2019-05-08 
5 'Structure model' 2 0 2020-07-29 
6 'Structure model' 2 1 2024-05-01 
# 
loop_
_pdbx_audit_revision_details.ordinal 
_pdbx_audit_revision_details.revision_ordinal 
_pdbx_audit_revision_details.data_content_type 
_pdbx_audit_revision_details.provider 
_pdbx_audit_revision_details.type 
_pdbx_audit_revision_details.description 
_pdbx_audit_revision_details.details 
1 1 'Structure model' repository 'Initial release' ?                          ? 
2 5 'Structure model' repository Remediation       'Carbohydrate remediation' ? 
# 
loop_
_pdbx_audit_revision_group.ordinal 
_pdbx_audit_revision_group.revision_ordinal 
_pdbx_audit_revision_group.data_content_type 
_pdbx_audit_revision_group.group 
1  2 'Structure model' 'Version format compliance' 
2  3 'Structure model' 'Version format compliance' 
3  4 'Structure model' 'Data collection'           
4  4 'Structure model' 'Experimental preparation'  
5  4 'Structure model' Other                       
6  5 'Structure model' 'Atomic model'              
7  5 'Structure model' 'Data collection'           
8  5 'Structure model' 'Derived calculations'      
9  5 'Structure model' Other                       
10 5 'Structure model' 'Structure summary'         
11 6 'Structure model' 'Data collection'           
12 6 'Structure model' 'Database references'       
13 6 'Structure model' 'Derived calculations'      
14 6 'Structure model' 'Refinement description'    
15 6 'Structure model' 'Structure summary'         
# 
loop_
_pdbx_audit_revision_category.ordinal 
_pdbx_audit_revision_category.revision_ordinal 
_pdbx_audit_revision_category.data_content_type 
_pdbx_audit_revision_category.category 
1  4 'Structure model' database_PDB_rev              
2  4 'Structure model' database_PDB_rev_record       
3  4 'Structure model' exptl_crystal_grow            
4  4 'Structure model' pdbx_database_proc            
5  4 'Structure model' pdbx_database_status          
6  5 'Structure model' atom_site                     
7  5 'Structure model' chem_comp                     
8  5 'Structure model' entity                        
9  5 'Structure model' entity_name_com               
10 5 'Structure model' pdbx_branch_scheme            
11 5 'Structure model' pdbx_chem_comp_identifier     
12 5 'Structure model' pdbx_database_status          
13 5 'Structure model' pdbx_entity_branch            
14 5 'Structure model' pdbx_entity_branch_descriptor 
15 5 'Structure model' pdbx_entity_branch_link       
16 5 'Structure model' pdbx_entity_branch_list       
17 5 'Structure model' pdbx_entity_nonpoly           
18 5 'Structure model' pdbx_molecule_features        
19 5 'Structure model' pdbx_nonpoly_scheme           
20 5 'Structure model' pdbx_struct_assembly_gen      
21 5 'Structure model' pdbx_struct_special_symmetry  
22 5 'Structure model' struct_asym                   
23 5 'Structure model' struct_conn                   
24 5 'Structure model' struct_site                   
25 5 'Structure model' struct_site_gen               
26 6 'Structure model' chem_comp                     
27 6 'Structure model' chem_comp_atom                
28 6 'Structure model' chem_comp_bond                
29 6 'Structure model' database_2                    
30 6 'Structure model' pdbx_initial_refinement_model 
31 6 'Structure model' struct_conn                   
# 
loop_
_pdbx_audit_revision_item.ordinal 
_pdbx_audit_revision_item.revision_ordinal 
_pdbx_audit_revision_item.data_content_type 
_pdbx_audit_revision_item.item 
1  4 'Structure model' '_exptl_crystal_grow.method'                  
2  4 'Structure model' '_pdbx_database_status.recvd_author_approval' 
3  5 'Structure model' '_atom_site.auth_asym_id'                     
4  5 'Structure model' '_atom_site.auth_seq_id'                      
5  5 'Structure model' '_atom_site.label_asym_id'                    
6  5 'Structure model' '_atom_site.label_entity_id'                  
7  5 'Structure model' '_chem_comp.name'                             
8  5 'Structure model' '_chem_comp.type'                             
9  5 'Structure model' '_pdbx_database_status.status_code_sf'        
10 5 'Structure model' '_pdbx_struct_assembly_gen.asym_id_list'      
11 5 'Structure model' '_pdbx_struct_special_symmetry.label_asym_id' 
12 5 'Structure model' '_struct_conn.ptnr1_auth_asym_id'             
13 5 'Structure model' '_struct_conn.ptnr1_auth_seq_id'              
14 5 'Structure model' '_struct_conn.ptnr1_label_asym_id'            
15 5 'Structure model' '_struct_conn.ptnr2_auth_asym_id'             
16 5 'Structure model' '_struct_conn.ptnr2_auth_seq_id'              
17 5 'Structure model' '_struct_conn.ptnr2_label_asym_id'            
18 6 'Structure model' '_chem_comp.pdbx_synonyms'                    
19 6 'Structure model' '_database_2.pdbx_DOI'                        
20 6 'Structure model' '_database_2.pdbx_database_accession'         
21 6 'Structure model' '_struct_conn.pdbx_leaving_atom_flag'         
# 
_pdbx_database_status.status_code                     REL 
_pdbx_database_status.entry_id                        2BS5 
_pdbx_database_status.recvd_initial_deposition_date   2005-05-18 
_pdbx_database_status.deposit_site                    PDBE 
_pdbx_database_status.process_site                    PDBE 
_pdbx_database_status.SG_entry                        ? 
_pdbx_database_status.pdb_format_compatible           Y 
_pdbx_database_status.status_code_sf                  REL 
_pdbx_database_status.status_code_mr                  ? 
_pdbx_database_status.status_code_cs                  ? 
_pdbx_database_status.methods_development_category    ? 
_pdbx_database_status.status_code_nmr_data            ? 
# 
loop_
_audit_author.name 
_audit_author.pdbx_ordinal 
'Mitchell, E.P.' 1 
'Kostlanova, N.' 2 
'Wimmerova, M.'  3 
'Imberty, A.'    4 
# 
_citation.id                        primary 
_citation.title                     
;The Fucose-Binding Lectin from Ralstonia Solanacearum: A New Type of {Beta}-Propeller Architecture Formed by Oligomerization and Interacting with Fucoside, Fucosyllactose, and Plant Xyloglucan.
;
_citation.journal_abbrev            J.Biol.Chem. 
_citation.journal_volume            280 
_citation.page_first                27839 
_citation.page_last                 ? 
_citation.year                      2005 
_citation.journal_id_ASTM           JBCHA3 
_citation.country                   US 
_citation.journal_id_ISSN           0021-9258 
_citation.journal_id_CSD            0071 
_citation.book_publisher            ? 
_citation.pdbx_database_id_PubMed   15923179 
_citation.pdbx_database_id_DOI      10.1074/JBC.M505184200 
# 
loop_
_citation_author.citation_id 
_citation_author.name 
_citation_author.ordinal 
_citation_author.identifier_ORCID 
primary 'Kostlanova, N.'    1 ? 
primary 'Mitchell, E.P.'    2 ? 
primary 'Lortat-Jacob, H.'  3 ? 
primary 'Oscarson, S.'      4 ? 
primary 'Lahmann, M.'       5 ? 
primary 'Gilboa-Garber, N.' 6 ? 
primary 'Chambat, G.'       7 ? 
primary 'Wimmerova, M.'     8 ? 
primary 'Imberty, A.'       9 ? 
# 
loop_
_entity.id 
_entity.type 
_entity.src_method 
_entity.pdbx_description 
_entity.formula_weight 
_entity.pdbx_number_of_molecules 
_entity.pdbx_ec 
_entity.pdbx_mutation 
_entity.pdbx_fragment 
_entity.details 
1 polymer     man 'FUCOSE-BINDING LECTIN PROTEIN'                                                9733.562 1  ? ? ? ? 
2 branched    man 'alpha-L-fucopyranose-(1-2)-beta-D-galactopyranose-(1-4)-beta-D-glucopyranose' 488.438  2  ? ? ? ? 
3 non-polymer syn 'CHLORIDE ION'                                                                 35.453   1  ? ? ? ? 
4 water       nat water                                                                          18.015   76 ? ? ? ? 
# 
loop_
_entity_name_com.entity_id 
_entity_name_com.name 
1 'HYPOTHETICAL PROTEIN RSC2107, LECTIN' 
2 "2'-fucosyllactose"                    
# 
_entity_poly.entity_id                      1 
_entity_poly.type                           'polypeptide(L)' 
_entity_poly.nstd_linkage                   no 
_entity_poly.nstd_monomer                   no 
_entity_poly.pdbx_seq_one_letter_code       
;SSVQTAATSWGTVPSIRVYTANNGKITERCWDGKGWYTGAFNEPGDNVSVTSWLVGSAIHIRVYASTGTTTTEWCWDGNG
WTKGAYTATN
;
_entity_poly.pdbx_seq_one_letter_code_can   
;SSVQTAATSWGTVPSIRVYTANNGKITERCWDGKGWYTGAFNEPGDNVSVTSWLVGSAIHIRVYASTGTTTTEWCWDGNG
WTKGAYTATN
;
_entity_poly.pdbx_strand_id                 A 
_entity_poly.pdbx_target_identifier         ? 
# 
loop_
_pdbx_entity_nonpoly.entity_id 
_pdbx_entity_nonpoly.name 
_pdbx_entity_nonpoly.comp_id 
3 'CHLORIDE ION' CL  
4 water          HOH 
# 
loop_
_entity_poly_seq.entity_id 
_entity_poly_seq.num 
_entity_poly_seq.mon_id 
_entity_poly_seq.hetero 
1 1  SER n 
1 2  SER n 
1 3  VAL n 
1 4  GLN n 
1 5  THR n 
1 6  ALA n 
1 7  ALA n 
1 8  THR n 
1 9  SER n 
1 10 TRP n 
1 11 GLY n 
1 12 THR n 
1 13 VAL n 
1 14 PRO n 
1 15 SER n 
1 16 ILE n 
1 17 ARG n 
1 18 VAL n 
1 19 TYR n 
1 20 THR n 
1 21 ALA n 
1 22 ASN n 
1 23 ASN n 
1 24 GLY n 
1 25 LYS n 
1 26 ILE n 
1 27 THR n 
1 28 GLU n 
1 29 ARG n 
1 30 CYS n 
1 31 TRP n 
1 32 ASP n 
1 33 GLY n 
1 34 LYS n 
1 35 GLY n 
1 36 TRP n 
1 37 TYR n 
1 38 THR n 
1 39 GLY n 
1 40 ALA n 
1 41 PHE n 
1 42 ASN n 
1 43 GLU n 
1 44 PRO n 
1 45 GLY n 
1 46 ASP n 
1 47 ASN n 
1 48 VAL n 
1 49 SER n 
1 50 VAL n 
1 51 THR n 
1 52 SER n 
1 53 TRP n 
1 54 LEU n 
1 55 VAL n 
1 56 GLY n 
1 57 SER n 
1 58 ALA n 
1 59 ILE n 
1 60 HIS n 
1 61 ILE n 
1 62 ARG n 
1 63 VAL n 
1 64 TYR n 
1 65 ALA n 
1 66 SER n 
1 67 THR n 
1 68 GLY n 
1 69 THR n 
1 70 THR n 
1 71 THR n 
1 72 THR n 
1 73 GLU n 
1 74 TRP n 
1 75 CYS n 
1 76 TRP n 
1 77 ASP n 
1 78 GLY n 
1 79 ASN n 
1 80 GLY n 
1 81 TRP n 
1 82 THR n 
1 83 LYS n 
1 84 GLY n 
1 85 ALA n 
1 86 TYR n 
1 87 THR n 
1 88 ALA n 
1 89 THR n 
1 90 ASN n 
# 
_entity_src_gen.entity_id                          1 
_entity_src_gen.pdbx_src_id                        1 
_entity_src_gen.pdbx_alt_source_flag               sample 
_entity_src_gen.pdbx_seq_type                      ? 
_entity_src_gen.pdbx_beg_seq_num                   ? 
_entity_src_gen.pdbx_end_seq_num                   ? 
_entity_src_gen.gene_src_common_name               ? 
_entity_src_gen.gene_src_genus                     ? 
_entity_src_gen.pdbx_gene_src_gene                 ? 
_entity_src_gen.gene_src_species                   ? 
_entity_src_gen.gene_src_strain                    ? 
_entity_src_gen.gene_src_tissue                    ? 
_entity_src_gen.gene_src_tissue_fraction           ? 
_entity_src_gen.gene_src_details                   ? 
_entity_src_gen.pdbx_gene_src_fragment             ? 
_entity_src_gen.pdbx_gene_src_scientific_name      'RALSTONIA SOLANACEARUM' 
_entity_src_gen.pdbx_gene_src_ncbi_taxonomy_id     305 
_entity_src_gen.pdbx_gene_src_variant              ? 
_entity_src_gen.pdbx_gene_src_cell_line            ? 
_entity_src_gen.pdbx_gene_src_atcc                 11696 
_entity_src_gen.pdbx_gene_src_organ                ? 
_entity_src_gen.pdbx_gene_src_organelle            ? 
_entity_src_gen.pdbx_gene_src_cell                 ? 
_entity_src_gen.pdbx_gene_src_cellular_location    ? 
_entity_src_gen.host_org_common_name               ? 
_entity_src_gen.pdbx_host_org_scientific_name      'ESCHERICHIA COLI' 
_entity_src_gen.pdbx_host_org_ncbi_taxonomy_id     469008 
_entity_src_gen.host_org_genus                     ? 
_entity_src_gen.pdbx_host_org_gene                 ? 
_entity_src_gen.pdbx_host_org_organ                ? 
_entity_src_gen.host_org_species                   ? 
_entity_src_gen.pdbx_host_org_tissue               ? 
_entity_src_gen.pdbx_host_org_tissue_fraction      ? 
_entity_src_gen.pdbx_host_org_strain               'BL21(DE3)' 
_entity_src_gen.pdbx_host_org_variant              ? 
_entity_src_gen.pdbx_host_org_cell_line            ? 
_entity_src_gen.pdbx_host_org_atcc                 ? 
_entity_src_gen.pdbx_host_org_culture_collection   ? 
_entity_src_gen.pdbx_host_org_cell                 ? 
_entity_src_gen.pdbx_host_org_organelle            ? 
_entity_src_gen.pdbx_host_org_cellular_location    ? 
_entity_src_gen.pdbx_host_org_vector_type          PLASMID 
_entity_src_gen.pdbx_host_org_vector               ? 
_entity_src_gen.host_org_details                   ? 
_entity_src_gen.expression_system_id               ? 
_entity_src_gen.plasmid_name                       PET25 
_entity_src_gen.plasmid_details                    ? 
_entity_src_gen.pdbx_description                   ? 
# 
_pdbx_entity_branch.entity_id   2 
_pdbx_entity_branch.type        oligosaccharide 
# 
loop_
_pdbx_entity_branch_descriptor.ordinal 
_pdbx_entity_branch_descriptor.entity_id 
_pdbx_entity_branch_descriptor.descriptor 
_pdbx_entity_branch_descriptor.type 
_pdbx_entity_branch_descriptor.program 
_pdbx_entity_branch_descriptor.program_version 
1 2 LFucpa1-2DGalpb1-4DGlcpb1-ROH                                                     'Glycam Condensed Sequence' GMML       1.0   
2 2 'WURCS=2.0/3,3,2/[a2122h-1b_1-5][a2112h-1b_1-5][a1221m-1a_1-5]/1-2-3/a4-b1_b2-c1' WURCS                       PDB2Glycan 1.1.0 
3 2 '[][b-D-Glcp]{[(4+1)][b-D-Galp]{[(2+1)][a-L-Fucp]{}}}'                            LINUCS                      PDB-CARE   ?     
# 
loop_
_pdbx_entity_branch_link.link_id 
_pdbx_entity_branch_link.entity_id 
_pdbx_entity_branch_link.entity_branch_list_num_1 
_pdbx_entity_branch_link.comp_id_1 
_pdbx_entity_branch_link.atom_id_1 
_pdbx_entity_branch_link.leaving_atom_id_1 
_pdbx_entity_branch_link.entity_branch_list_num_2 
_pdbx_entity_branch_link.comp_id_2 
_pdbx_entity_branch_link.atom_id_2 
_pdbx_entity_branch_link.leaving_atom_id_2 
_pdbx_entity_branch_link.value_order 
_pdbx_entity_branch_link.details 
1 2 2 GAL C1 O1 1 BGC O4 HO4 sing ? 
2 2 3 FUC C1 O1 2 GAL O2 HO2 sing ? 
# 
loop_
_chem_comp.id 
_chem_comp.type 
_chem_comp.mon_nstd_flag 
_chem_comp.name 
_chem_comp.pdbx_synonyms 
_chem_comp.formula 
_chem_comp.formula_weight 
ALA 'L-peptide linking'           y ALANINE                ?                                                                   
'C3 H7 N O2'     89.093  
ARG 'L-peptide linking'           y ARGININE               ?                                                                   
'C6 H15 N4 O2 1' 175.209 
ASN 'L-peptide linking'           y ASPARAGINE             ?                                                                   
'C4 H8 N2 O3'    132.118 
ASP 'L-peptide linking'           y 'ASPARTIC ACID'        ?                                                                   
'C4 H7 N O4'     133.103 
BGC 'D-saccharide, beta linking'  . beta-D-glucopyranose   'beta-D-glucose; D-glucose; glucose'                                
'C6 H12 O6'      180.156 
CL  non-polymer                   . 'CHLORIDE ION'         ?                                                                   
'Cl -1'          35.453  
CYS 'L-peptide linking'           y CYSTEINE               ?                                                                   
'C3 H7 N O2 S'   121.158 
FUC 'L-saccharide, alpha linking' . alpha-L-fucopyranose   'alpha-L-fucose; 6-deoxy-alpha-L-galactopyranose; L-fucose; fucose' 
'C6 H12 O5'      164.156 
GAL 'D-saccharide, beta linking'  . beta-D-galactopyranose 'beta-D-galactose; D-galactose; galactose'                          
'C6 H12 O6'      180.156 
GLN 'L-peptide linking'           y GLUTAMINE              ?                                                                   
'C5 H10 N2 O3'   146.144 
GLU 'L-peptide linking'           y 'GLUTAMIC ACID'        ?                                                                   
'C5 H9 N O4'     147.129 
GLY 'peptide linking'             y GLYCINE                ?                                                                   
'C2 H5 N O2'     75.067  
HIS 'L-peptide linking'           y HISTIDINE              ?                                                                   
'C6 H10 N3 O2 1' 156.162 
HOH non-polymer                   . WATER                  ?                                                                   
'H2 O'           18.015  
ILE 'L-peptide linking'           y ISOLEUCINE             ?                                                                   
'C6 H13 N O2'    131.173 
LEU 'L-peptide linking'           y LEUCINE                ?                                                                   
'C6 H13 N O2'    131.173 
LYS 'L-peptide linking'           y LYSINE                 ?                                                                   
'C6 H15 N2 O2 1' 147.195 
PHE 'L-peptide linking'           y PHENYLALANINE          ?                                                                   
'C9 H11 N O2'    165.189 
PRO 'L-peptide linking'           y PROLINE                ?                                                                   
'C5 H9 N O2'     115.130 
SER 'L-peptide linking'           y SERINE                 ?                                                                   
'C3 H7 N O3'     105.093 
THR 'L-peptide linking'           y THREONINE              ?                                                                   
'C4 H9 N O3'     119.119 
TRP 'L-peptide linking'           y TRYPTOPHAN             ?                                                                   
'C11 H12 N2 O2'  204.225 
TYR 'L-peptide linking'           y TYROSINE               ?                                                                   
'C9 H11 N O3'    181.189 
VAL 'L-peptide linking'           y VALINE                 ?                                                                   
'C5 H11 N O2'    117.146 
# 
loop_
_pdbx_chem_comp_identifier.comp_id 
_pdbx_chem_comp_identifier.type 
_pdbx_chem_comp_identifier.program 
_pdbx_chem_comp_identifier.program_version 
_pdbx_chem_comp_identifier.identifier 
BGC 'CONDENSED IUPAC CARBOHYDRATE SYMBOL' GMML     1.0 DGlcpb              
BGC 'COMMON NAME'                         GMML     1.0 b-D-glucopyranose   
BGC 'IUPAC CARBOHYDRATE SYMBOL'           PDB-CARE 1.0 b-D-Glcp            
BGC 'SNFG CARBOHYDRATE SYMBOL'            GMML     1.0 Glc                 
FUC 'CONDENSED IUPAC CARBOHYDRATE SYMBOL' GMML     1.0 LFucpa              
FUC 'COMMON NAME'                         GMML     1.0 a-L-fucopyranose    
FUC 'IUPAC CARBOHYDRATE SYMBOL'           PDB-CARE 1.0 a-L-Fucp            
FUC 'SNFG CARBOHYDRATE SYMBOL'            GMML     1.0 Fuc                 
GAL 'CONDENSED IUPAC CARBOHYDRATE SYMBOL' GMML     1.0 DGalpb              
GAL 'COMMON NAME'                         GMML     1.0 b-D-galactopyranose 
GAL 'IUPAC CARBOHYDRATE SYMBOL'           PDB-CARE 1.0 b-D-Galp            
GAL 'SNFG CARBOHYDRATE SYMBOL'            GMML     1.0 Gal                 
# 
loop_
_pdbx_poly_seq_scheme.asym_id 
_pdbx_poly_seq_scheme.entity_id 
_pdbx_poly_seq_scheme.seq_id 
_pdbx_poly_seq_scheme.mon_id 
_pdbx_poly_seq_scheme.ndb_seq_num 
_pdbx_poly_seq_scheme.pdb_seq_num 
_pdbx_poly_seq_scheme.auth_seq_num 
_pdbx_poly_seq_scheme.pdb_mon_id 
_pdbx_poly_seq_scheme.auth_mon_id 
_pdbx_poly_seq_scheme.pdb_strand_id 
_pdbx_poly_seq_scheme.pdb_ins_code 
_pdbx_poly_seq_scheme.hetero 
A 1 1  SER 1  1  1  SER SER A . n 
A 1 2  SER 2  2  2  SER SER A . n 
A 1 3  VAL 3  3  3  VAL VAL A . n 
A 1 4  GLN 4  4  4  GLN GLN A . n 
A 1 5  THR 5  5  5  THR THR A . n 
A 1 6  ALA 6  6  6  ALA ALA A . n 
A 1 7  ALA 7  7  7  ALA ALA A . n 
A 1 8  THR 8  8  8  THR THR A . n 
A 1 9  SER 9  9  9  SER SER A . n 
A 1 10 TRP 10 10 10 TRP TRP A . n 
A 1 11 GLY 11 11 11 GLY GLY A . n 
A 1 12 THR 12 12 12 THR THR A . n 
A 1 13 VAL 13 13 13 VAL VAL A . n 
A 1 14 PRO 14 14 14 PRO PRO A . n 
A 1 15 SER 15 15 15 SER SER A . n 
A 1 16 ILE 16 16 16 ILE ILE A . n 
A 1 17 ARG 17 17 17 ARG ARG A . n 
A 1 18 VAL 18 18 18 VAL VAL A . n 
A 1 19 TYR 19 19 19 TYR TYR A . n 
A 1 20 THR 20 20 20 THR THR A . n 
A 1 21 ALA 21 21 21 ALA ALA A . n 
A 1 22 ASN 22 22 22 ASN ASN A . n 
A 1 23 ASN 23 23 23 ASN ASN A . n 
A 1 24 GLY 24 24 24 GLY GLY A . n 
A 1 25 LYS 25 25 25 LYS LYS A . n 
A 1 26 ILE 26 26 26 ILE ILE A . n 
A 1 27 THR 27 27 27 THR THR A . n 
A 1 28 GLU 28 28 28 GLU GLU A . n 
A 1 29 ARG 29 29 29 ARG ARG A . n 
A 1 30 CYS 30 30 30 CYS CYS A . n 
A 1 31 TRP 31 31 31 TRP TRP A . n 
A 1 32 ASP 32 32 32 ASP ASP A . n 
A 1 33 GLY 33 33 33 GLY GLY A . n 
A 1 34 LYS 34 34 34 LYS LYS A . n 
A 1 35 GLY 35 35 35 GLY GLY A . n 
A 1 36 TRP 36 36 36 TRP TRP A . n 
A 1 37 TYR 37 37 37 TYR TYR A . n 
A 1 38 THR 38 38 38 THR THR A . n 
A 1 39 GLY 39 39 39 GLY GLY A . n 
A 1 40 ALA 40 40 40 ALA ALA A . n 
A 1 41 PHE 41 41 41 PHE PHE A . n 
A 1 42 ASN 42 42 42 ASN ASN A . n 
A 1 43 GLU 43 43 43 GLU GLU A . n 
A 1 44 PRO 44 44 44 PRO PRO A . n 
A 1 45 GLY 45 45 45 GLY GLY A . n 
A 1 46 ASP 46 46 46 ASP ASP A . n 
A 1 47 ASN 47 47 47 ASN ASN A . n 
A 1 48 VAL 48 48 48 VAL VAL A . n 
A 1 49 SER 49 49 49 SER SER A . n 
A 1 50 VAL 50 50 50 VAL VAL A . n 
A 1 51 THR 51 51 51 THR THR A . n 
A 1 52 SER 52 52 52 SER SER A . n 
A 1 53 TRP 53 53 53 TRP TRP A . n 
A 1 54 LEU 54 54 54 LEU LEU A . n 
A 1 55 VAL 55 55 55 VAL VAL A . n 
A 1 56 GLY 56 56 56 GLY GLY A . n 
A 1 57 SER 57 57 57 SER SER A . n 
A 1 58 ALA 58 58 58 ALA ALA A . n 
A 1 59 ILE 59 59 59 ILE ILE A . n 
A 1 60 HIS 60 60 60 HIS HIS A . n 
A 1 61 ILE 61 61 61 ILE ILE A . n 
A 1 62 ARG 62 62 62 ARG ARG A . n 
A 1 63 VAL 63 63 63 VAL VAL A . n 
A 1 64 TYR 64 64 64 TYR TYR A . n 
A 1 65 ALA 65 65 65 ALA ALA A . n 
A 1 66 SER 66 66 66 SER SER A . n 
A 1 67 THR 67 67 67 THR THR A . n 
A 1 68 GLY 68 68 68 GLY GLY A . n 
A 1 69 THR 69 69 69 THR THR A . n 
A 1 70 THR 70 70 70 THR THR A . n 
A 1 71 THR 71 71 71 THR THR A . n 
A 1 72 THR 72 72 72 THR THR A . n 
A 1 73 GLU 73 73 73 GLU GLU A . n 
A 1 74 TRP 74 74 74 TRP TRP A . n 
A 1 75 CYS 75 75 75 CYS CYS A . n 
A 1 76 TRP 76 76 76 TRP TRP A . n 
A 1 77 ASP 77 77 77 ASP ASP A . n 
A 1 78 GLY 78 78 78 GLY GLY A . n 
A 1 79 ASN 79 79 79 ASN ASN A . n 
A 1 80 GLY 80 80 80 GLY GLY A . n 
A 1 81 TRP 81 81 81 TRP TRP A . n 
A 1 82 THR 82 82 82 THR THR A . n 
A 1 83 LYS 83 83 83 LYS LYS A . n 
A 1 84 GLY 84 84 84 GLY GLY A . n 
A 1 85 ALA 85 85 85 ALA ALA A . n 
A 1 86 TYR 86 86 86 TYR TYR A . n 
A 1 87 THR 87 87 87 THR THR A . n 
A 1 88 ALA 88 88 88 ALA ALA A . n 
A 1 89 THR 89 89 89 THR THR A . n 
A 1 90 ASN 90 90 90 ASN ASN A . n 
# 
loop_
_pdbx_branch_scheme.asym_id 
_pdbx_branch_scheme.entity_id 
_pdbx_branch_scheme.mon_id 
_pdbx_branch_scheme.num 
_pdbx_branch_scheme.pdb_asym_id 
_pdbx_branch_scheme.pdb_mon_id 
_pdbx_branch_scheme.pdb_seq_num 
_pdbx_branch_scheme.auth_asym_id 
_pdbx_branch_scheme.auth_mon_id 
_pdbx_branch_scheme.auth_seq_num 
_pdbx_branch_scheme.hetero 
B 2 BGC 1 B BGC 1 A BGC 801 n 
B 2 GAL 2 B GAL 2 A GAL 802 n 
B 2 FUC 3 B FUC 3 A FUC 803 n 
C 2 BGC 1 C BGC 1 A BGC 901 n 
C 2 GAL 2 C GAL 2 A GAL 902 n 
C 2 FUC 3 C FUC 3 A FUC 903 n 
# 
loop_
_pdbx_nonpoly_scheme.asym_id 
_pdbx_nonpoly_scheme.entity_id 
_pdbx_nonpoly_scheme.mon_id 
_pdbx_nonpoly_scheme.ndb_seq_num 
_pdbx_nonpoly_scheme.pdb_seq_num 
_pdbx_nonpoly_scheme.auth_seq_num 
_pdbx_nonpoly_scheme.pdb_mon_id 
_pdbx_nonpoly_scheme.auth_mon_id 
_pdbx_nonpoly_scheme.pdb_strand_id 
_pdbx_nonpoly_scheme.pdb_ins_code 
D 3 CL  1  807 904  CL  CL  A . 
E 4 HOH 1  901 2051 HOH HOH A . 
E 4 HOH 2  902 2032 HOH HOH A . 
E 4 HOH 3  903 2049 HOH HOH A . 
E 4 HOH 4  904 2028 HOH HOH A . 
E 4 HOH 5  905 2018 HOH HOH A . 
E 4 HOH 6  906 2064 HOH HOH A . 
E 4 HOH 7  907 2026 HOH HOH A . 
E 4 HOH 8  908 2041 HOH HOH A . 
E 4 HOH 9  909 2015 HOH HOH A . 
E 4 HOH 10 910 2006 HOH HOH A . 
E 4 HOH 11 911 2072 HOH HOH A . 
E 4 HOH 12 912 2061 HOH HOH A . 
E 4 HOH 13 913 2022 HOH HOH A . 
E 4 HOH 14 914 2071 HOH HOH A . 
E 4 HOH 15 915 2027 HOH HOH A . 
E 4 HOH 16 916 2037 HOH HOH A . 
E 4 HOH 17 917 2058 HOH HOH A . 
E 4 HOH 18 918 2053 HOH HOH A . 
E 4 HOH 19 919 2075 HOH HOH A . 
E 4 HOH 20 920 2055 HOH HOH A . 
E 4 HOH 21 921 2029 HOH HOH A . 
E 4 HOH 22 922 2052 HOH HOH A . 
E 4 HOH 23 923 2054 HOH HOH A . 
E 4 HOH 24 924 2044 HOH HOH A . 
E 4 HOH 25 925 2025 HOH HOH A . 
E 4 HOH 26 926 2046 HOH HOH A . 
E 4 HOH 27 927 2004 HOH HOH A . 
E 4 HOH 28 928 2024 HOH HOH A . 
E 4 HOH 29 929 2010 HOH HOH A . 
E 4 HOH 30 930 2065 HOH HOH A . 
E 4 HOH 31 931 2009 HOH HOH A . 
E 4 HOH 32 932 2007 HOH HOH A . 
E 4 HOH 33 933 2040 HOH HOH A . 
E 4 HOH 34 934 2066 HOH HOH A . 
E 4 HOH 35 935 2020 HOH HOH A . 
E 4 HOH 36 936 2011 HOH HOH A . 
E 4 HOH 37 937 2036 HOH HOH A . 
E 4 HOH 38 938 2045 HOH HOH A . 
E 4 HOH 39 939 2042 HOH HOH A . 
E 4 HOH 40 940 2063 HOH HOH A . 
E 4 HOH 41 941 2039 HOH HOH A . 
E 4 HOH 42 942 2069 HOH HOH A . 
E 4 HOH 43 943 2074 HOH HOH A . 
E 4 HOH 44 944 2013 HOH HOH A . 
E 4 HOH 45 945 2034 HOH HOH A . 
E 4 HOH 46 946 2035 HOH HOH A . 
E 4 HOH 47 947 2067 HOH HOH A . 
E 4 HOH 48 948 2033 HOH HOH A . 
E 4 HOH 49 949 2060 HOH HOH A . 
E 4 HOH 50 950 2068 HOH HOH A . 
E 4 HOH 51 951 2031 HOH HOH A . 
E 4 HOH 52 952 2062 HOH HOH A . 
E 4 HOH 53 953 2059 HOH HOH A . 
E 4 HOH 54 954 2050 HOH HOH A . 
E 4 HOH 55 955 2057 HOH HOH A . 
E 4 HOH 56 956 2043 HOH HOH A . 
E 4 HOH 57 957 2008 HOH HOH A . 
E 4 HOH 58 958 2076 HOH HOH A . 
E 4 HOH 59 959 2047 HOH HOH A . 
E 4 HOH 60 960 2073 HOH HOH A . 
E 4 HOH 61 961 2070 HOH HOH A . 
E 4 HOH 62 962 2048 HOH HOH A . 
E 4 HOH 63 963 2038 HOH HOH A . 
E 4 HOH 64 964 2005 HOH HOH A . 
E 4 HOH 65 965 2056 HOH HOH A . 
E 4 HOH 66 966 2030 HOH HOH A . 
E 4 HOH 67 967 2019 HOH HOH A . 
E 4 HOH 68 968 2017 HOH HOH A . 
E 4 HOH 69 969 2016 HOH HOH A . 
E 4 HOH 70 970 2023 HOH HOH A . 
E 4 HOH 71 971 2003 HOH HOH A . 
E 4 HOH 72 972 2002 HOH HOH A . 
E 4 HOH 73 973 2001 HOH HOH A . 
E 4 HOH 74 974 2014 HOH HOH A . 
E 4 HOH 75 975 2012 HOH HOH A . 
E 4 HOH 76 976 2021 HOH HOH A . 
# 
loop_
_software.name 
_software.classification 
_software.version 
_software.citation_id 
_software.pdbx_ordinal 
REFMAC refinement       5.2.0005 ? 1 
MOSFLM 'data reduction' .        ? 2 
SCALA  'data scaling'   .        ? 3 
MOLREP phasing          .        ? 4 
# 
_cell.entry_id           2BS5 
_cell.length_a           76.824 
_cell.length_b           76.824 
_cell.length_c           101.519 
_cell.angle_alpha        90.00 
_cell.angle_beta         90.00 
_cell.angle_gamma        120.00 
_cell.Z_PDB              18 
_cell.pdbx_unique_axis   ? 
# 
_symmetry.entry_id                         2BS5 
_symmetry.space_group_name_H-M             'H 3 2' 
_symmetry.pdbx_full_space_group_name_H-M   ? 
_symmetry.cell_setting                     ? 
_symmetry.Int_Tables_number                155 
# 
_exptl.entry_id          2BS5 
_exptl.method            'X-RAY DIFFRACTION' 
_exptl.crystals_number   1 
# 
_exptl_crystal.id                    1 
_exptl_crystal.density_meas          ? 
_exptl_crystal.density_Matthews      3 
_exptl_crystal.density_percent_sol   58 
_exptl_crystal.description           ? 
# 
_exptl_crystal_grow.crystal_id      1 
_exptl_crystal_grow.method          'VAPOR DIFFUSION, HANGING DROP' 
_exptl_crystal_grow.temp            ? 
_exptl_crystal_grow.temp_details    ? 
_exptl_crystal_grow.pH              ? 
_exptl_crystal_grow.pdbx_pH_range   ? 
_exptl_crystal_grow.pdbx_details    
'HANGING DROPS WITH 2.5 UL RSL AT 15MG/ML, 2 UL OF RESERVOIR SOLUTION (30% PEG 6000, 0.1M TRIS/HCL PH 8.2) AND 1 UL OF GLYCINE.' 
# 
_diffrn.id                     1 
_diffrn.ambient_temp           100.0 
_diffrn.ambient_temp_details   ? 
_diffrn.crystal_id             1 
# 
_diffrn_detector.diffrn_id              1 
_diffrn_detector.detector               CCD 
_diffrn_detector.type                   'ADSC CCD' 
_diffrn_detector.pdbx_collection_date   2005-02-25 
_diffrn_detector.details                'TOROIDAL MIRROR' 
# 
_diffrn_radiation.diffrn_id                        1 
_diffrn_radiation.wavelength_id                    1 
_diffrn_radiation.pdbx_monochromatic_or_laue_m_l   M 
_diffrn_radiation.monochromator                    DIAMOND 
_diffrn_radiation.pdbx_diffrn_protocol             'SINGLE WAVELENGTH' 
_diffrn_radiation.pdbx_scattering_type             x-ray 
# 
_diffrn_radiation_wavelength.id           1 
_diffrn_radiation_wavelength.wavelength   0.933 
_diffrn_radiation_wavelength.wt           1.0 
# 
_diffrn_source.diffrn_id                   1 
_diffrn_source.source                      SYNCHROTRON 
_diffrn_source.type                        'ESRF BEAMLINE ID14-2' 
_diffrn_source.pdbx_synchrotron_site       ESRF 
_diffrn_source.pdbx_synchrotron_beamline   ID14-2 
_diffrn_source.pdbx_wavelength             0.933 
_diffrn_source.pdbx_wavelength_list        ? 
# 
_reflns.pdbx_diffrn_id               1 
_reflns.pdbx_ordinal                 1 
_reflns.entry_id                     2BS5 
_reflns.observed_criterion_sigma_I   ? 
_reflns.observed_criterion_sigma_F   ? 
_reflns.d_resolution_low             55.600 
_reflns.d_resolution_high            2.100 
_reflns.number_obs                   6756 
_reflns.number_all                   ? 
_reflns.percent_possible_obs         97.1 
_reflns.pdbx_Rmerge_I_obs            0.11000 
_reflns.pdbx_Rsym_value              ? 
_reflns.pdbx_netI_over_sigmaI        14.1000 
_reflns.B_iso_Wilson_estimate        23.90 
_reflns.pdbx_redundancy              5.200 
# 
_reflns_shell.pdbx_diffrn_id         1 
_reflns_shell.pdbx_ordinal           1 
_reflns_shell.d_res_high             2.10 
_reflns_shell.d_res_low              2.15 
_reflns_shell.percent_possible_all   96.5 
_reflns_shell.Rmerge_I_obs           0.46000 
_reflns_shell.pdbx_Rsym_value        ? 
_reflns_shell.meanI_over_sigI_obs    2.800 
_reflns_shell.pdbx_redundancy        4.80 
# 
_refine.pdbx_refine_id                           'X-RAY DIFFRACTION' 
_refine.entry_id                                 2BS5 
_refine.pdbx_diffrn_id                           1 
_refine.pdbx_TLS_residual_ADP_flag               ? 
_refine.ls_number_reflns_obs                     6435 
_refine.ls_number_reflns_all                     ? 
_refine.pdbx_ls_sigma_I                          ? 
_refine.pdbx_ls_sigma_F                          ? 
_refine.pdbx_data_cutoff_high_absF               ? 
_refine.pdbx_data_cutoff_low_absF                ? 
_refine.pdbx_data_cutoff_high_rms_absF           ? 
_refine.ls_d_res_low                             55.64 
_refine.ls_d_res_high                            2.10 
_refine.ls_percent_reflns_obs                    97.0 
_refine.ls_R_factor_obs                          0.186 
_refine.ls_R_factor_all                          ? 
_refine.ls_R_factor_R_work                       0.183 
_refine.ls_R_factor_R_free                       0.253 
_refine.ls_R_factor_R_free_error                 ? 
_refine.ls_R_factor_R_free_error_details         ? 
_refine.ls_percent_reflns_R_free                 4.700 
_refine.ls_number_reflns_R_free                  319 
_refine.ls_number_parameters                     ? 
_refine.ls_number_restraints                     ? 
_refine.occupancy_min                            ? 
_refine.occupancy_max                            ? 
_refine.correlation_coeff_Fo_to_Fc               0.954 
_refine.correlation_coeff_Fo_to_Fc_free          0.909 
_refine.B_iso_mean                               19.77 
_refine.aniso_B[1][1]                            -2.00000 
_refine.aniso_B[2][2]                            -2.00000 
_refine.aniso_B[3][3]                            3.01000 
_refine.aniso_B[1][2]                            -1.00000 
_refine.aniso_B[1][3]                            0.00000 
_refine.aniso_B[2][3]                            0.00000 
_refine.solvent_model_details                    MASK 
_refine.solvent_model_param_ksol                 ? 
_refine.solvent_model_param_bsol                 ? 
_refine.pdbx_solvent_vdw_probe_radii             1.20 
_refine.pdbx_solvent_ion_probe_radii             0.80 
_refine.pdbx_solvent_shrinkage_radii             0.80 
_refine.pdbx_ls_cross_valid_method               THROUGHOUT 
_refine.details                                  'HYDROGENS HAVE BEEN ADDED IN THE RIDING POSITIONS.' 
_refine.pdbx_starting_model                      'COMPLEX WITH SELENIO SUGAR (WATER, LIGAND REMOVED' 
_refine.pdbx_method_to_determine_struct          'MOLECULAR REPLACEMENT' 
_refine.pdbx_isotropic_thermal_model             ? 
_refine.pdbx_stereochemistry_target_values       'MAXIMUM LIKELIHOOD' 
_refine.pdbx_stereochem_target_val_spec_case     ? 
_refine.pdbx_R_Free_selection_details            RANDOM 
_refine.pdbx_overall_ESU_R                       0.204 
_refine.pdbx_overall_ESU_R_Free                  0.196 
_refine.overall_SU_ML                            0.156 
_refine.pdbx_overall_phase_error                 ? 
_refine.overall_SU_B                             5.935 
_refine.overall_SU_R_Cruickshank_DPI             ? 
_refine.pdbx_overall_SU_R_free_Cruickshank_DPI   ? 
_refine.pdbx_overall_SU_R_Blow_DPI               ? 
_refine.pdbx_overall_SU_R_free_Blow_DPI          ? 
# 
_refine_hist.pdbx_refine_id                   'X-RAY DIFFRACTION' 
_refine_hist.cycle_id                         LAST 
_refine_hist.pdbx_number_atoms_protein        688 
_refine_hist.pdbx_number_atoms_nucleic_acid   0 
_refine_hist.pdbx_number_atoms_ligand         67 
_refine_hist.number_atoms_solvent             76 
_refine_hist.number_atoms_total               831 
_refine_hist.d_res_high                       2.10 
_refine_hist.d_res_low                        55.64 
# 
loop_
_refine_ls_restr.type 
_refine_ls_restr.dev_ideal 
_refine_ls_restr.dev_ideal_target 
_refine_ls_restr.weight 
_refine_ls_restr.number 
_refine_ls_restr.pdbx_refine_id 
_refine_ls_restr.pdbx_restraint_function 
r_bond_refined_d             0.017  0.021  ? 779  'X-RAY DIFFRACTION' ? 
r_bond_other_d               0.002  0.020  ? 627  'X-RAY DIFFRACTION' ? 
r_angle_refined_deg          1.876  1.976  ? 1079 'X-RAY DIFFRACTION' ? 
r_angle_other_deg            0.858  3.000  ? 1441 'X-RAY DIFFRACTION' ? 
r_dihedral_angle_1_deg       7.218  5.000  ? 89   'X-RAY DIFFRACTION' ? 
r_dihedral_angle_2_deg       35.601 23.448 ? 29   'X-RAY DIFFRACTION' ? 
r_dihedral_angle_3_deg       12.801 15.000 ? 93   'X-RAY DIFFRACTION' ? 
r_dihedral_angle_4_deg       3.503  15.000 ? 3    'X-RAY DIFFRACTION' ? 
r_chiral_restr               0.090  0.200  ? 136  'X-RAY DIFFRACTION' ? 
r_gen_planes_refined         0.007  0.020  ? 811  'X-RAY DIFFRACTION' ? 
r_gen_planes_other           0.001  0.020  ? 157  'X-RAY DIFFRACTION' ? 
r_nbd_refined                0.160  0.200  ? 82   'X-RAY DIFFRACTION' ? 
r_nbd_other                  0.209  0.200  ? 573  'X-RAY DIFFRACTION' ? 
r_nbtor_refined              0.180  0.200  ? 361  'X-RAY DIFFRACTION' ? 
r_nbtor_other                0.090  0.200  ? 411  'X-RAY DIFFRACTION' ? 
r_xyhbond_nbd_refined        0.240  0.200  ? 47   'X-RAY DIFFRACTION' ? 
r_xyhbond_nbd_other          ?      ?      ? ?    'X-RAY DIFFRACTION' ? 
r_metal_ion_refined          ?      ?      ? ?    'X-RAY DIFFRACTION' ? 
r_metal_ion_other            ?      ?      ? ?    'X-RAY DIFFRACTION' ? 
r_symmetry_vdw_refined       0.146  0.200  ? 4    'X-RAY DIFFRACTION' ? 
r_symmetry_vdw_other         0.253  0.200  ? 48   'X-RAY DIFFRACTION' ? 
r_symmetry_hbond_refined     0.209  0.200  ? 14   'X-RAY DIFFRACTION' ? 
r_symmetry_hbond_other       ?      ?      ? ?    'X-RAY DIFFRACTION' ? 
r_symmetry_metal_ion_refined ?      ?      ? ?    'X-RAY DIFFRACTION' ? 
r_symmetry_metal_ion_other   ?      ?      ? ?    'X-RAY DIFFRACTION' ? 
r_mcbond_it                  1.322  1.500  ? 564  'X-RAY DIFFRACTION' ? 
r_mcbond_other               ?      ?      ? ?    'X-RAY DIFFRACTION' ? 
r_mcangle_it                 1.502  2.000  ? 710  'X-RAY DIFFRACTION' ? 
r_mcangle_other              ?      ?      ? ?    'X-RAY DIFFRACTION' ? 
r_scbond_it                  1.842  3.000  ? 471  'X-RAY DIFFRACTION' ? 
r_scbond_other               ?      ?      ? ?    'X-RAY DIFFRACTION' ? 
r_scangle_it                 2.722  4.500  ? 369  'X-RAY DIFFRACTION' ? 
r_scangle_other              ?      ?      ? ?    'X-RAY DIFFRACTION' ? 
r_long_range_B_refined       ?      ?      ? ?    'X-RAY DIFFRACTION' ? 
r_long_range_B_other         ?      ?      ? ?    'X-RAY DIFFRACTION' ? 
r_rigid_bond_restr           ?      ?      ? ?    'X-RAY DIFFRACTION' ? 
r_sphericity_free            ?      ?      ? ?    'X-RAY DIFFRACTION' ? 
r_sphericity_bonded          ?      ?      ? ?    'X-RAY DIFFRACTION' ? 
# 
_refine_ls_shell.pdbx_refine_id                   'X-RAY DIFFRACTION' 
_refine_ls_shell.pdbx_total_number_of_bins_used   20 
_refine_ls_shell.d_res_high                       2.10 
_refine_ls_shell.d_res_low                        2.15 
_refine_ls_shell.number_reflns_R_work             467 
_refine_ls_shell.R_factor_R_work                  0.2600 
_refine_ls_shell.percent_reflns_obs               ? 
_refine_ls_shell.R_factor_R_free                  0.2970 
_refine_ls_shell.R_factor_R_free_error            ? 
_refine_ls_shell.percent_reflns_R_free            ? 
_refine_ls_shell.number_reflns_R_free             25 
_refine_ls_shell.number_reflns_all                ? 
_refine_ls_shell.R_factor_all                     ? 
# 
_struct.entry_id                  2BS5 
_struct.title                     'LECTIN FROM RALSTONIA SOLANACEARUM COMPLEXED WITH 2-FUCOSYLLACTOSE' 
_struct.pdbx_model_details        ? 
_struct.pdbx_CASP_flag            ? 
_struct.pdbx_model_type_details   ? 
# 
_struct_keywords.entry_id        2BS5 
_struct_keywords.pdbx_keywords   'SUGAR BINDING PROTEIN' 
_struct_keywords.text            'SUGAR BINDING PROTEIN, SUGAR RECOGNITION, BETA-PROPELLER' 
# 
loop_
_struct_asym.id 
_struct_asym.pdbx_blank_PDB_chainid_flag 
_struct_asym.pdbx_modified 
_struct_asym.entity_id 
_struct_asym.details 
A N N 1 ? 
B N N 2 ? 
C N N 2 ? 
D N N 3 ? 
E N N 4 ? 
# 
_struct_ref.id                         1 
_struct_ref.db_name                    UNP 
_struct_ref.db_code                    D8NA05_RALSO 
_struct_ref.entity_id                  1 
_struct_ref.pdbx_seq_one_letter_code   ? 
_struct_ref.pdbx_align_begin           ? 
_struct_ref.pdbx_db_accession          D8NA05 
_struct_ref.pdbx_db_isoform            ? 
# 
_struct_ref_seq.align_id                      1 
_struct_ref_seq.ref_id                        1 
_struct_ref_seq.pdbx_PDB_id_code              2BS5 
_struct_ref_seq.pdbx_strand_id                A 
_struct_ref_seq.seq_align_beg                 1 
_struct_ref_seq.pdbx_seq_align_beg_ins_code   ? 
_struct_ref_seq.seq_align_end                 90 
_struct_ref_seq.pdbx_seq_align_end_ins_code   ? 
_struct_ref_seq.pdbx_db_accession             D8NA05 
_struct_ref_seq.db_align_beg                  2 
_struct_ref_seq.pdbx_db_align_beg_ins_code    ? 
_struct_ref_seq.db_align_end                  91 
_struct_ref_seq.pdbx_db_align_end_ins_code    ? 
_struct_ref_seq.pdbx_auth_seq_align_beg       1 
_struct_ref_seq.pdbx_auth_seq_align_end       90 
# 
_pdbx_struct_assembly.id                   1 
_pdbx_struct_assembly.details              software_defined_assembly 
_pdbx_struct_assembly.method_details       PISA 
_pdbx_struct_assembly.oligomeric_details   trimeric 
_pdbx_struct_assembly.oligomeric_count     3 
# 
loop_
_pdbx_struct_assembly_prop.biol_id 
_pdbx_struct_assembly_prop.type 
_pdbx_struct_assembly_prop.value 
_pdbx_struct_assembly_prop.details 
1 'ABSA (A^2)' 9990  ? 
1 MORE         42.4  ? 
1 'SSA (A^2)'  11630 ? 
# 
_pdbx_struct_assembly_gen.assembly_id       1 
_pdbx_struct_assembly_gen.oper_expression   1,2,3 
_pdbx_struct_assembly_gen.asym_id_list      A,B,C,D,E 
# 
loop_
_pdbx_struct_oper_list.id 
_pdbx_struct_oper_list.type 
_pdbx_struct_oper_list.name 
_pdbx_struct_oper_list.symmetry_operation 
_pdbx_struct_oper_list.matrix[1][1] 
_pdbx_struct_oper_list.matrix[1][2] 
_pdbx_struct_oper_list.matrix[1][3] 
_pdbx_struct_oper_list.vector[1] 
_pdbx_struct_oper_list.matrix[2][1] 
_pdbx_struct_oper_list.matrix[2][2] 
_pdbx_struct_oper_list.matrix[2][3] 
_pdbx_struct_oper_list.vector[2] 
_pdbx_struct_oper_list.matrix[3][1] 
_pdbx_struct_oper_list.matrix[3][2] 
_pdbx_struct_oper_list.matrix[3][3] 
_pdbx_struct_oper_list.vector[3] 
1 'identity operation'         1_555 x,y,z     1.0000000000  0.0000000000  0.0000000000  0.0000000000   0.0000000000  1.0000000000  0.0000000000  0.0000000000   0.0000000000  0.0000000000  1.0000000000 0.0000000000   
2 'crystal symmetry operation' 3_555 -x+y,-x,z -0.0566282531 -0.3556470615 -0.9329032150 -15.2454688178 0.9525695386  -0.2990870831 0.0561977839  0.3560342030   -0.2990058781 -0.8854728028 0.3557153363 -10.8013615114 
3 'crystal symmetry operation' 2_555 -y,x-y,z  -0.0566282531 0.9525695386  -0.2990058781 -4.4321421874  -0.3556470615 -0.2990870831 -0.8854728028 -14.8798328052 -0.9329032150 0.0561977839  0.3557153363 -10.4003452659 
# 
_struct_biol.id   1 
# 
loop_
_struct_conn.id 
_struct_conn.conn_type_id 
_struct_conn.pdbx_leaving_atom_flag 
_struct_conn.pdbx_PDB_id 
_struct_conn.ptnr1_label_asym_id 
_struct_conn.ptnr1_label_comp_id 
_struct_conn.ptnr1_label_seq_id 
_struct_conn.ptnr1_label_atom_id 
_struct_conn.pdbx_ptnr1_label_alt_id 
_struct_conn.pdbx_ptnr1_PDB_ins_code 
_struct_conn.pdbx_ptnr1_standard_comp_id 
_struct_conn.ptnr1_symmetry 
_struct_conn.ptnr2_label_asym_id 
_struct_conn.ptnr2_label_comp_id 
_struct_conn.ptnr2_label_seq_id 
_struct_conn.ptnr2_label_atom_id 
_struct_conn.pdbx_ptnr2_label_alt_id 
_struct_conn.pdbx_ptnr2_PDB_ins_code 
_struct_conn.ptnr1_auth_asym_id 
_struct_conn.ptnr1_auth_comp_id 
_struct_conn.ptnr1_auth_seq_id 
_struct_conn.ptnr2_auth_asym_id 
_struct_conn.ptnr2_auth_comp_id 
_struct_conn.ptnr2_auth_seq_id 
_struct_conn.ptnr2_symmetry 
_struct_conn.pdbx_ptnr3_label_atom_id 
_struct_conn.pdbx_ptnr3_label_seq_id 
_struct_conn.pdbx_ptnr3_label_comp_id 
_struct_conn.pdbx_ptnr3_label_asym_id 
_struct_conn.pdbx_ptnr3_label_alt_id 
_struct_conn.pdbx_ptnr3_PDB_ins_code 
_struct_conn.details 
_struct_conn.pdbx_dist_value 
_struct_conn.pdbx_value_order 
_struct_conn.pdbx_role 
covale1 covale both ? B BGC . O4 ? ? ? 1_555 B GAL . C1 ? ? B BGC 1 B GAL 2 1_555 ? ? ? ? ? ? ? 1.430 ? ? 
covale2 covale both ? B GAL . O2 ? ? ? 1_555 B FUC . C1 ? ? B GAL 2 B FUC 3 1_555 ? ? ? ? ? ? ? 1.424 ? ? 
covale3 covale both ? C BGC . O4 ? ? ? 1_555 C GAL . C1 ? ? C BGC 1 C GAL 2 1_555 ? ? ? ? ? ? ? 1.429 ? ? 
covale4 covale both ? C GAL . O2 ? ? ? 1_555 C FUC . C1 ? ? C GAL 2 C FUC 3 1_555 ? ? ? ? ? ? ? 1.438 ? ? 
# 
_struct_conn_type.id          covale 
_struct_conn_type.criteria    ? 
_struct_conn_type.reference   ? 
# 
_struct_mon_prot_cis.pdbx_id                1 
_struct_mon_prot_cis.label_comp_id          VAL 
_struct_mon_prot_cis.label_seq_id           13 
_struct_mon_prot_cis.label_asym_id          A 
_struct_mon_prot_cis.label_alt_id           . 
_struct_mon_prot_cis.pdbx_PDB_ins_code      ? 
_struct_mon_prot_cis.auth_comp_id           VAL 
_struct_mon_prot_cis.auth_seq_id            13 
_struct_mon_prot_cis.auth_asym_id           A 
_struct_mon_prot_cis.pdbx_label_comp_id_2   PRO 
_struct_mon_prot_cis.pdbx_label_seq_id_2    14 
_struct_mon_prot_cis.pdbx_label_asym_id_2   A 
_struct_mon_prot_cis.pdbx_PDB_ins_code_2    ? 
_struct_mon_prot_cis.pdbx_auth_comp_id_2    PRO 
_struct_mon_prot_cis.pdbx_auth_seq_id_2     14 
_struct_mon_prot_cis.pdbx_auth_asym_id_2    A 
_struct_mon_prot_cis.pdbx_PDB_model_num     1 
_struct_mon_prot_cis.pdbx_omega_angle       -5.73 
# 
loop_
_struct_sheet.id 
_struct_sheet.type 
_struct_sheet.number_strands 
_struct_sheet.details 
AA1 ? 4 ? 
AA2 ? 4 ? 
# 
loop_
_struct_sheet_order.sheet_id 
_struct_sheet_order.range_id_1 
_struct_sheet_order.range_id_2 
_struct_sheet_order.offset 
_struct_sheet_order.sense 
AA1 1 2 ? anti-parallel 
AA1 2 3 ? anti-parallel 
AA1 3 4 ? anti-parallel 
AA2 1 2 ? anti-parallel 
AA2 2 3 ? anti-parallel 
AA2 3 4 ? anti-parallel 
# 
loop_
_struct_sheet_range.sheet_id 
_struct_sheet_range.id 
_struct_sheet_range.beg_label_comp_id 
_struct_sheet_range.beg_label_asym_id 
_struct_sheet_range.beg_label_seq_id 
_struct_sheet_range.pdbx_beg_PDB_ins_code 
_struct_sheet_range.end_label_comp_id 
_struct_sheet_range.end_label_asym_id 
_struct_sheet_range.end_label_seq_id 
_struct_sheet_range.pdbx_end_PDB_ins_code 
_struct_sheet_range.beg_auth_comp_id 
_struct_sheet_range.beg_auth_asym_id 
_struct_sheet_range.beg_auth_seq_id 
_struct_sheet_range.end_auth_comp_id 
_struct_sheet_range.end_auth_asym_id 
_struct_sheet_range.end_auth_seq_id 
AA1 1 GLN A 4  ? TRP A 10 ? GLN A 4  TRP A 10 
AA1 2 SER A 15 ? ASN A 22 ? SER A 15 ASN A 22 
AA1 3 LYS A 25 ? TRP A 31 ? LYS A 25 TRP A 31 
AA1 4 TRP A 36 ? PRO A 44 ? TRP A 36 PRO A 44 
AA2 1 ASN A 47 ? VAL A 55 ? ASN A 47 VAL A 55 
AA2 2 ALA A 58 ? THR A 67 ? ALA A 58 THR A 67 
AA2 3 THR A 70 ? TRP A 76 ? THR A 70 TRP A 76 
AA2 4 TRP A 81 ? LYS A 83 ? TRP A 81 LYS A 83 
# 
loop_
_pdbx_struct_sheet_hbond.sheet_id 
_pdbx_struct_sheet_hbond.range_id_1 
_pdbx_struct_sheet_hbond.range_id_2 
_pdbx_struct_sheet_hbond.range_1_label_atom_id 
_pdbx_struct_sheet_hbond.range_1_label_comp_id 
_pdbx_struct_sheet_hbond.range_1_label_asym_id 
_pdbx_struct_sheet_hbond.range_1_label_seq_id 
_pdbx_struct_sheet_hbond.range_1_PDB_ins_code 
_pdbx_struct_sheet_hbond.range_1_auth_atom_id 
_pdbx_struct_sheet_hbond.range_1_auth_comp_id 
_pdbx_struct_sheet_hbond.range_1_auth_asym_id 
_pdbx_struct_sheet_hbond.range_1_auth_seq_id 
_pdbx_struct_sheet_hbond.range_2_label_atom_id 
_pdbx_struct_sheet_hbond.range_2_label_comp_id 
_pdbx_struct_sheet_hbond.range_2_label_asym_id 
_pdbx_struct_sheet_hbond.range_2_label_seq_id 
_pdbx_struct_sheet_hbond.range_2_PDB_ins_code 
_pdbx_struct_sheet_hbond.range_2_auth_atom_id 
_pdbx_struct_sheet_hbond.range_2_auth_comp_id 
_pdbx_struct_sheet_hbond.range_2_auth_asym_id 
_pdbx_struct_sheet_hbond.range_2_auth_seq_id 
AA1 1 2 N GLN A 4  ? N GLN A 4  O ALA A 21 ? O ALA A 21 
AA1 2 3 N ASN A 22 ? N ASN A 22 O LYS A 25 ? O LYS A 25 
AA1 3 4 N CYS A 30 ? N CYS A 30 O TYR A 37 ? O TYR A 37 
AA2 1 2 N VAL A 55 ? N VAL A 55 O ALA A 58 ? O ALA A 58 
AA2 2 3 N ALA A 65 ? N ALA A 65 O THR A 72 ? O THR A 72 
AA2 3 4 N CYS A 75 ? N CYS A 75 O THR A 82 ? O THR A 82 
# 
loop_
_pdbx_validate_close_contact.id 
_pdbx_validate_close_contact.PDB_model_num 
_pdbx_validate_close_contact.auth_atom_id_1 
_pdbx_validate_close_contact.auth_asym_id_1 
_pdbx_validate_close_contact.auth_comp_id_1 
_pdbx_validate_close_contact.auth_seq_id_1 
_pdbx_validate_close_contact.PDB_ins_code_1 
_pdbx_validate_close_contact.label_alt_id_1 
_pdbx_validate_close_contact.auth_atom_id_2 
_pdbx_validate_close_contact.auth_asym_id_2 
_pdbx_validate_close_contact.auth_comp_id_2 
_pdbx_validate_close_contact.auth_seq_id_2 
_pdbx_validate_close_contact.PDB_ins_code_2 
_pdbx_validate_close_contact.label_alt_id_2 
_pdbx_validate_close_contact.dist 
1 1 O A HOH 950 ? ? O A HOH 961 ? ? 1.99 
2 1 O A HOH 917 ? ? O A HOH 955 ? ? 2.11 
# 
_pdbx_validate_torsion.id              1 
_pdbx_validate_torsion.PDB_model_num   1 
_pdbx_validate_torsion.auth_comp_id    LYS 
_pdbx_validate_torsion.auth_asym_id    A 
_pdbx_validate_torsion.auth_seq_id     34 
_pdbx_validate_torsion.PDB_ins_code    ? 
_pdbx_validate_torsion.label_alt_id    ? 
_pdbx_validate_torsion.phi             -142.00 
_pdbx_validate_torsion.psi             36.59 
# 
_pdbx_molecule_features.prd_id    PRD_900070 
_pdbx_molecule_features.name      "2'-fucosyllactose" 
_pdbx_molecule_features.type      Oligosaccharide 
_pdbx_molecule_features.class     'Glycan component' 
_pdbx_molecule_features.details   oligosaccharide 
# 
loop_
_pdbx_molecule.instance_id 
_pdbx_molecule.prd_id 
_pdbx_molecule.asym_id 
1 PRD_900070 B 
2 PRD_900070 C 
# 
loop_
_pdbx_struct_special_symmetry.id 
_pdbx_struct_special_symmetry.PDB_model_num 
_pdbx_struct_special_symmetry.auth_asym_id 
_pdbx_struct_special_symmetry.auth_comp_id 
_pdbx_struct_special_symmetry.auth_seq_id 
_pdbx_struct_special_symmetry.PDB_ins_code 
_pdbx_struct_special_symmetry.label_asym_id 
_pdbx_struct_special_symmetry.label_comp_id 
_pdbx_struct_special_symmetry.label_seq_id 
1 1 A CL  807 ? D CL  . 
2 1 A HOH 904 ? E HOH . 
3 1 A HOH 971 ? E HOH . 
# 
loop_
_chem_comp_atom.comp_id 
_chem_comp_atom.atom_id 
_chem_comp_atom.type_symbol 
_chem_comp_atom.pdbx_aromatic_flag 
_chem_comp_atom.pdbx_stereo_config 
_chem_comp_atom.pdbx_ordinal 
ALA N    N  N N 1   
ALA CA   C  N S 2   
ALA C    C  N N 3   
ALA O    O  N N 4   
ALA CB   C  N N 5   
ALA OXT  O  N N 6   
ALA H    H  N N 7   
ALA H2   H  N N 8   
ALA HA   H  N N 9   
ALA HB1  H  N N 10  
ALA HB2  H  N N 11  
ALA HB3  H  N N 12  
ALA HXT  H  N N 13  
ARG N    N  N N 14  
ARG CA   C  N S 15  
ARG C    C  N N 16  
ARG O    O  N N 17  
ARG CB   C  N N 18  
ARG CG   C  N N 19  
ARG CD   C  N N 20  
ARG NE   N  N N 21  
ARG CZ   C  N N 22  
ARG NH1  N  N N 23  
ARG NH2  N  N N 24  
ARG OXT  O  N N 25  
ARG H    H  N N 26  
ARG H2   H  N N 27  
ARG HA   H  N N 28  
ARG HB2  H  N N 29  
ARG HB3  H  N N 30  
ARG HG2  H  N N 31  
ARG HG3  H  N N 32  
ARG HD2  H  N N 33  
ARG HD3  H  N N 34  
ARG HE   H  N N 35  
ARG HH11 H  N N 36  
ARG HH12 H  N N 37  
ARG HH21 H  N N 38  
ARG HH22 H  N N 39  
ARG HXT  H  N N 40  
ASN N    N  N N 41  
ASN CA   C  N S 42  
ASN C    C  N N 43  
ASN O    O  N N 44  
ASN CB   C  N N 45  
ASN CG   C  N N 46  
ASN OD1  O  N N 47  
ASN ND2  N  N N 48  
ASN OXT  O  N N 49  
ASN H    H  N N 50  
ASN H2   H  N N 51  
ASN HA   H  N N 52  
ASN HB2  H  N N 53  
ASN HB3  H  N N 54  
ASN HD21 H  N N 55  
ASN HD22 H  N N 56  
ASN HXT  H  N N 57  
ASP N    N  N N 58  
ASP CA   C  N S 59  
ASP C    C  N N 60  
ASP O    O  N N 61  
ASP CB   C  N N 62  
ASP CG   C  N N 63  
ASP OD1  O  N N 64  
ASP OD2  O  N N 65  
ASP OXT  O  N N 66  
ASP H    H  N N 67  
ASP H2   H  N N 68  
ASP HA   H  N N 69  
ASP HB2  H  N N 70  
ASP HB3  H  N N 71  
ASP HD2  H  N N 72  
ASP HXT  H  N N 73  
BGC C2   C  N R 74  
BGC C3   C  N S 75  
BGC C4   C  N S 76  
BGC C5   C  N R 77  
BGC C6   C  N N 78  
BGC C1   C  N R 79  
BGC O1   O  N N 80  
BGC O2   O  N N 81  
BGC O3   O  N N 82  
BGC O4   O  N N 83  
BGC O5   O  N N 84  
BGC O6   O  N N 85  
BGC H2   H  N N 86  
BGC H3   H  N N 87  
BGC H4   H  N N 88  
BGC H5   H  N N 89  
BGC H61  H  N N 90  
BGC H62  H  N N 91  
BGC H1   H  N N 92  
BGC HO1  H  N N 93  
BGC HO2  H  N N 94  
BGC HO3  H  N N 95  
BGC HO4  H  N N 96  
BGC HO6  H  N N 97  
CL  CL   CL N N 98  
CYS N    N  N N 99  
CYS CA   C  N R 100 
CYS C    C  N N 101 
CYS O    O  N N 102 
CYS CB   C  N N 103 
CYS SG   S  N N 104 
CYS OXT  O  N N 105 
CYS H    H  N N 106 
CYS H2   H  N N 107 
CYS HA   H  N N 108 
CYS HB2  H  N N 109 
CYS HB3  H  N N 110 
CYS HG   H  N N 111 
CYS HXT  H  N N 112 
FUC C1   C  N R 113 
FUC C2   C  N S 114 
FUC C3   C  N R 115 
FUC C4   C  N S 116 
FUC C5   C  N S 117 
FUC C6   C  N N 118 
FUC O1   O  N N 119 
FUC O2   O  N N 120 
FUC O3   O  N N 121 
FUC O4   O  N N 122 
FUC O5   O  N N 123 
FUC H1   H  N N 124 
FUC H2   H  N N 125 
FUC H3   H  N N 126 
FUC H4   H  N N 127 
FUC H5   H  N N 128 
FUC H61  H  N N 129 
FUC H62  H  N N 130 
FUC H63  H  N N 131 
FUC HO1  H  N N 132 
FUC HO2  H  N N 133 
FUC HO3  H  N N 134 
FUC HO4  H  N N 135 
GAL C1   C  N R 136 
GAL C2   C  N R 137 
GAL C3   C  N S 138 
GAL C4   C  N R 139 
GAL C5   C  N R 140 
GAL C6   C  N N 141 
GAL O1   O  N N 142 
GAL O2   O  N N 143 
GAL O3   O  N N 144 
GAL O4   O  N N 145 
GAL O5   O  N N 146 
GAL O6   O  N N 147 
GAL H1   H  N N 148 
GAL H2   H  N N 149 
GAL H3   H  N N 150 
GAL H4   H  N N 151 
GAL H5   H  N N 152 
GAL H61  H  N N 153 
GAL H62  H  N N 154 
GAL HO1  H  N N 155 
GAL HO2  H  N N 156 
GAL HO3  H  N N 157 
GAL HO4  H  N N 158 
GAL HO6  H  N N 159 
GLN N    N  N N 160 
GLN CA   C  N S 161 
GLN C    C  N N 162 
GLN O    O  N N 163 
GLN CB   C  N N 164 
GLN CG   C  N N 165 
GLN CD   C  N N 166 
GLN OE1  O  N N 167 
GLN NE2  N  N N 168 
GLN OXT  O  N N 169 
GLN H    H  N N 170 
GLN H2   H  N N 171 
GLN HA   H  N N 172 
GLN HB2  H  N N 173 
GLN HB3  H  N N 174 
GLN HG2  H  N N 175 
GLN HG3  H  N N 176 
GLN HE21 H  N N 177 
GLN HE22 H  N N 178 
GLN HXT  H  N N 179 
GLU N    N  N N 180 
GLU CA   C  N S 181 
GLU C    C  N N 182 
GLU O    O  N N 183 
GLU CB   C  N N 184 
GLU CG   C  N N 185 
GLU CD   C  N N 186 
GLU OE1  O  N N 187 
GLU OE2  O  N N 188 
GLU OXT  O  N N 189 
GLU H    H  N N 190 
GLU H2   H  N N 191 
GLU HA   H  N N 192 
GLU HB2  H  N N 193 
GLU HB3  H  N N 194 
GLU HG2  H  N N 195 
GLU HG3  H  N N 196 
GLU HE2  H  N N 197 
GLU HXT  H  N N 198 
GLY N    N  N N 199 
GLY CA   C  N N 200 
GLY C    C  N N 201 
GLY O    O  N N 202 
GLY OXT  O  N N 203 
GLY H    H  N N 204 
GLY H2   H  N N 205 
GLY HA2  H  N N 206 
GLY HA3  H  N N 207 
GLY HXT  H  N N 208 
HIS N    N  N N 209 
HIS CA   C  N S 210 
HIS C    C  N N 211 
HIS O    O  N N 212 
HIS CB   C  N N 213 
HIS CG   C  Y N 214 
HIS ND1  N  Y N 215 
HIS CD2  C  Y N 216 
HIS CE1  C  Y N 217 
HIS NE2  N  Y N 218 
HIS OXT  O  N N 219 
HIS H    H  N N 220 
HIS H2   H  N N 221 
HIS HA   H  N N 222 
HIS HB2  H  N N 223 
HIS HB3  H  N N 224 
HIS HD1  H  N N 225 
HIS HD2  H  N N 226 
HIS HE1  H  N N 227 
HIS HE2  H  N N 228 
HIS HXT  H  N N 229 
HOH O    O  N N 230 
HOH H1   H  N N 231 
HOH H2   H  N N 232 
ILE N    N  N N 233 
ILE CA   C  N S 234 
ILE C    C  N N 235 
ILE O    O  N N 236 
ILE CB   C  N S 237 
ILE CG1  C  N N 238 
ILE CG2  C  N N 239 
ILE CD1  C  N N 240 
ILE OXT  O  N N 241 
ILE H    H  N N 242 
ILE H2   H  N N 243 
ILE HA   H  N N 244 
ILE HB   H  N N 245 
ILE HG12 H  N N 246 
ILE HG13 H  N N 247 
ILE HG21 H  N N 248 
ILE HG22 H  N N 249 
ILE HG23 H  N N 250 
ILE HD11 H  N N 251 
ILE HD12 H  N N 252 
ILE HD13 H  N N 253 
ILE HXT  H  N N 254 
LEU N    N  N N 255 
LEU CA   C  N S 256 
LEU C    C  N N 257 
LEU O    O  N N 258 
LEU CB   C  N N 259 
LEU CG   C  N N 260 
LEU CD1  C  N N 261 
LEU CD2  C  N N 262 
LEU OXT  O  N N 263 
LEU H    H  N N 264 
LEU H2   H  N N 265 
LEU HA   H  N N 266 
LEU HB2  H  N N 267 
LEU HB3  H  N N 268 
LEU HG   H  N N 269 
LEU HD11 H  N N 270 
LEU HD12 H  N N 271 
LEU HD13 H  N N 272 
LEU HD21 H  N N 273 
LEU HD22 H  N N 274 
LEU HD23 H  N N 275 
LEU HXT  H  N N 276 
LYS N    N  N N 277 
LYS CA   C  N S 278 
LYS C    C  N N 279 
LYS O    O  N N 280 
LYS CB   C  N N 281 
LYS CG   C  N N 282 
LYS CD   C  N N 283 
LYS CE   C  N N 284 
LYS NZ   N  N N 285 
LYS OXT  O  N N 286 
LYS H    H  N N 287 
LYS H2   H  N N 288 
LYS HA   H  N N 289 
LYS HB2  H  N N 290 
LYS HB3  H  N N 291 
LYS HG2  H  N N 292 
LYS HG3  H  N N 293 
LYS HD2  H  N N 294 
LYS HD3  H  N N 295 
LYS HE2  H  N N 296 
LYS HE3  H  N N 297 
LYS HZ1  H  N N 298 
LYS HZ2  H  N N 299 
LYS HZ3  H  N N 300 
LYS HXT  H  N N 301 
PHE N    N  N N 302 
PHE CA   C  N S 303 
PHE C    C  N N 304 
PHE O    O  N N 305 
PHE CB   C  N N 306 
PHE CG   C  Y N 307 
PHE CD1  C  Y N 308 
PHE CD2  C  Y N 309 
PHE CE1  C  Y N 310 
PHE CE2  C  Y N 311 
PHE CZ   C  Y N 312 
PHE OXT  O  N N 313 
PHE H    H  N N 314 
PHE H2   H  N N 315 
PHE HA   H  N N 316 
PHE HB2  H  N N 317 
PHE HB3  H  N N 318 
PHE HD1  H  N N 319 
PHE HD2  H  N N 320 
PHE HE1  H  N N 321 
PHE HE2  H  N N 322 
PHE HZ   H  N N 323 
PHE HXT  H  N N 324 
PRO N    N  N N 325 
PRO CA   C  N S 326 
PRO C    C  N N 327 
PRO O    O  N N 328 
PRO CB   C  N N 329 
PRO CG   C  N N 330 
PRO CD   C  N N 331 
PRO OXT  O  N N 332 
PRO H    H  N N 333 
PRO HA   H  N N 334 
PRO HB2  H  N N 335 
PRO HB3  H  N N 336 
PRO HG2  H  N N 337 
PRO HG3  H  N N 338 
PRO HD2  H  N N 339 
PRO HD3  H  N N 340 
PRO HXT  H  N N 341 
SER N    N  N N 342 
SER CA   C  N S 343 
SER C    C  N N 344 
SER O    O  N N 345 
SER CB   C  N N 346 
SER OG   O  N N 347 
SER OXT  O  N N 348 
SER H    H  N N 349 
SER H2   H  N N 350 
SER HA   H  N N 351 
SER HB2  H  N N 352 
SER HB3  H  N N 353 
SER HG   H  N N 354 
SER HXT  H  N N 355 
THR N    N  N N 356 
THR CA   C  N S 357 
THR C    C  N N 358 
THR O    O  N N 359 
THR CB   C  N R 360 
THR OG1  O  N N 361 
THR CG2  C  N N 362 
THR OXT  O  N N 363 
THR H    H  N N 364 
THR H2   H  N N 365 
THR HA   H  N N 366 
THR HB   H  N N 367 
THR HG1  H  N N 368 
THR HG21 H  N N 369 
THR HG22 H  N N 370 
THR HG23 H  N N 371 
THR HXT  H  N N 372 
TRP N    N  N N 373 
TRP CA   C  N S 374 
TRP C    C  N N 375 
TRP O    O  N N 376 
TRP CB   C  N N 377 
TRP CG   C  Y N 378 
TRP CD1  C  Y N 379 
TRP CD2  C  Y N 380 
TRP NE1  N  Y N 381 
TRP CE2  C  Y N 382 
TRP CE3  C  Y N 383 
TRP CZ2  C  Y N 384 
TRP CZ3  C  Y N 385 
TRP CH2  C  Y N 386 
TRP OXT  O  N N 387 
TRP H    H  N N 388 
TRP H2   H  N N 389 
TRP HA   H  N N 390 
TRP HB2  H  N N 391 
TRP HB3  H  N N 392 
TRP HD1  H  N N 393 
TRP HE1  H  N N 394 
TRP HE3  H  N N 395 
TRP HZ2  H  N N 396 
TRP HZ3  H  N N 397 
TRP HH2  H  N N 398 
TRP HXT  H  N N 399 
TYR N    N  N N 400 
TYR CA   C  N S 401 
TYR C    C  N N 402 
TYR O    O  N N 403 
TYR CB   C  N N 404 
TYR CG   C  Y N 405 
TYR CD1  C  Y N 406 
TYR CD2  C  Y N 407 
TYR CE1  C  Y N 408 
TYR CE2  C  Y N 409 
TYR CZ   C  Y N 410 
TYR OH   O  N N 411 
TYR OXT  O  N N 412 
TYR H    H  N N 413 
TYR H2   H  N N 414 
TYR HA   H  N N 415 
TYR HB2  H  N N 416 
TYR HB3  H  N N 417 
TYR HD1  H  N N 418 
TYR HD2  H  N N 419 
TYR HE1  H  N N 420 
TYR HE2  H  N N 421 
TYR HH   H  N N 422 
TYR HXT  H  N N 423 
VAL N    N  N N 424 
VAL CA   C  N S 425 
VAL C    C  N N 426 
VAL O    O  N N 427 
VAL CB   C  N N 428 
VAL CG1  C  N N 429 
VAL CG2  C  N N 430 
VAL OXT  O  N N 431 
VAL H    H  N N 432 
VAL H2   H  N N 433 
VAL HA   H  N N 434 
VAL HB   H  N N 435 
VAL HG11 H  N N 436 
VAL HG12 H  N N 437 
VAL HG13 H  N N 438 
VAL HG21 H  N N 439 
VAL HG22 H  N N 440 
VAL HG23 H  N N 441 
VAL HXT  H  N N 442 
# 
loop_
_chem_comp_bond.comp_id 
_chem_comp_bond.atom_id_1 
_chem_comp_bond.atom_id_2 
_chem_comp_bond.value_order 
_chem_comp_bond.pdbx_aromatic_flag 
_chem_comp_bond.pdbx_stereo_config 
_chem_comp_bond.pdbx_ordinal 
ALA N   CA   sing N N 1   
ALA N   H    sing N N 2   
ALA N   H2   sing N N 3   
ALA CA  C    sing N N 4   
ALA CA  CB   sing N N 5   
ALA CA  HA   sing N N 6   
ALA C   O    doub N N 7   
ALA C   OXT  sing N N 8   
ALA CB  HB1  sing N N 9   
ALA CB  HB2  sing N N 10  
ALA CB  HB3  sing N N 11  
ALA OXT HXT  sing N N 12  
ARG N   CA   sing N N 13  
ARG N   H    sing N N 14  
ARG N   H2   sing N N 15  
ARG CA  C    sing N N 16  
ARG CA  CB   sing N N 17  
ARG CA  HA   sing N N 18  
ARG C   O    doub N N 19  
ARG C   OXT  sing N N 20  
ARG CB  CG   sing N N 21  
ARG CB  HB2  sing N N 22  
ARG CB  HB3  sing N N 23  
ARG CG  CD   sing N N 24  
ARG CG  HG2  sing N N 25  
ARG CG  HG3  sing N N 26  
ARG CD  NE   sing N N 27  
ARG CD  HD2  sing N N 28  
ARG CD  HD3  sing N N 29  
ARG NE  CZ   sing N N 30  
ARG NE  HE   sing N N 31  
ARG CZ  NH1  sing N N 32  
ARG CZ  NH2  doub N N 33  
ARG NH1 HH11 sing N N 34  
ARG NH1 HH12 sing N N 35  
ARG NH2 HH21 sing N N 36  
ARG NH2 HH22 sing N N 37  
ARG OXT HXT  sing N N 38  
ASN N   CA   sing N N 39  
ASN N   H    sing N N 40  
ASN N   H2   sing N N 41  
ASN CA  C    sing N N 42  
ASN CA  CB   sing N N 43  
ASN CA  HA   sing N N 44  
ASN C   O    doub N N 45  
ASN C   OXT  sing N N 46  
ASN CB  CG   sing N N 47  
ASN CB  HB2  sing N N 48  
ASN CB  HB3  sing N N 49  
ASN CG  OD1  doub N N 50  
ASN CG  ND2  sing N N 51  
ASN ND2 HD21 sing N N 52  
ASN ND2 HD22 sing N N 53  
ASN OXT HXT  sing N N 54  
ASP N   CA   sing N N 55  
ASP N   H    sing N N 56  
ASP N   H2   sing N N 57  
ASP CA  C    sing N N 58  
ASP CA  CB   sing N N 59  
ASP CA  HA   sing N N 60  
ASP C   O    doub N N 61  
ASP C   OXT  sing N N 62  
ASP CB  CG   sing N N 63  
ASP CB  HB2  sing N N 64  
ASP CB  HB3  sing N N 65  
ASP CG  OD1  doub N N 66  
ASP CG  OD2  sing N N 67  
ASP OD2 HD2  sing N N 68  
ASP OXT HXT  sing N N 69  
BGC C2  C3   sing N N 70  
BGC C2  C1   sing N N 71  
BGC C2  O2   sing N N 72  
BGC C2  H2   sing N N 73  
BGC C3  C4   sing N N 74  
BGC C3  O3   sing N N 75  
BGC C3  H3   sing N N 76  
BGC C4  C5   sing N N 77  
BGC C4  O4   sing N N 78  
BGC C4  H4   sing N N 79  
BGC C5  C6   sing N N 80  
BGC C5  O5   sing N N 81  
BGC C5  H5   sing N N 82  
BGC C6  O6   sing N N 83  
BGC C6  H61  sing N N 84  
BGC C6  H62  sing N N 85  
BGC C1  O1   sing N N 86  
BGC C1  O5   sing N N 87  
BGC C1  H1   sing N N 88  
BGC O1  HO1  sing N N 89  
BGC O2  HO2  sing N N 90  
BGC O3  HO3  sing N N 91  
BGC O4  HO4  sing N N 92  
BGC O6  HO6  sing N N 93  
CYS N   CA   sing N N 94  
CYS N   H    sing N N 95  
CYS N   H2   sing N N 96  
CYS CA  C    sing N N 97  
CYS CA  CB   sing N N 98  
CYS CA  HA   sing N N 99  
CYS C   O    doub N N 100 
CYS C   OXT  sing N N 101 
CYS CB  SG   sing N N 102 
CYS CB  HB2  sing N N 103 
CYS CB  HB3  sing N N 104 
CYS SG  HG   sing N N 105 
CYS OXT HXT  sing N N 106 
FUC C1  C2   sing N N 107 
FUC C1  O1   sing N N 108 
FUC C1  O5   sing N N 109 
FUC C1  H1   sing N N 110 
FUC C2  C3   sing N N 111 
FUC C2  O2   sing N N 112 
FUC C2  H2   sing N N 113 
FUC C3  C4   sing N N 114 
FUC C3  O3   sing N N 115 
FUC C3  H3   sing N N 116 
FUC C4  C5   sing N N 117 
FUC C4  O4   sing N N 118 
FUC C4  H4   sing N N 119 
FUC C5  C6   sing N N 120 
FUC C5  O5   sing N N 121 
FUC C5  H5   sing N N 122 
FUC C6  H61  sing N N 123 
FUC C6  H62  sing N N 124 
FUC C6  H63  sing N N 125 
FUC O1  HO1  sing N N 126 
FUC O2  HO2  sing N N 127 
FUC O3  HO3  sing N N 128 
FUC O4  HO4  sing N N 129 
GAL C1  C2   sing N N 130 
GAL C1  O1   sing N N 131 
GAL C1  O5   sing N N 132 
GAL C1  H1   sing N N 133 
GAL C2  C3   sing N N 134 
GAL C2  O2   sing N N 135 
GAL C2  H2   sing N N 136 
GAL C3  C4   sing N N 137 
GAL C3  O3   sing N N 138 
GAL C3  H3   sing N N 139 
GAL C4  C5   sing N N 140 
GAL C4  O4   sing N N 141 
GAL C4  H4   sing N N 142 
GAL C5  C6   sing N N 143 
GAL C5  O5   sing N N 144 
GAL C5  H5   sing N N 145 
GAL C6  O6   sing N N 146 
GAL C6  H61  sing N N 147 
GAL C6  H62  sing N N 148 
GAL O1  HO1  sing N N 149 
GAL O2  HO2  sing N N 150 
GAL O3  HO3  sing N N 151 
GAL O4  HO4  sing N N 152 
GAL O6  HO6  sing N N 153 
GLN N   CA   sing N N 154 
GLN N   H    sing N N 155 
GLN N   H2   sing N N 156 
GLN CA  C    sing N N 157 
GLN CA  CB   sing N N 158 
GLN CA  HA   sing N N 159 
GLN C   O    doub N N 160 
GLN C   OXT  sing N N 161 
GLN CB  CG   sing N N 162 
GLN CB  HB2  sing N N 163 
GLN CB  HB3  sing N N 164 
GLN CG  CD   sing N N 165 
GLN CG  HG2  sing N N 166 
GLN CG  HG3  sing N N 167 
GLN CD  OE1  doub N N 168 
GLN CD  NE2  sing N N 169 
GLN NE2 HE21 sing N N 170 
GLN NE2 HE22 sing N N 171 
GLN OXT HXT  sing N N 172 
GLU N   CA   sing N N 173 
GLU N   H    sing N N 174 
GLU N   H2   sing N N 175 
GLU CA  C    sing N N 176 
GLU CA  CB   sing N N 177 
GLU CA  HA   sing N N 178 
GLU C   O    doub N N 179 
GLU C   OXT  sing N N 180 
GLU CB  CG   sing N N 181 
GLU CB  HB2  sing N N 182 
GLU CB  HB3  sing N N 183 
GLU CG  CD   sing N N 184 
GLU CG  HG2  sing N N 185 
GLU CG  HG3  sing N N 186 
GLU CD  OE1  doub N N 187 
GLU CD  OE2  sing N N 188 
GLU OE2 HE2  sing N N 189 
GLU OXT HXT  sing N N 190 
GLY N   CA   sing N N 191 
GLY N   H    sing N N 192 
GLY N   H2   sing N N 193 
GLY CA  C    sing N N 194 
GLY CA  HA2  sing N N 195 
GLY CA  HA3  sing N N 196 
GLY C   O    doub N N 197 
GLY C   OXT  sing N N 198 
GLY OXT HXT  sing N N 199 
HIS N   CA   sing N N 200 
HIS N   H    sing N N 201 
HIS N   H2   sing N N 202 
HIS CA  C    sing N N 203 
HIS CA  CB   sing N N 204 
HIS CA  HA   sing N N 205 
HIS C   O    doub N N 206 
HIS C   OXT  sing N N 207 
HIS CB  CG   sing N N 208 
HIS CB  HB2  sing N N 209 
HIS CB  HB3  sing N N 210 
HIS CG  ND1  sing Y N 211 
HIS CG  CD2  doub Y N 212 
HIS ND1 CE1  doub Y N 213 
HIS ND1 HD1  sing N N 214 
HIS CD2 NE2  sing Y N 215 
HIS CD2 HD2  sing N N 216 
HIS CE1 NE2  sing Y N 217 
HIS CE1 HE1  sing N N 218 
HIS NE2 HE2  sing N N 219 
HIS OXT HXT  sing N N 220 
HOH O   H1   sing N N 221 
HOH O   H2   sing N N 222 
ILE N   CA   sing N N 223 
ILE N   H    sing N N 224 
ILE N   H2   sing N N 225 
ILE CA  C    sing N N 226 
ILE CA  CB   sing N N 227 
ILE CA  HA   sing N N 228 
ILE C   O    doub N N 229 
ILE C   OXT  sing N N 230 
ILE CB  CG1  sing N N 231 
ILE CB  CG2  sing N N 232 
ILE CB  HB   sing N N 233 
ILE CG1 CD1  sing N N 234 
ILE CG1 HG12 sing N N 235 
ILE CG1 HG13 sing N N 236 
ILE CG2 HG21 sing N N 237 
ILE CG2 HG22 sing N N 238 
ILE CG2 HG23 sing N N 239 
ILE CD1 HD11 sing N N 240 
ILE CD1 HD12 sing N N 241 
ILE CD1 HD13 sing N N 242 
ILE OXT HXT  sing N N 243 
LEU N   CA   sing N N 244 
LEU N   H    sing N N 245 
LEU N   H2   sing N N 246 
LEU CA  C    sing N N 247 
LEU CA  CB   sing N N 248 
LEU CA  HA   sing N N 249 
LEU C   O    doub N N 250 
LEU C   OXT  sing N N 251 
LEU CB  CG   sing N N 252 
LEU CB  HB2  sing N N 253 
LEU CB  HB3  sing N N 254 
LEU CG  CD1  sing N N 255 
LEU CG  CD2  sing N N 256 
LEU CG  HG   sing N N 257 
LEU CD1 HD11 sing N N 258 
LEU CD1 HD12 sing N N 259 
LEU CD1 HD13 sing N N 260 
LEU CD2 HD21 sing N N 261 
LEU CD2 HD22 sing N N 262 
LEU CD2 HD23 sing N N 263 
LEU OXT HXT  sing N N 264 
LYS N   CA   sing N N 265 
LYS N   H    sing N N 266 
LYS N   H2   sing N N 267 
LYS CA  C    sing N N 268 
LYS CA  CB   sing N N 269 
LYS CA  HA   sing N N 270 
LYS C   O    doub N N 271 
LYS C   OXT  sing N N 272 
LYS CB  CG   sing N N 273 
LYS CB  HB2  sing N N 274 
LYS CB  HB3  sing N N 275 
LYS CG  CD   sing N N 276 
LYS CG  HG2  sing N N 277 
LYS CG  HG3  sing N N 278 
LYS CD  CE   sing N N 279 
LYS CD  HD2  sing N N 280 
LYS CD  HD3  sing N N 281 
LYS CE  NZ   sing N N 282 
LYS CE  HE2  sing N N 283 
LYS CE  HE3  sing N N 284 
LYS NZ  HZ1  sing N N 285 
LYS NZ  HZ2  sing N N 286 
LYS NZ  HZ3  sing N N 287 
LYS OXT HXT  sing N N 288 
PHE N   CA   sing N N 289 
PHE N   H    sing N N 290 
PHE N   H2   sing N N 291 
PHE CA  C    sing N N 292 
PHE CA  CB   sing N N 293 
PHE CA  HA   sing N N 294 
PHE C   O    doub N N 295 
PHE C   OXT  sing N N 296 
PHE CB  CG   sing N N 297 
PHE CB  HB2  sing N N 298 
PHE CB  HB3  sing N N 299 
PHE CG  CD1  doub Y N 300 
PHE CG  CD2  sing Y N 301 
PHE CD1 CE1  sing Y N 302 
PHE CD1 HD1  sing N N 303 
PHE CD2 CE2  doub Y N 304 
PHE CD2 HD2  sing N N 305 
PHE CE1 CZ   doub Y N 306 
PHE CE1 HE1  sing N N 307 
PHE CE2 CZ   sing Y N 308 
PHE CE2 HE2  sing N N 309 
PHE CZ  HZ   sing N N 310 
PHE OXT HXT  sing N N 311 
PRO N   CA   sing N N 312 
PRO N   CD   sing N N 313 
PRO N   H    sing N N 314 
PRO CA  C    sing N N 315 
PRO CA  CB   sing N N 316 
PRO CA  HA   sing N N 317 
PRO C   O    doub N N 318 
PRO C   OXT  sing N N 319 
PRO CB  CG   sing N N 320 
PRO CB  HB2  sing N N 321 
PRO CB  HB3  sing N N 322 
PRO CG  CD   sing N N 323 
PRO CG  HG2  sing N N 324 
PRO CG  HG3  sing N N 325 
PRO CD  HD2  sing N N 326 
PRO CD  HD3  sing N N 327 
PRO OXT HXT  sing N N 328 
SER N   CA   sing N N 329 
SER N   H    sing N N 330 
SER N   H2   sing N N 331 
SER CA  C    sing N N 332 
SER CA  CB   sing N N 333 
SER CA  HA   sing N N 334 
SER C   O    doub N N 335 
SER C   OXT  sing N N 336 
SER CB  OG   sing N N 337 
SER CB  HB2  sing N N 338 
SER CB  HB3  sing N N 339 
SER OG  HG   sing N N 340 
SER OXT HXT  sing N N 341 
THR N   CA   sing N N 342 
THR N   H    sing N N 343 
THR N   H2   sing N N 344 
THR CA  C    sing N N 345 
THR CA  CB   sing N N 346 
THR CA  HA   sing N N 347 
THR C   O    doub N N 348 
THR C   OXT  sing N N 349 
THR CB  OG1  sing N N 350 
THR CB  CG2  sing N N 351 
THR CB  HB   sing N N 352 
THR OG1 HG1  sing N N 353 
THR CG2 HG21 sing N N 354 
THR CG2 HG22 sing N N 355 
THR CG2 HG23 sing N N 356 
THR OXT HXT  sing N N 357 
TRP N   CA   sing N N 358 
TRP N   H    sing N N 359 
TRP N   H2   sing N N 360 
TRP CA  C    sing N N 361 
TRP CA  CB   sing N N 362 
TRP CA  HA   sing N N 363 
TRP C   O    doub N N 364 
TRP C   OXT  sing N N 365 
TRP CB  CG   sing N N 366 
TRP CB  HB2  sing N N 367 
TRP CB  HB3  sing N N 368 
TRP CG  CD1  doub Y N 369 
TRP CG  CD2  sing Y N 370 
TRP CD1 NE1  sing Y N 371 
TRP CD1 HD1  sing N N 372 
TRP CD2 CE2  doub Y N 373 
TRP CD2 CE3  sing Y N 374 
TRP NE1 CE2  sing Y N 375 
TRP NE1 HE1  sing N N 376 
TRP CE2 CZ2  sing Y N 377 
TRP CE3 CZ3  doub Y N 378 
TRP CE3 HE3  sing N N 379 
TRP CZ2 CH2  doub Y N 380 
TRP CZ2 HZ2  sing N N 381 
TRP CZ3 CH2  sing Y N 382 
TRP CZ3 HZ3  sing N N 383 
TRP CH2 HH2  sing N N 384 
TRP OXT HXT  sing N N 385 
TYR N   CA   sing N N 386 
TYR N   H    sing N N 387 
TYR N   H2   sing N N 388 
TYR CA  C    sing N N 389 
TYR CA  CB   sing N N 390 
TYR CA  HA   sing N N 391 
TYR C   O    doub N N 392 
TYR C   OXT  sing N N 393 
TYR CB  CG   sing N N 394 
TYR CB  HB2  sing N N 395 
TYR CB  HB3  sing N N 396 
TYR CG  CD1  doub Y N 397 
TYR CG  CD2  sing Y N 398 
TYR CD1 CE1  sing Y N 399 
TYR CD1 HD1  sing N N 400 
TYR CD2 CE2  doub Y N 401 
TYR CD2 HD2  sing N N 402 
TYR CE1 CZ   doub Y N 403 
TYR CE1 HE1  sing N N 404 
TYR CE2 CZ   sing Y N 405 
TYR CE2 HE2  sing N N 406 
TYR CZ  OH   sing N N 407 
TYR OH  HH   sing N N 408 
TYR OXT HXT  sing N N 409 
VAL N   CA   sing N N 410 
VAL N   H    sing N N 411 
VAL N   H2   sing N N 412 
VAL CA  C    sing N N 413 
VAL CA  CB   sing N N 414 
VAL CA  HA   sing N N 415 
VAL C   O    doub N N 416 
VAL C   OXT  sing N N 417 
VAL CB  CG1  sing N N 418 
VAL CB  CG2  sing N N 419 
VAL CB  HB   sing N N 420 
VAL CG1 HG11 sing N N 421 
VAL CG1 HG12 sing N N 422 
VAL CG1 HG13 sing N N 423 
VAL CG2 HG21 sing N N 424 
VAL CG2 HG22 sing N N 425 
VAL CG2 HG23 sing N N 426 
VAL OXT HXT  sing N N 427 
# 
loop_
_pdbx_entity_branch_list.entity_id 
_pdbx_entity_branch_list.comp_id 
_pdbx_entity_branch_list.num 
_pdbx_entity_branch_list.hetero 
2 BGC 1 n 
2 GAL 2 n 
2 FUC 3 n 
# 
_pdbx_initial_refinement_model.accession_code   ? 
_pdbx_initial_refinement_model.id               1 
_pdbx_initial_refinement_model.entity_id_list   ? 
_pdbx_initial_refinement_model.type             other 
_pdbx_initial_refinement_model.source_name      ? 
_pdbx_initial_refinement_model.details          'COMPLEX WITH SELENIO SUGAR (WATER, LIGAND REMOVED' 
# 
_atom_sites.entry_id                    2BS5 
_atom_sites.fract_transf_matrix[1][1]   0.01016285 
_atom_sites.fract_transf_matrix[1][2]   0.00514293 
_atom_sites.fract_transf_matrix[1][3]   0.00980736 
_atom_sites.fract_transf_matrix[2][1]   0.01155335 
_atom_sites.fract_transf_matrix[2][2]   -0.00869370 
_atom_sites.fract_transf_matrix[2][3]   0.00410371 
_atom_sites.fract_transf_matrix[3][1]   0.00535519 
_atom_sites.fract_transf_matrix[3][2]   0.00360491 
_atom_sites.fract_transf_matrix[3][3]   -0.00743970 
_atom_sites.fract_transf_vector[1]      0.160869 
_atom_sites.fract_transf_vector[2]      0.062694 
_atom_sites.fract_transf_vector[3]      0.304791 
# 
loop_
_atom_type.symbol 
C  
CL 
N  
O  
S  
# 
loop_
_atom_site.group_PDB 
_atom_site.id 
_atom_site.type_symbol 
_atom_site.label_atom_id 
_atom_site.label_alt_id 
_atom_site.label_comp_id 
_atom_site.label_asym_id 
_atom_site.label_entity_id 
_atom_site.label_seq_id 
_atom_site.pdbx_PDB_ins_code 
_atom_site.Cartn_x 
_atom_site.Cartn_y 
_atom_site.Cartn_z 
_atom_site.occupancy 
_atom_site.B_iso_or_equiv 
_atom_site.pdbx_formal_charge 
_atom_site.auth_seq_id 
_atom_site.auth_comp_id 
_atom_site.auth_asym_id 
_atom_site.auth_atom_id 
_atom_site.pdbx_PDB_model_num 
ATOM   1   N  N   . SER A 1 1  ? -11.923 -17.158 8.949   1.00 39.95 ? 1   SER A N   1 
ATOM   2   C  CA  . SER A 1 1  ? -11.549 -15.888 8.281   1.00 39.42 ? 1   SER A CA  1 
ATOM   3   C  C   . SER A 1 1  ? -10.043 -15.884 7.955   1.00 38.90 ? 1   SER A C   1 
ATOM   4   O  O   . SER A 1 1  ? -9.207  -16.511 8.644   1.00 39.80 ? 1   SER A O   1 
ATOM   5   C  CB  . SER A 1 1  ? -11.943 -14.687 9.139   1.00 40.21 ? 1   SER A CB  1 
ATOM   6   O  OG  . SER A 1 1  ? -11.335 -14.771 10.419  1.00 42.43 ? 1   SER A OG  1 
ATOM   7   N  N   . SER A 1 2  ? -9.724  -15.193 6.872   1.00 36.96 ? 2   SER A N   1 
ATOM   8   C  CA  . SER A 1 2  ? -8.409  -15.229 6.276   1.00 35.01 ? 2   SER A CA  1 
ATOM   9   C  C   . SER A 1 2  ? -7.884  -13.787 6.377   1.00 33.44 ? 2   SER A C   1 
ATOM   10  O  O   . SER A 1 2  ? -8.658  -12.875 6.674   1.00 32.81 ? 2   SER A O   1 
ATOM   11  C  CB  . SER A 1 2  ? -8.545  -15.814 4.835   1.00 35.22 ? 2   SER A CB  1 
ATOM   12  O  OG  . SER A 1 2  ? -7.854  -15.103 3.799   1.00 34.98 ? 2   SER A OG  1 
ATOM   13  N  N   . VAL A 1 3  ? -6.569  -13.602 6.235   1.00 31.40 ? 3   VAL A N   1 
ATOM   14  C  CA  . VAL A 1 3  ? -6.001  -12.285 6.008   1.00 29.82 ? 3   VAL A CA  1 
ATOM   15  C  C   . VAL A 1 3  ? -6.402  -11.818 4.585   1.00 28.47 ? 3   VAL A C   1 
ATOM   16  O  O   . VAL A 1 3  ? -6.830  -12.619 3.750   1.00 27.65 ? 3   VAL A O   1 
ATOM   17  C  CB  . VAL A 1 3  ? -4.446  -12.241 6.171   1.00 30.29 ? 3   VAL A CB  1 
ATOM   18  C  CG1 . VAL A 1 3  ? -4.031  -12.548 7.620   1.00 29.89 ? 3   VAL A CG1 1 
ATOM   19  C  CG2 . VAL A 1 3  ? -3.715  -13.175 5.146   1.00 30.12 ? 3   VAL A CG2 1 
ATOM   20  N  N   . GLN A 1 4  ? -6.253  -10.517 4.336   1.00 26.07 ? 4   GLN A N   1 
ATOM   21  C  CA  . GLN A 1 4  ? -6.699  -9.901  3.103   1.00 24.43 ? 4   GLN A CA  1 
ATOM   22  C  C   . GLN A 1 4  ? -5.553  -9.089  2.481   1.00 23.03 ? 4   GLN A C   1 
ATOM   23  O  O   . GLN A 1 4  ? -4.907  -8.270  3.157   1.00 22.00 ? 4   GLN A O   1 
ATOM   24  C  CB  . GLN A 1 4  ? -7.932  -9.046  3.396   1.00 24.48 ? 4   GLN A CB  1 
ATOM   25  C  CG  . GLN A 1 4  ? -8.546  -8.357  2.190   1.00 25.05 ? 4   GLN A CG  1 
ATOM   26  C  CD  . GLN A 1 4  ? -7.999  -6.970  1.939   1.00 23.17 ? 4   GLN A CD  1 
ATOM   27  O  OE1 . GLN A 1 4  ? -7.838  -6.164  2.854   1.00 25.80 ? 4   GLN A OE1 1 
ATOM   28  N  NE2 . GLN A 1 4  ? -7.729  -6.677  0.693   1.00 22.47 ? 4   GLN A NE2 1 
ATOM   29  N  N   . THR A 1 5  ? -5.304  -9.318  1.180   1.00 21.48 ? 5   THR A N   1 
ATOM   30  C  CA  . THR A 1 5  ? -4.194  -8.676  0.492   1.00 19.68 ? 5   THR A CA  1 
ATOM   31  C  C   . THR A 1 5  ? -4.568  -7.808  -0.711  1.00 19.64 ? 5   THR A C   1 
ATOM   32  O  O   . THR A 1 5  ? -5.694  -7.867  -1.243  1.00 19.40 ? 5   THR A O   1 
ATOM   33  C  CB  . THR A 1 5  ? -3.090  -9.715  0.058   1.00 19.52 ? 5   THR A CB  1 
ATOM   34  O  OG1 . THR A 1 5  ? -3.589  -10.619 -0.947  1.00 16.11 ? 5   THR A OG1 1 
ATOM   35  C  CG2 . THR A 1 5  ? -2.566  -10.482 1.268   1.00 15.85 ? 5   THR A CG2 1 
ATOM   36  N  N   . ALA A 1 6  ? -3.603  -6.960  -1.077  1.00 17.72 ? 6   ALA A N   1 
ATOM   37  C  CA  . ALA A 1 6  ? -3.702  -6.082  -2.201  1.00 18.12 ? 6   ALA A CA  1 
ATOM   38  C  C   . ALA A 1 6  ? -2.275  -5.967  -2.790  1.00 17.18 ? 6   ALA A C   1 
ATOM   39  O  O   . ALA A 1 6  ? -1.287  -5.905  -2.058  1.00 18.02 ? 6   ALA A O   1 
ATOM   40  C  CB  . ALA A 1 6  ? -4.322  -4.692  -1.771  1.00 16.87 ? 6   ALA A CB  1 
ATOM   41  N  N   . ALA A 1 7  ? -2.177  -5.958  -4.112  1.00 17.37 ? 7   ALA A N   1 
ATOM   42  C  CA  . ALA A 1 7  ? -0.900  -5.979  -4.764  1.00 16.95 ? 7   ALA A CA  1 
ATOM   43  C  C   . ALA A 1 7  ? -0.790  -5.000  -5.923  1.00 17.13 ? 7   ALA A C   1 
ATOM   44  O  O   . ALA A 1 7  ? -1.780  -4.654  -6.579  1.00 18.72 ? 7   ALA A O   1 
ATOM   45  C  CB  . ALA A 1 7  ? -0.588  -7.391  -5.230  1.00 16.74 ? 7   ALA A CB  1 
ATOM   46  N  N   . THR A 1 8  ? 0.440   -4.584  -6.185  1.00 16.58 ? 8   THR A N   1 
ATOM   47  C  CA  . THR A 1 8  ? 0.738   -3.629  -7.228  1.00 16.12 ? 8   THR A CA  1 
ATOM   48  C  C   . THR A 1 8  ? 2.158   -3.973  -7.633  1.00 15.30 ? 8   THR A C   1 
ATOM   49  O  O   . THR A 1 8  ? 2.849   -4.635  -6.831  1.00 12.73 ? 8   THR A O   1 
ATOM   50  C  CB  . THR A 1 8  ? 0.498   -2.179  -6.710  1.00 17.02 ? 8   THR A CB  1 
ATOM   51  O  OG1 . THR A 1 8  ? 0.607   -1.202  -7.774  1.00 18.89 ? 8   THR A OG1 1 
ATOM   52  C  CG2 . THR A 1 8  ? 1.459   -1.827  -5.555  1.00 18.11 ? 8   THR A CG2 1 
ATOM   53  N  N   . SER A 1 9  ? 2.583   -3.518  -8.854  1.00 14.50 ? 9   SER A N   1 
ATOM   54  C  CA  . SER A 1 9  ? 3.910   -3.788  -9.398  1.00 13.58 ? 9   SER A CA  1 
ATOM   55  C  C   . SER A 1 9  ? 4.325   -2.733  -10.468 1.00 14.55 ? 9   SER A C   1 
ATOM   56  O  O   . SER A 1 9  ? 3.492   -2.098  -11.120 1.00 13.93 ? 9   SER A O   1 
ATOM   57  C  CB  . SER A 1 9  ? 4.004   -5.191  -10.022 1.00 12.51 ? 9   SER A CB  1 
ATOM   58  O  OG  . SER A 1 9  ? 3.102   -5.372  -11.125 1.00 8.83  ? 9   SER A OG  1 
ATOM   59  N  N   . TRP A 1 10 ? 5.609   -2.570  -10.663 1.00 14.83 ? 10  TRP A N   1 
ATOM   60  C  CA  . TRP A 1 10 ? 6.055   -1.606  -11.649 1.00 16.66 ? 10  TRP A CA  1 
ATOM   61  C  C   . TRP A 1 10 ? 7.370   -1.978  -12.232 1.00 18.63 ? 10  TRP A C   1 
ATOM   62  O  O   . TRP A 1 10 ? 8.157   -2.720  -11.604 1.00 19.37 ? 10  TRP A O   1 
ATOM   63  C  CB  . TRP A 1 10 ? 6.116   -0.222  -11.001 1.00 15.89 ? 10  TRP A CB  1 
ATOM   64  C  CG  . TRP A 1 10 ? 7.056   -0.069  -9.846  1.00 13.68 ? 10  TRP A CG  1 
ATOM   65  C  CD1 . TRP A 1 10 ? 8.368   0.350   -9.913  1.00 14.55 ? 10  TRP A CD1 1 
ATOM   66  C  CD2 . TRP A 1 10 ? 6.763   -0.237  -8.449  1.00 12.09 ? 10  TRP A CD2 1 
ATOM   67  N  NE1 . TRP A 1 10 ? 8.906   0.433   -8.657  1.00 15.40 ? 10  TRP A NE1 1 
ATOM   68  C  CE2 . TRP A 1 10 ? 7.945   0.079   -7.734  1.00 15.02 ? 10  TRP A CE2 1 
ATOM   69  C  CE3 . TRP A 1 10 ? 5.622   -0.634  -7.727  1.00 14.69 ? 10  TRP A CE3 1 
ATOM   70  C  CZ2 . TRP A 1 10 ? 8.028   -0.029  -6.355  1.00 12.08 ? 10  TRP A CZ2 1 
ATOM   71  C  CZ3 . TRP A 1 10 ? 5.704   -0.704  -6.353  1.00 13.57 ? 10  TRP A CZ3 1 
ATOM   72  C  CH2 . TRP A 1 10 ? 6.899   -0.421  -5.684  1.00 14.33 ? 10  TRP A CH2 1 
ATOM   73  N  N   . GLY A 1 11 ? 7.623   -1.471  -13.448 1.00 21.62 ? 11  GLY A N   1 
ATOM   74  C  CA  . GLY A 1 11 ? 8.928   -1.592  -14.055 1.00 22.66 ? 11  GLY A CA  1 
ATOM   75  C  C   . GLY A 1 11 ? 9.268   -2.953  -14.591 1.00 24.77 ? 11  GLY A C   1 
ATOM   76  O  O   . GLY A 1 11 ? 8.453   -3.886  -14.633 1.00 26.53 ? 11  GLY A O   1 
ATOM   77  N  N   . THR A 1 12 ? 10.531  -3.058  -14.979 1.00 27.68 ? 12  THR A N   1 
ATOM   78  C  CA  . THR A 1 12 ? 11.033  -4.154  -15.822 1.00 28.28 ? 12  THR A CA  1 
ATOM   79  C  C   . THR A 1 12 ? 11.512  -5.314  -14.913 1.00 29.06 ? 12  THR A C   1 
ATOM   80  O  O   . THR A 1 12 ? 11.405  -6.482  -15.263 1.00 30.06 ? 12  THR A O   1 
ATOM   81  C  CB  . THR A 1 12 ? 12.167  -3.585  -16.744 1.00 28.77 ? 12  THR A CB  1 
ATOM   82  O  OG1 . THR A 1 12 ? 13.251  -3.078  -15.952 1.00 29.59 ? 12  THR A OG1 1 
ATOM   83  C  CG2 . THR A 1 12 ? 11.637  -2.393  -17.568 1.00 30.31 ? 12  THR A CG2 1 
ATOM   84  N  N   . VAL A 1 13 ? 11.973  -4.977  -13.720 1.00 29.42 ? 13  VAL A N   1 
ATOM   85  C  CA  . VAL A 1 13 ? 12.458  -5.976  -12.742 1.00 29.10 ? 13  VAL A CA  1 
ATOM   86  C  C   . VAL A 1 13 ? 11.532  -7.217  -12.463 1.00 28.03 ? 13  VAL A C   1 
ATOM   87  O  O   . VAL A 1 13 ? 11.975  -8.351  -12.612 1.00 29.41 ? 13  VAL A O   1 
ATOM   88  C  CB  . VAL A 1 13 ? 12.917  -5.287  -11.414 1.00 28.68 ? 13  VAL A CB  1 
ATOM   89  C  CG1 . VAL A 1 13 ? 13.457  -6.306  -10.443 1.00 29.04 ? 13  VAL A CG1 1 
ATOM   90  C  CG2 . VAL A 1 13 ? 14.022  -4.258  -11.683 1.00 30.15 ? 13  VAL A CG2 1 
ATOM   91  N  N   . PRO A 1 14 ? 10.281  -7.029  -12.003 1.00 26.79 ? 14  PRO A N   1 
ATOM   92  C  CA  . PRO A 1 14 ? 9.612   -5.815  -11.589 1.00 25.07 ? 14  PRO A CA  1 
ATOM   93  C  C   . PRO A 1 14 ? 9.833   -5.636  -10.108 1.00 23.58 ? 14  PRO A C   1 
ATOM   94  O  O   . PRO A 1 14 ? 10.388  -6.526  -9.464  1.00 23.10 ? 14  PRO A O   1 
ATOM   95  C  CB  . PRO A 1 14 ? 8.135   -6.144  -11.857 1.00 24.72 ? 14  PRO A CB  1 
ATOM   96  C  CG  . PRO A 1 14 ? 8.038   -7.566  -11.433 1.00 25.94 ? 14  PRO A CG  1 
ATOM   97  C  CD  . PRO A 1 14 ? 9.389   -8.192  -11.805 1.00 26.44 ? 14  PRO A CD  1 
ATOM   98  N  N   . SER A 1 15 ? 9.427   -4.479  -9.588  1.00 22.75 ? 15  SER A N   1 
ATOM   99  C  CA  . SER A 1 15 ? 9.193   -4.311  -8.161  1.00 21.54 ? 15  SER A CA  1 
ATOM   100 C  C   . SER A 1 15 ? 7.744   -4.657  -7.886  1.00 20.60 ? 15  SER A C   1 
ATOM   101 O  O   . SER A 1 15 ? 6.872   -4.351  -8.703  1.00 19.79 ? 15  SER A O   1 
ATOM   102 C  CB  . SER A 1 15 ? 9.507   -2.885  -7.716  1.00 21.61 ? 15  SER A CB  1 
ATOM   103 O  OG  . SER A 1 15 ? 10.893  -2.608  -7.858  1.00 22.46 ? 15  SER A OG  1 
ATOM   104 N  N   . ILE A 1 16 ? 7.494   -5.320  -6.753  1.00 19.52 ? 16  ILE A N   1 
ATOM   105 C  CA  . ILE A 1 16 ? 6.141   -5.687  -6.342  1.00 19.58 ? 16  ILE A CA  1 
ATOM   106 C  C   . ILE A 1 16 ? 5.961   -5.251  -4.897  1.00 18.12 ? 16  ILE A C   1 
ATOM   107 O  O   . ILE A 1 16 ? 6.903   -5.345  -4.096  1.00 17.56 ? 16  ILE A O   1 
ATOM   108 C  CB  . ILE A 1 16 ? 5.903   -7.255  -6.405  1.00 20.02 ? 16  ILE A CB  1 
ATOM   109 C  CG1 . ILE A 1 16 ? 6.120   -7.813  -7.812  1.00 20.87 ? 16  ILE A CG1 1 
ATOM   110 C  CG2 . ILE A 1 16 ? 4.484   -7.674  -5.835  1.00 18.83 ? 16  ILE A CG2 1 
ATOM   111 C  CD1 . ILE A 1 16 ? 5.973   -9.333  -7.860  1.00 20.46 ? 16  ILE A CD1 1 
ATOM   112 N  N   . ARG A 1 17 ? 4.746   -4.805  -4.556  1.00 18.23 ? 17  ARG A N   1 
ATOM   113 C  CA  . ARG A 1 17 ? 4.322   -4.615  -3.152  1.00 16.95 ? 17  ARG A CA  1 
ATOM   114 C  C   . ARG A 1 17 ? 3.055   -5.362  -2.821  1.00 17.39 ? 17  ARG A C   1 
ATOM   115 O  O   . ARG A 1 17 ? 2.079   -5.360  -3.608  1.00 19.22 ? 17  ARG A O   1 
ATOM   116 C  CB  . ARG A 1 17 ? 4.153   -3.128  -2.785  1.00 16.67 ? 17  ARG A CB  1 
ATOM   117 C  CG  . ARG A 1 17 ? 5.368   -2.239  -3.007  1.00 16.31 ? 17  ARG A CG  1 
ATOM   118 C  CD  . ARG A 1 17 ? 6.531   -2.627  -2.109  1.00 16.40 ? 17  ARG A CD  1 
ATOM   119 N  NE  . ARG A 1 17 ? 7.700   -1.760  -2.219  1.00 15.98 ? 17  ARG A NE  1 
ATOM   120 C  CZ  . ARG A 1 17 ? 8.740   -1.955  -3.045  1.00 15.57 ? 17  ARG A CZ  1 
ATOM   121 N  NH1 . ARG A 1 17 ? 8.808   -3.029  -3.820  1.00 15.65 ? 17  ARG A NH1 1 
ATOM   122 N  NH2 . ARG A 1 17 ? 9.750   -1.101  -3.035  1.00 14.28 ? 17  ARG A NH2 1 
ATOM   123 N  N   . VAL A 1 18 ? 3.035   -5.970  -1.634  1.00 16.55 ? 18  VAL A N   1 
ATOM   124 C  CA  . VAL A 1 18 ? 1.928   -6.805  -1.193  1.00 16.46 ? 18  VAL A CA  1 
ATOM   125 C  C   . VAL A 1 18 ? 1.568   -6.376  0.240   1.00 16.00 ? 18  VAL A C   1 
ATOM   126 O  O   . VAL A 1 18 ? 2.416   -6.434  1.142   1.00 16.00 ? 18  VAL A O   1 
ATOM   127 C  CB  . VAL A 1 18 ? 2.241   -8.319  -1.313  1.00 16.49 ? 18  VAL A CB  1 
ATOM   128 C  CG1 . VAL A 1 18 ? 0.998   -9.091  -1.074  1.00 16.76 ? 18  VAL A CG1 1 
ATOM   129 C  CG2 . VAL A 1 18 ? 2.770   -8.689  -2.711  1.00 16.28 ? 18  VAL A CG2 1 
ATOM   130 N  N   . TYR A 1 19 ? 0.348   -5.832  0.389   1.00 16.51 ? 19  TYR A N   1 
ATOM   131 C  CA  . TYR A 1 19 ? -0.180  -5.251  1.643   1.00 16.53 ? 19  TYR A CA  1 
ATOM   132 C  C   . TYR A 1 19 ? -1.132  -6.282  2.242   1.00 17.53 ? 19  TYR A C   1 
ATOM   133 O  O   . TYR A 1 19 ? -1.876  -6.922  1.534   1.00 17.77 ? 19  TYR A O   1 
ATOM   134 C  CB  . TYR A 1 19 ? -0.885  -3.872  1.387   1.00 16.03 ? 19  TYR A CB  1 
ATOM   135 C  CG  . TYR A 1 19 ? 0.057   -2.879  0.710   1.00 13.97 ? 19  TYR A CG  1 
ATOM   136 C  CD1 . TYR A 1 19 ? 0.855   -2.011  1.475   1.00 14.74 ? 19  TYR A CD1 1 
ATOM   137 C  CD2 . TYR A 1 19 ? 0.219   -2.873  -0.652  1.00 14.43 ? 19  TYR A CD2 1 
ATOM   138 C  CE1 . TYR A 1 19 ? 1.780   -1.124  0.862   1.00 12.78 ? 19  TYR A CE1 1 
ATOM   139 C  CE2 . TYR A 1 19 ? 1.147   -1.999  -1.284  1.00 11.85 ? 19  TYR A CE2 1 
ATOM   140 C  CZ  . TYR A 1 19 ? 1.922   -1.141  -0.487  1.00 12.45 ? 19  TYR A CZ  1 
ATOM   141 O  OH  . TYR A 1 19 ? 2.838   -0.262  -1.031  1.00 17.72 ? 19  TYR A OH  1 
ATOM   142 N  N   . THR A 1 20 ? -1.051  -6.480  3.550   1.00 18.22 ? 20  THR A N   1 
ATOM   143 C  CA  . THR A 1 20 ? -1.843  -7.471  4.220   1.00 18.92 ? 20  THR A CA  1 
ATOM   144 C  C   . THR A 1 20 ? -2.534  -6.791  5.415   1.00 19.17 ? 20  THR A C   1 
ATOM   145 O  O   . THR A 1 20 ? -1.875  -6.275  6.327   1.00 17.43 ? 20  THR A O   1 
ATOM   146 C  CB  . THR A 1 20 ? -0.977  -8.683  4.707   1.00 18.87 ? 20  THR A CB  1 
ATOM   147 O  OG1 . THR A 1 20 ? -0.257  -9.263  3.606   1.00 20.41 ? 20  THR A OG1 1 
ATOM   148 C  CG2 . THR A 1 20 ? -1.847  -9.756  5.310   1.00 18.69 ? 20  THR A CG2 1 
ATOM   149 N  N   . ALA A 1 21 ? -3.863  -6.779  5.347   1.00 20.54 ? 21  ALA A N   1 
ATOM   150 C  CA  . ALA A 1 21 ? -4.729  -6.408  6.452   1.00 22.09 ? 21  ALA A CA  1 
ATOM   151 C  C   . ALA A 1 21 ? -4.954  -7.646  7.326   1.00 23.36 ? 21  ALA A C   1 
ATOM   152 O  O   . ALA A 1 21 ? -5.451  -8.682  6.885   1.00 24.24 ? 21  ALA A O   1 
ATOM   153 C  CB  . ALA A 1 21 ? -6.014  -5.835  5.933   1.00 21.28 ? 21  ALA A CB  1 
ATOM   154 N  N   . ASN A 1 22 ? -4.532  -7.543  8.579   1.00 25.71 ? 22  ASN A N   1 
ATOM   155 C  CA  . ASN A 1 22 ? -4.576  -8.649  9.522   1.00 26.28 ? 22  ASN A CA  1 
ATOM   156 C  C   . ASN A 1 22 ? -4.780  -8.060  10.897  1.00 27.57 ? 22  ASN A C   1 
ATOM   157 O  O   . ASN A 1 22 ? -3.970  -7.227  11.311  1.00 28.11 ? 22  ASN A O   1 
ATOM   158 C  CB  . ASN A 1 22 ? -3.237  -9.401  9.443   1.00 26.88 ? 22  ASN A CB  1 
ATOM   159 C  CG  . ASN A 1 22 ? -3.101  -10.533 10.448  1.00 26.47 ? 22  ASN A CG  1 
ATOM   160 O  OD1 . ASN A 1 22 ? -4.090  -11.119 10.901  1.00 31.20 ? 22  ASN A OD1 1 
ATOM   161 N  ND2 . ASN A 1 22 ? -1.853  -10.877 10.772  1.00 26.59 ? 22  ASN A ND2 1 
ATOM   162 N  N   . ASN A 1 23 ? -5.850  -8.480  11.588  1.00 28.88 ? 23  ASN A N   1 
ATOM   163 C  CA  . ASN A 1 23 ? -6.183  -8.039  12.952  1.00 29.23 ? 23  ASN A CA  1 
ATOM   164 C  C   . ASN A 1 23 ? -6.104  -6.513  13.162  1.00 29.38 ? 23  ASN A C   1 
ATOM   165 O  O   . ASN A 1 23 ? -5.464  -6.014  14.101  1.00 30.02 ? 23  ASN A O   1 
ATOM   166 C  CB  . ASN A 1 23 ? -5.323  -8.797  13.982  1.00 30.20 ? 23  ASN A CB  1 
ATOM   167 C  CG  . ASN A 1 23 ? -6.032  -8.949  15.365  1.00 32.18 ? 23  ASN A CG  1 
ATOM   168 O  OD1 . ASN A 1 23 ? -7.274  -8.933  15.456  1.00 38.26 ? 23  ASN A OD1 1 
ATOM   169 N  ND2 . ASN A 1 23 ? -5.233  -9.077  16.440  1.00 32.24 ? 23  ASN A ND2 1 
ATOM   170 N  N   . GLY A 1 24 ? -6.755  -5.772  12.266  1.00 28.93 ? 24  GLY A N   1 
ATOM   171 C  CA  . GLY A 1 24 ? -6.802  -4.305  12.348  1.00 28.48 ? 24  GLY A CA  1 
ATOM   172 C  C   . GLY A 1 24 ? -5.571  -3.527  11.887  1.00 27.91 ? 24  GLY A C   1 
ATOM   173 O  O   . GLY A 1 24 ? -5.563  -2.303  11.957  1.00 27.63 ? 24  GLY A O   1 
ATOM   174 N  N   . LYS A 1 25 ? -4.552  -4.217  11.393  1.00 27.13 ? 25  LYS A N   1 
ATOM   175 C  CA  . LYS A 1 25 ? -3.280  -3.569  11.031  1.00 26.72 ? 25  LYS A CA  1 
ATOM   176 C  C   . LYS A 1 25 ? -2.923  -3.960  9.595   1.00 25.24 ? 25  LYS A C   1 
ATOM   177 O  O   . LYS A 1 25 ? -3.183  -5.096  9.175   1.00 24.46 ? 25  LYS A O   1 
ATOM   178 C  CB  . LYS A 1 25 ? -2.213  -3.941  12.101  1.00 27.25 ? 25  LYS A CB  1 
ATOM   179 C  CG  . LYS A 1 25 ? -0.794  -4.259  11.664  1.00 29.01 ? 25  LYS A CG  1 
ATOM   180 C  CD  . LYS A 1 25 ? -0.086  -5.479  12.411  1.00 29.78 ? 25  LYS A CD  1 
ATOM   181 C  CE  . LYS A 1 25 ? -0.566  -6.898  11.936  1.00 32.29 ? 25  LYS A CE  1 
ATOM   182 N  NZ  . LYS A 1 25 ? -1.644  -7.471  12.888  1.00 36.02 ? 25  LYS A NZ  1 
ATOM   183 N  N   . ILE A 1 26 ? -2.394  -3.005  8.824   1.00 23.89 ? 26  ILE A N   1 
ATOM   184 C  CA  . ILE A 1 26 ? -1.952  -3.286  7.459   1.00 22.97 ? 26  ILE A CA  1 
ATOM   185 C  C   . ILE A 1 26 ? -0.431  -3.163  7.404   1.00 22.53 ? 26  ILE A C   1 
ATOM   186 O  O   . ILE A 1 26 ? 0.127   -2.114  7.737   1.00 20.99 ? 26  ILE A O   1 
ATOM   187 C  CB  . ILE A 1 26 ? -2.547  -2.335  6.373   1.00 23.04 ? 26  ILE A CB  1 
ATOM   188 C  CG1 . ILE A 1 26 ? -4.079  -2.321  6.391   1.00 22.84 ? 26  ILE A CG1 1 
ATOM   189 C  CG2 . ILE A 1 26 ? -2.094  -2.777  4.978   1.00 22.95 ? 26  ILE A CG2 1 
ATOM   190 C  CD1 . ILE A 1 26 ? -4.686  -1.155  5.735   1.00 20.31 ? 26  ILE A CD1 1 
ATOM   191 N  N   . THR A 1 27 ? 0.218   -4.244  6.974   1.00 22.00 ? 27  THR A N   1 
ATOM   192 C  CA  . THR A 1 27 ? 1.648   -4.255  6.782   1.00 22.25 ? 27  THR A CA  1 
ATOM   193 C  C   . THR A 1 27 ? 2.054   -4.549  5.317   1.00 21.59 ? 27  THR A C   1 
ATOM   194 O  O   . THR A 1 27 ? 1.240   -4.850  4.449   1.00 22.59 ? 27  THR A O   1 
ATOM   195 C  CB  . THR A 1 27 ? 2.319   -5.257  7.722   1.00 21.72 ? 27  THR A CB  1 
ATOM   196 O  OG1 . THR A 1 27 ? 1.743   -6.528  7.526   1.00 20.67 ? 27  THR A OG1 1 
ATOM   197 C  CG2 . THR A 1 27 ? 2.205   -4.824  9.173   1.00 23.35 ? 27  THR A CG2 1 
ATOM   198 N  N   . GLU A 1 28 ? 3.345   -4.467  5.056   1.00 21.29 ? 28  GLU A N   1 
ATOM   199 C  CA  . GLU A 1 28 ? 3.836   -4.465  3.704   1.00 19.33 ? 28  GLU A CA  1 
ATOM   200 C  C   . GLU A 1 28 ? 5.070   -5.368  3.531   1.00 18.99 ? 28  GLU A C   1 
ATOM   201 O  O   . GLU A 1 28 ? 5.980   -5.357  4.379   1.00 18.11 ? 28  GLU A O   1 
ATOM   202 C  CB  . GLU A 1 28 ? 4.107   -3.039  3.329   1.00 19.60 ? 28  GLU A CB  1 
ATOM   203 C  CG  . GLU A 1 28 ? 4.544   -2.794  1.880   1.00 18.41 ? 28  GLU A CG  1 
ATOM   204 C  CD  . GLU A 1 28 ? 5.180   -1.455  1.738   1.00 20.34 ? 28  GLU A CD  1 
ATOM   205 O  OE1 . GLU A 1 28 ? 5.823   -1.043  2.734   1.00 19.98 ? 28  GLU A OE1 1 
ATOM   206 O  OE2 . GLU A 1 28 ? 5.080   -0.826  0.635   1.00 18.90 ? 28  GLU A OE2 1 
ATOM   207 N  N   . ARG A 1 29 ? 5.062   -6.142  2.423   1.00 17.53 ? 29  ARG A N   1 
ATOM   208 C  CA  . ARG A 1 29 ? 6.176   -6.963  1.977   1.00 16.97 ? 29  ARG A CA  1 
ATOM   209 C  C   . ARG A 1 29 ? 6.530   -6.499  0.593   1.00 16.57 ? 29  ARG A C   1 
ATOM   210 O  O   . ARG A 1 29 ? 5.648   -6.235  -0.210  1.00 17.62 ? 29  ARG A O   1 
ATOM   211 C  CB  . ARG A 1 29 ? 5.816   -8.442  1.930   1.00 17.30 ? 29  ARG A CB  1 
ATOM   212 C  CG  . ARG A 1 29 ? 5.581   -9.055  3.294   1.00 15.01 ? 29  ARG A CG  1 
ATOM   213 C  CD  . ARG A 1 29 ? 6.931   -9.220  4.025   1.00 16.62 ? 29  ARG A CD  1 
ATOM   214 N  NE  . ARG A 1 29 ? 7.569   -10.488 3.688   1.00 15.92 ? 29  ARG A NE  1 
ATOM   215 C  CZ  . ARG A 1 29 ? 8.677   -10.917 4.263   1.00 15.79 ? 29  ARG A CZ  1 
ATOM   216 N  NH1 . ARG A 1 29 ? 9.278   -10.169 5.168   1.00 20.46 ? 29  ARG A NH1 1 
ATOM   217 N  NH2 . ARG A 1 29 ? 9.203   -12.074 3.911   1.00 17.63 ? 29  ARG A NH2 1 
ATOM   218 N  N   . CYS A 1 30 ? 7.817   -6.409  0.332   1.00 15.49 ? 30  CYS A N   1 
ATOM   219 C  CA  . CYS A 1 30 ? 8.370   -5.799  -0.883  1.00 16.49 ? 30  CYS A CA  1 
ATOM   220 C  C   . CYS A 1 30 ? 9.322   -6.696  -1.608  1.00 16.23 ? 30  CYS A C   1 
ATOM   221 O  O   . CYS A 1 30 ? 10.126  -7.394  -0.988  1.00 16.63 ? 30  CYS A O   1 
ATOM   222 C  CB  . CYS A 1 30 ? 9.163   -4.556  -0.476  1.00 15.54 ? 30  CYS A CB  1 
ATOM   223 S  SG  . CYS A 1 30 ? 8.338   -3.426  0.712   1.00 17.77 ? 30  CYS A SG  1 
ATOM   224 N  N   . TRP A 1 31 ? 9.294   -6.634  -2.926  1.00 16.83 ? 31  TRP A N   1 
ATOM   225 C  CA  . TRP A 1 31 ? 10.292  -7.285  -3.775  1.00 17.41 ? 31  TRP A CA  1 
ATOM   226 C  C   . TRP A 1 31 ? 10.902  -6.264  -4.728  1.00 17.46 ? 31  TRP A C   1 
ATOM   227 O  O   . TRP A 1 31 ? 10.161  -5.627  -5.482  1.00 16.94 ? 31  TRP A O   1 
ATOM   228 C  CB  . TRP A 1 31 ? 9.597   -8.338  -4.635  1.00 17.11 ? 31  TRP A CB  1 
ATOM   229 C  CG  . TRP A 1 31 ? 10.455  -9.099  -5.596  1.00 17.63 ? 31  TRP A CG  1 
ATOM   230 C  CD1 . TRP A 1 31 ? 10.613  -8.833  -6.939  1.00 17.23 ? 31  TRP A CD1 1 
ATOM   231 C  CD2 . TRP A 1 31 ? 11.253  -10.277 -5.336  1.00 17.63 ? 31  TRP A CD2 1 
ATOM   232 N  NE1 . TRP A 1 31 ? 11.440  -9.747  -7.501  1.00 17.08 ? 31  TRP A NE1 1 
ATOM   233 C  CE2 . TRP A 1 31 ? 11.874  -10.628 -6.549  1.00 16.77 ? 31  TRP A CE2 1 
ATOM   234 C  CE3 . TRP A 1 31 ? 11.505  -11.050 -4.205  1.00 17.50 ? 31  TRP A CE3 1 
ATOM   235 C  CZ2 . TRP A 1 31 ? 12.711  -11.731 -6.665  1.00 16.89 ? 31  TRP A CZ2 1 
ATOM   236 C  CZ3 . TRP A 1 31 ? 12.334  -12.119 -4.310  1.00 16.74 ? 31  TRP A CZ3 1 
ATOM   237 C  CH2 . TRP A 1 31 ? 12.935  -12.463 -5.534  1.00 17.20 ? 31  TRP A CH2 1 
ATOM   238 N  N   . ASP A 1 32 ? 12.232  -6.136  -4.752  1.00 17.63 ? 32  ASP A N   1 
ATOM   239 C  CA  . ASP A 1 32 ? 12.865  -5.284  -5.775  1.00 18.69 ? 32  ASP A CA  1 
ATOM   240 C  C   . ASP A 1 32 ? 13.844  -6.088  -6.615  1.00 19.67 ? 32  ASP A C   1 
ATOM   241 O  O   . ASP A 1 32 ? 14.816  -5.544  -7.124  1.00 21.63 ? 32  ASP A O   1 
ATOM   242 C  CB  . ASP A 1 32 ? 13.538  -4.083  -5.141  1.00 18.61 ? 32  ASP A CB  1 
ATOM   243 C  CG  . ASP A 1 32 ? 12.567  -3.202  -4.370  1.00 19.15 ? 32  ASP A CG  1 
ATOM   244 O  OD1 . ASP A 1 32 ? 11.484  -2.871  -4.912  1.00 19.42 ? 32  ASP A OD1 1 
ATOM   245 O  OD2 . ASP A 1 32 ? 12.909  -2.816  -3.223  1.00 19.73 ? 32  ASP A OD2 1 
ATOM   246 N  N   . GLY A 1 33 ? 13.585  -7.393  -6.728  1.00 19.29 ? 33  GLY A N   1 
ATOM   247 C  CA  . GLY A 1 33 ? 14.398  -8.298  -7.518  1.00 18.74 ? 33  GLY A CA  1 
ATOM   248 C  C   . GLY A 1 33 ? 15.434  -9.093  -6.753  1.00 18.84 ? 33  GLY A C   1 
ATOM   249 O  O   . GLY A 1 33 ? 16.118  -9.912  -7.358  1.00 20.32 ? 33  GLY A O   1 
ATOM   250 N  N   . LYS A 1 34 ? 15.553  -8.863  -5.440  1.00 18.62 ? 34  LYS A N   1 
ATOM   251 C  CA  . LYS A 1 34 ? 16.670  -9.364  -4.628  1.00 17.91 ? 34  LYS A CA  1 
ATOM   252 C  C   . LYS A 1 34 ? 16.251  -9.815  -3.230  1.00 17.42 ? 34  LYS A C   1 
ATOM   253 O  O   . LYS A 1 34 ? 16.987  -9.617  -2.272  1.00 15.74 ? 34  LYS A O   1 
ATOM   254 C  CB  . LYS A 1 34 ? 17.748  -8.297  -4.505  1.00 18.42 ? 34  LYS A CB  1 
ATOM   255 C  CG  . LYS A 1 34 ? 18.511  -7.980  -5.856  1.00 21.11 ? 34  LYS A CG  1 
ATOM   256 C  CD  . LYS A 1 34 ? 19.254  -9.207  -6.377  1.00 22.05 ? 34  LYS A CD  1 
ATOM   257 C  CE  . LYS A 1 34 ? 19.489  -9.257  -7.892  1.00 24.88 ? 34  LYS A CE  1 
ATOM   258 N  NZ  . LYS A 1 34 ? 20.483  -8.235  -8.324  1.00 25.72 ? 34  LYS A NZ  1 
ATOM   259 N  N   . GLY A 1 35 ? 15.072  -10.406 -3.156  1.00 17.14 ? 35  GLY A N   1 
ATOM   260 C  CA  . GLY A 1 35 ? 14.506  -10.983 -1.929  1.00 17.48 ? 35  GLY A CA  1 
ATOM   261 C  C   . GLY A 1 35 ? 13.322  -10.209 -1.389  1.00 17.31 ? 35  GLY A C   1 
ATOM   262 O  O   . GLY A 1 35 ? 13.295  -8.997  -1.436  1.00 17.76 ? 35  GLY A O   1 
ATOM   263 N  N   . TRP A 1 36 ? 12.367  -10.917 -0.810  1.00 17.84 ? 36  TRP A N   1 
ATOM   264 C  CA  . TRP A 1 36 ? 11.245  -10.267 -0.167  1.00 17.22 ? 36  TRP A CA  1 
ATOM   265 C  C   . TRP A 1 36 ? 11.794  -9.665  1.087   1.00 17.03 ? 36  TRP A C   1 
ATOM   266 O  O   . TRP A 1 36 ? 12.686  -10.257 1.683   1.00 16.91 ? 36  TRP A O   1 
ATOM   267 C  CB  . TRP A 1 36 ? 10.107  -11.275 0.091   1.00 17.35 ? 36  TRP A CB  1 
ATOM   268 C  CG  . TRP A 1 36 ? 9.426   -11.574 -1.143  1.00 16.02 ? 36  TRP A CG  1 
ATOM   269 C  CD1 . TRP A 1 36 ? 9.714   -12.577 -2.013  1.00 15.95 ? 36  TRP A CD1 1 
ATOM   270 C  CD2 . TRP A 1 36 ? 8.349   -10.825 -1.705  1.00 14.54 ? 36  TRP A CD2 1 
ATOM   271 N  NE1 . TRP A 1 36 ? 8.903   -12.475 -3.133  1.00 15.62 ? 36  TRP A NE1 1 
ATOM   272 C  CE2 . TRP A 1 36 ? 8.054   -11.405 -2.962  1.00 15.19 ? 36  TRP A CE2 1 
ATOM   273 C  CE3 . TRP A 1 36 ? 7.655   -9.670  -1.303  1.00 14.76 ? 36  TRP A CE3 1 
ATOM   274 C  CZ2 . TRP A 1 36 ? 7.059   -10.905 -3.798  1.00 16.69 ? 36  TRP A CZ2 1 
ATOM   275 C  CZ3 . TRP A 1 36 ? 6.657   -9.177  -2.130  1.00 16.11 ? 36  TRP A CZ3 1 
ATOM   276 C  CH2 . TRP A 1 36 ? 6.368   -9.792  -3.371  1.00 16.15 ? 36  TRP A CH2 1 
ATOM   277 N  N   . TYR A 1 37 ? 11.327  -8.462  1.416   1.00 17.77 ? 37  TYR A N   1 
ATOM   278 C  CA  . TYR A 1 37 ? 11.642  -7.732  2.665   1.00 18.89 ? 37  TYR A CA  1 
ATOM   279 C  C   . TYR A 1 37 ? 10.450  -6.941  3.136   1.00 19.44 ? 37  TYR A C   1 
ATOM   280 O  O   . TYR A 1 37 ? 9.513   -6.637  2.377   1.00 19.21 ? 37  TYR A O   1 
ATOM   281 C  CB  . TYR A 1 37 ? 12.834  -6.766  2.506   1.00 19.59 ? 37  TYR A CB  1 
ATOM   282 C  CG  . TYR A 1 37 ? 12.628  -5.586  1.638   1.00 19.09 ? 37  TYR A CG  1 
ATOM   283 C  CD1 . TYR A 1 37 ? 12.221  -4.363  2.166   1.00 20.51 ? 37  TYR A CD1 1 
ATOM   284 C  CD2 . TYR A 1 37 ? 12.879  -5.655  0.288   1.00 21.05 ? 37  TYR A CD2 1 
ATOM   285 C  CE1 . TYR A 1 37 ? 12.035  -3.257  1.354   1.00 18.06 ? 37  TYR A CE1 1 
ATOM   286 C  CE2 . TYR A 1 37 ? 12.708  -4.557  -0.516  1.00 19.04 ? 37  TYR A CE2 1 
ATOM   287 C  CZ  . TYR A 1 37 ? 12.276  -3.366  0.017   1.00 20.05 ? 37  TYR A CZ  1 
ATOM   288 O  OH  . TYR A 1 37 ? 12.135  -2.259  -0.800  1.00 21.36 ? 37  TYR A OH  1 
ATOM   289 N  N   . THR A 1 38 ? 10.475  -6.623  4.417   1.00 20.55 ? 38  THR A N   1 
ATOM   290 C  CA  . THR A 1 38 ? 9.361   -5.959  5.084   1.00 20.45 ? 38  THR A CA  1 
ATOM   291 C  C   . THR A 1 38 ? 9.481   -4.448  4.983   1.00 20.28 ? 38  THR A C   1 
ATOM   292 O  O   . THR A 1 38 ? 10.448  -3.869  5.442   1.00 20.59 ? 38  THR A O   1 
ATOM   293 C  CB  . THR A 1 38 ? 9.315   -6.371  6.555   1.00 21.16 ? 38  THR A CB  1 
ATOM   294 O  OG1 . THR A 1 38 ? 8.963   -7.753  6.626   1.00 22.02 ? 38  THR A OG1 1 
ATOM   295 C  CG2 . THR A 1 38 ? 8.298   -5.564  7.289   1.00 20.21 ? 38  THR A CG2 1 
ATOM   296 N  N   . GLY A 1 39 ? 8.487   -3.820  4.385   1.00 20.05 ? 39  GLY A N   1 
ATOM   297 C  CA  . GLY A 1 39 ? 8.596   -2.431  4.014   1.00 20.21 ? 39  GLY A CA  1 
ATOM   298 C  C   . GLY A 1 39 ? 8.172   -1.474  5.098   1.00 20.38 ? 39  GLY A C   1 
ATOM   299 O  O   . GLY A 1 39 ? 7.705   -1.856  6.194   1.00 20.15 ? 39  GLY A O   1 
ATOM   300 N  N   . ALA A 1 40 ? 8.343   -0.200  4.790   1.00 19.91 ? 40  ALA A N   1 
ATOM   301 C  CA  . ALA A 1 40 ? 8.074   0.830   5.776   1.00 20.62 ? 40  ALA A CA  1 
ATOM   302 C  C   . ALA A 1 40 ? 6.610   1.028   6.110   1.00 21.07 ? 40  ALA A C   1 
ATOM   303 O  O   . ALA A 1 40 ? 6.356   1.614   7.152   1.00 21.96 ? 40  ALA A O   1 
ATOM   304 C  CB  . ALA A 1 40 ? 8.686   2.150   5.331   1.00 21.20 ? 40  ALA A CB  1 
ATOM   305 N  N   . PHE A 1 41 ? 5.659   0.617   5.243   1.00 20.61 ? 41  PHE A N   1 
ATOM   306 C  CA  . PHE A 1 41 ? 4.227   0.901   5.468   1.00 21.48 ? 41  PHE A CA  1 
ATOM   307 C  C   . PHE A 1 41 ? 3.659   0.092   6.639   1.00 21.42 ? 41  PHE A C   1 
ATOM   308 O  O   . PHE A 1 41 ? 3.712   -1.129  6.636   1.00 19.06 ? 41  PHE A O   1 
ATOM   309 C  CB  . PHE A 1 41 ? 3.357   0.615   4.242   1.00 21.59 ? 41  PHE A CB  1 
ATOM   310 C  CG  . PHE A 1 41 ? 1.900   0.997   4.420   1.00 21.13 ? 41  PHE A CG  1 
ATOM   311 C  CD1 . PHE A 1 41 ? 1.470   2.292   4.180   1.00 24.33 ? 41  PHE A CD1 1 
ATOM   312 C  CD2 . PHE A 1 41 ? 0.970   0.082   4.845   1.00 24.99 ? 41  PHE A CD2 1 
ATOM   313 C  CE1 . PHE A 1 41 ? 0.144   2.648   4.338   1.00 22.92 ? 41  PHE A CE1 1 
ATOM   314 C  CE2 . PHE A 1 41 ? -0.381  0.443   5.006   1.00 22.64 ? 41  PHE A CE2 1 
ATOM   315 C  CZ  . PHE A 1 41 ? -0.770  1.718   4.755   1.00 23.34 ? 41  PHE A CZ  1 
ATOM   316 N  N   . ASN A 1 42 ? 3.098   0.808   7.606   1.00 23.08 ? 42  ASN A N   1 
ATOM   317 C  CA  . ASN A 1 42 ? 2.486   0.210   8.797   1.00 24.36 ? 42  ASN A CA  1 
ATOM   318 C  C   . ASN A 1 42 ? 1.431   1.170   9.373   1.00 25.43 ? 42  ASN A C   1 
ATOM   319 O  O   . ASN A 1 42 ? 1.767   2.113   10.111  1.00 25.37 ? 42  ASN A O   1 
ATOM   320 C  CB  . ASN A 1 42 ? 3.544   -0.136  9.852   1.00 24.77 ? 42  ASN A CB  1 
ATOM   321 C  CG  . ASN A 1 42 ? 2.987   -1.036  10.976  1.00 24.91 ? 42  ASN A CG  1 
ATOM   322 O  OD1 . ASN A 1 42 ? 1.934   -0.772  11.536  1.00 28.97 ? 42  ASN A OD1 1 
ATOM   323 N  ND2 . ASN A 1 42 ? 3.706   -2.100  11.286  1.00 26.76 ? 42  ASN A ND2 1 
ATOM   324 N  N   . GLU A 1 43 ? 0.165   0.950   8.985   1.00 25.96 ? 43  GLU A N   1 
ATOM   325 C  CA  . GLU A 1 43 ? -0.945  1.812   9.418   1.00 25.72 ? 43  GLU A CA  1 
ATOM   326 C  C   . GLU A 1 43 ? -2.150  0.947   9.691   1.00 26.16 ? 43  GLU A C   1 
ATOM   327 O  O   . GLU A 1 43 ? -2.244  -0.175  9.173   1.00 27.09 ? 43  GLU A O   1 
ATOM   328 C  CB  . GLU A 1 43 ? -1.295  2.845   8.344   1.00 25.33 ? 43  GLU A CB  1 
ATOM   329 C  CG  . GLU A 1 43 ? -0.144  3.712   7.870   1.00 25.31 ? 43  GLU A CG  1 
ATOM   330 C  CD  . GLU A 1 43 ? 0.344   4.680   8.931   1.00 27.11 ? 43  GLU A CD  1 
ATOM   331 O  OE1 . GLU A 1 43 ? -0.269  4.766   10.004  1.00 24.93 ? 43  GLU A OE1 1 
ATOM   332 O  OE2 . GLU A 1 43 ? 1.354   5.355   8.697   1.00 27.68 ? 43  GLU A OE2 1 
ATOM   333 N  N   . PRO A 1 44 ? -3.080  1.445   10.523  1.00 26.52 ? 44  PRO A N   1 
ATOM   334 C  CA  . PRO A 1 44 ? -4.283  0.681   10.823  1.00 26.49 ? 44  PRO A CA  1 
ATOM   335 C  C   . PRO A 1 44 ? -5.241  0.450   9.637   1.00 26.54 ? 44  PRO A C   1 
ATOM   336 O  O   . PRO A 1 44 ? -5.381  1.312   8.735   1.00 26.62 ? 44  PRO A O   1 
ATOM   337 C  CB  . PRO A 1 44 ? -4.973  1.542   11.897  1.00 27.12 ? 44  PRO A CB  1 
ATOM   338 C  CG  . PRO A 1 44 ? -4.380  2.885   11.766  1.00 26.50 ? 44  PRO A CG  1 
ATOM   339 C  CD  . PRO A 1 44 ? -3.023  2.711   11.283  1.00 26.26 ? 44  PRO A CD  1 
ATOM   340 N  N   . GLY A 1 45 ? -5.910  -0.699  9.669   1.00 26.18 ? 45  GLY A N   1 
ATOM   341 C  CA  . GLY A 1 45 ? -6.913  -1.052  8.674   1.00 26.00 ? 45  GLY A CA  1 
ATOM   342 C  C   . GLY A 1 45 ? -7.398  -2.489  8.721   1.00 25.74 ? 45  GLY A C   1 
ATOM   343 O  O   . GLY A 1 45 ? -6.634  -3.429  8.959   1.00 26.27 ? 45  GLY A O   1 
ATOM   344 N  N   . ASP A 1 46 ? -8.675  -2.655  8.430   1.00 25.51 ? 46  ASP A N   1 
ATOM   345 C  CA  . ASP A 1 46 ? -9.284  -3.963  8.236   1.00 24.90 ? 46  ASP A CA  1 
ATOM   346 C  C   . ASP A 1 46 ? -9.384  -4.401  6.782   1.00 24.27 ? 46  ASP A C   1 
ATOM   347 O  O   . ASP A 1 46 ? -9.440  -5.597  6.499   1.00 24.45 ? 46  ASP A O   1 
ATOM   348 C  CB  . ASP A 1 46 ? -10.650 -3.939  8.879   1.00 25.73 ? 46  ASP A CB  1 
ATOM   349 C  CG  . ASP A 1 46 ? -10.542 -3.877  10.380  1.00 27.58 ? 46  ASP A CG  1 
ATOM   350 O  OD1 . ASP A 1 46 ? -9.928  -4.817  10.938  1.00 33.38 ? 46  ASP A OD1 1 
ATOM   351 O  OD2 . ASP A 1 46 ? -11.018 -2.897  10.994  1.00 29.97 ? 46  ASP A OD2 1 
ATOM   352 N  N   . ASN A 1 47 ? -9.429  -3.425  5.880   1.00 22.15 ? 47  ASN A N   1 
ATOM   353 C  CA  . ASN A 1 47 ? -9.431  -3.663  4.448   1.00 21.74 ? 47  ASN A CA  1 
ATOM   354 C  C   . ASN A 1 47 ? -8.342  -2.827  3.793   1.00 20.58 ? 47  ASN A C   1 
ATOM   355 O  O   . ASN A 1 47 ? -7.995  -1.750  4.290   1.00 21.77 ? 47  ASN A O   1 
ATOM   356 C  CB  . ASN A 1 47 ? -10.792 -3.320  3.842   1.00 21.31 ? 47  ASN A CB  1 
ATOM   357 C  CG  . ASN A 1 47 ? -10.833 -3.553  2.370   1.00 20.54 ? 47  ASN A CG  1 
ATOM   358 O  OD1 . ASN A 1 47 ? -10.642 -2.615  1.573   1.00 19.87 ? 47  ASN A OD1 1 
ATOM   359 N  ND2 . ASN A 1 47 ? -10.996 -4.814  1.978   1.00 18.48 ? 47  ASN A ND2 1 
ATOM   360 N  N   . VAL A 1 48 ? -7.793  -3.314  2.687   1.00 20.53 ? 48  VAL A N   1 
ATOM   361 C  CA  . VAL A 1 48 ? -6.751  -2.572  1.953   1.00 18.97 ? 48  VAL A CA  1 
ATOM   362 C  C   . VAL A 1 48 ? -6.877  -2.671  0.421   1.00 18.16 ? 48  VAL A C   1 
ATOM   363 O  O   . VAL A 1 48 ? -7.191  -3.710  -0.130  1.00 17.64 ? 48  VAL A O   1 
ATOM   364 C  CB  . VAL A 1 48 ? -5.294  -2.976  2.436   1.00 19.37 ? 48  VAL A CB  1 
ATOM   365 C  CG1 . VAL A 1 48 ? -4.912  -4.438  2.068   1.00 19.78 ? 48  VAL A CG1 1 
ATOM   366 C  CG2 . VAL A 1 48 ? -4.258  -2.039  1.854   1.00 20.25 ? 48  VAL A CG2 1 
ATOM   367 N  N   . SER A 1 49 ? -6.636  -1.563  -0.282  1.00 16.96 ? 49  SER A N   1 
ATOM   368 C  CA  . SER A 1 49 ? -6.436  -1.643  -1.723  1.00 15.77 ? 49  SER A CA  1 
ATOM   369 C  C   . SER A 1 49 ? -5.316  -0.739  -2.130  1.00 15.35 ? 49  SER A C   1 
ATOM   370 O  O   . SER A 1 49 ? -4.869  0.124   -1.344  1.00 14.33 ? 49  SER A O   1 
ATOM   371 C  CB  . SER A 1 49 ? -7.732  -1.400  -2.523  1.00 15.29 ? 49  SER A CB  1 
ATOM   372 O  OG  . SER A 1 49 ? -8.211  -0.097  -2.393  1.00 15.97 ? 49  SER A OG  1 
ATOM   373 N  N   . VAL A 1 50 ? -4.816  -0.932  -3.354  1.00 15.01 ? 50  VAL A N   1 
ATOM   374 C  CA  . VAL A 1 50 ? -3.666  -0.175  -3.774  1.00 15.08 ? 50  VAL A CA  1 
ATOM   375 C  C   . VAL A 1 50 ? -3.650  0.013   -5.274  1.00 15.80 ? 50  VAL A C   1 
ATOM   376 O  O   . VAL A 1 50 ? -4.184  -0.806  -6.058  1.00 15.49 ? 50  VAL A O   1 
ATOM   377 C  CB  . VAL A 1 50 ? -2.298  -0.832  -3.257  1.00 15.12 ? 50  VAL A CB  1 
ATOM   378 C  CG1 . VAL A 1 50 ? -2.140  -2.250  -3.820  1.00 15.88 ? 50  VAL A CG1 1 
ATOM   379 C  CG2 . VAL A 1 50 ? -1.023  0.073   -3.585  1.00 14.92 ? 50  VAL A CG2 1 
ATOM   380 N  N   . THR A 1 51 ? -3.040  1.113   -5.671  1.00 15.62 ? 51  THR A N   1 
ATOM   381 C  CA  . THR A 1 51 ? -2.752  1.335   -7.063  1.00 14.65 ? 51  THR A CA  1 
ATOM   382 C  C   . THR A 1 51 ? -1.468  2.103   -7.063  1.00 15.03 ? 51  THR A C   1 
ATOM   383 O  O   . THR A 1 51 ? -1.071  2.645   -6.016  1.00 13.91 ? 51  THR A O   1 
ATOM   384 C  CB  . THR A 1 51 ? -3.913  2.096   -7.791  1.00 14.45 ? 51  THR A CB  1 
ATOM   385 O  OG1 . THR A 1 51 ? -3.576  2.300   -9.182  1.00 16.58 ? 51  THR A OG1 1 
ATOM   386 C  CG2 . THR A 1 51 ? -4.211  3.489   -7.102  1.00 11.57 ? 51  THR A CG2 1 
ATOM   387 N  N   . SER A 1 52 ? -0.795  2.158   -8.230  1.00 14.72 ? 52  SER A N   1 
ATOM   388 C  CA  . SER A 1 52 ? 0.494   2.796   -8.308  1.00 15.44 ? 52  SER A CA  1 
ATOM   389 C  C   . SER A 1 52 ? 0.738   3.217   -9.750  1.00 16.41 ? 52  SER A C   1 
ATOM   390 O  O   . SER A 1 52 ? 0.125   2.689   -10.690 1.00 15.41 ? 52  SER A O   1 
ATOM   391 C  CB  . SER A 1 52 ? 1.635   1.887   -7.760  1.00 15.78 ? 52  SER A CB  1 
ATOM   392 O  OG  . SER A 1 52 ? 2.010   0.772   -8.600  1.00 17.13 ? 52  SER A OG  1 
ATOM   393 N  N   . TRP A 1 53 ? 1.615   4.191   -9.910  1.00 17.30 ? 53  TRP A N   1 
ATOM   394 C  CA  . TRP A 1 53 ? 1.986   4.675   -11.228 1.00 18.19 ? 53  TRP A CA  1 
ATOM   395 C  C   . TRP A 1 53 ? 3.395   5.212   -11.131 1.00 19.53 ? 53  TRP A C   1 
ATOM   396 O  O   . TRP A 1 53 ? 3.838   5.624   -10.046 1.00 18.42 ? 53  TRP A O   1 
ATOM   397 C  CB  . TRP A 1 53 ? 0.973   5.741   -11.743 1.00 18.18 ? 53  TRP A CB  1 
ATOM   398 C  CG  . TRP A 1 53 ? 0.997   7.007   -10.961 1.00 17.77 ? 53  TRP A CG  1 
ATOM   399 C  CD1 . TRP A 1 53 ? 1.733   8.130   -11.232 1.00 17.86 ? 53  TRP A CD1 1 
ATOM   400 C  CD2 . TRP A 1 53 ? 0.283   7.272   -9.750  1.00 17.10 ? 53  TRP A CD2 1 
ATOM   401 N  NE1 . TRP A 1 53 ? 1.520   9.073   -10.263 1.00 18.54 ? 53  TRP A NE1 1 
ATOM   402 C  CE2 . TRP A 1 53 ? 0.632   8.572   -9.341  1.00 16.74 ? 53  TRP A CE2 1 
ATOM   403 C  CE3 . TRP A 1 53 ? -0.624  6.527   -8.978  1.00 18.57 ? 53  TRP A CE3 1 
ATOM   404 C  CZ2 . TRP A 1 53 ? 0.121   9.154   -8.209  1.00 17.19 ? 53  TRP A CZ2 1 
ATOM   405 C  CZ3 . TRP A 1 53 ? -1.154  7.099   -7.845  1.00 18.05 ? 53  TRP A CZ3 1 
ATOM   406 C  CH2 . TRP A 1 53 ? -0.776  8.415   -7.461  1.00 18.38 ? 53  TRP A CH2 1 
ATOM   407 N  N   . LEU A 1 54 ? 4.090   5.211   -12.273 1.00 21.35 ? 54  LEU A N   1 
ATOM   408 C  CA  . LEU A 1 54 ? 5.452   5.707   -12.410 1.00 22.57 ? 54  LEU A CA  1 
ATOM   409 C  C   . LEU A 1 54 ? 5.518   7.079   -13.135 1.00 24.35 ? 54  LEU A C   1 
ATOM   410 O  O   . LEU A 1 54 ? 4.791   7.375   -14.114 1.00 23.62 ? 54  LEU A O   1 
ATOM   411 C  CB  . LEU A 1 54 ? 6.324   4.685   -13.183 1.00 23.48 ? 54  LEU A CB  1 
ATOM   412 C  CG  . LEU A 1 54 ? 6.856   3.368   -12.581 1.00 22.79 ? 54  LEU A CG  1 
ATOM   413 C  CD1 . LEU A 1 54 ? 7.315   2.433   -13.633 1.00 23.73 ? 54  LEU A CD1 1 
ATOM   414 C  CD2 . LEU A 1 54 ? 8.005   3.591   -11.629 1.00 23.87 ? 54  LEU A CD2 1 
ATOM   415 N  N   . VAL A 1 55 ? 6.370   7.937   -12.602 1.00 25.30 ? 55  VAL A N   1 
ATOM   416 C  CA  . VAL A 1 55 ? 6.663   9.214   -13.202 1.00 26.38 ? 55  VAL A CA  1 
ATOM   417 C  C   . VAL A 1 55 ? 8.157   9.084   -13.446 1.00 27.34 ? 55  VAL A C   1 
ATOM   418 O  O   . VAL A 1 55 ? 8.954   9.126   -12.513 1.00 27.34 ? 55  VAL A O   1 
ATOM   419 C  CB  . VAL A 1 55 ? 6.267   10.388  -12.274 1.00 27.05 ? 55  VAL A CB  1 
ATOM   420 C  CG1 . VAL A 1 55 ? 6.577   11.727  -12.932 1.00 27.46 ? 55  VAL A CG1 1 
ATOM   421 C  CG2 . VAL A 1 55 ? 4.768   10.297  -11.895 1.00 26.86 ? 55  VAL A CG2 1 
ATOM   422 N  N   . GLY A 1 56 ? 8.515   8.802   -14.699 1.00 28.23 ? 56  GLY A N   1 
ATOM   423 C  CA  . GLY A 1 56 ? 9.884   8.380   -15.023 1.00 28.74 ? 56  GLY A CA  1 
ATOM   424 C  C   . GLY A 1 56 ? 10.225  7.063   -14.353 1.00 29.42 ? 56  GLY A C   1 
ATOM   425 O  O   . GLY A 1 56 ? 9.491   6.102   -14.502 1.00 31.25 ? 56  GLY A O   1 
ATOM   426 N  N   . SER A 1 57 ? 11.338  7.009   -13.624 1.00 29.45 ? 57  SER A N   1 
ATOM   427 C  CA  . SER A 1 57 ? 11.655  5.852   -12.777 1.00 29.04 ? 57  SER A CA  1 
ATOM   428 C  C   . SER A 1 57 ? 11.155  5.991   -11.334 1.00 28.82 ? 57  SER A C   1 
ATOM   429 O  O   . SER A 1 57 ? 11.407  5.091   -10.523 1.00 29.30 ? 57  SER A O   1 
ATOM   430 C  CB  . SER A 1 57 ? 13.188  5.633   -12.731 1.00 30.17 ? 57  SER A CB  1 
ATOM   431 O  OG  . SER A 1 57 ? 13.909  6.851   -12.512 1.00 31.03 ? 57  SER A OG  1 
ATOM   432 N  N   . ALA A 1 58 ? 10.492  7.116   -11.000 1.00 27.74 ? 58  ALA A N   1 
ATOM   433 C  CA  . ALA A 1 58 ? 9.935   7.331   -9.657  1.00 26.41 ? 58  ALA A CA  1 
ATOM   434 C  C   . ALA A 1 58 ? 8.525   6.743   -9.471  1.00 25.38 ? 58  ALA A C   1 
ATOM   435 O  O   . ALA A 1 58 ? 7.602   7.048   -10.247 1.00 24.03 ? 58  ALA A O   1 
ATOM   436 C  CB  . ALA A 1 58 ? 9.899   8.840   -9.315  1.00 26.87 ? 58  ALA A CB  1 
ATOM   437 N  N   . ILE A 1 59 ? 8.364   5.958   -8.396  1.00 23.79 ? 59  ILE A N   1 
ATOM   438 C  CA  . ILE A 1 59 ? 7.081   5.293   -8.090  1.00 23.31 ? 59  ILE A CA  1 
ATOM   439 C  C   . ILE A 1 59 ? 6.192   6.115   -7.146  1.00 22.25 ? 59  ILE A C   1 
ATOM   440 O  O   . ILE A 1 59 ? 6.652   6.686   -6.154  1.00 21.87 ? 59  ILE A O   1 
ATOM   441 C  CB  . ILE A 1 59 ? 7.290   3.850   -7.543  1.00 23.00 ? 59  ILE A CB  1 
ATOM   442 C  CG1 . ILE A 1 59 ? 5.972   3.080   -7.466  1.00 23.91 ? 59  ILE A CG1 1 
ATOM   443 C  CG2 . ILE A 1 59 ? 7.978   3.838   -6.183  1.00 22.07 ? 59  ILE A CG2 1 
ATOM   444 C  CD1 . ILE A 1 59 ? 5.327   2.850   -8.791  1.00 24.73 ? 59  ILE A CD1 1 
ATOM   445 N  N   . HIS A 1 60 ? 4.930   6.228   -7.529  1.00 20.74 ? 60  HIS A N   1 
ATOM   446 C  CA  . HIS A 1 60 ? 3.918   6.768   -6.683  1.00 20.84 ? 60  HIS A CA  1 
ATOM   447 C  C   . HIS A 1 60 ? 2.934   5.663   -6.400  1.00 20.44 ? 60  HIS A C   1 
ATOM   448 O  O   . HIS A 1 60 ? 2.383   5.031   -7.323  1.00 20.71 ? 60  HIS A O   1 
ATOM   449 C  CB  . HIS A 1 60 ? 3.290   7.975   -7.334  1.00 20.15 ? 60  HIS A CB  1 
ATOM   450 C  CG  . HIS A 1 60 ? 4.275   9.068   -7.553  1.00 20.10 ? 60  HIS A CG  1 
ATOM   451 N  ND1 . HIS A 1 60 ? 5.203   9.022   -8.568  1.00 21.59 ? 60  HIS A ND1 1 
ATOM   452 C  CD2 . HIS A 1 60 ? 4.550   10.188  -6.841  1.00 19.61 ? 60  HIS A CD2 1 
ATOM   453 C  CE1 . HIS A 1 60 ? 5.975   10.093  -8.499  1.00 20.95 ? 60  HIS A CE1 1 
ATOM   454 N  NE2 . HIS A 1 60 ? 5.603   10.812  -7.460  1.00 21.41 ? 60  HIS A NE2 1 
ATOM   455 N  N   . ILE A 1 61 ? 2.763   5.396   -5.123  1.00 19.75 ? 61  ILE A N   1 
ATOM   456 C  CA  . ILE A 1 61 ? 1.816   4.389   -4.664  1.00 19.66 ? 61  ILE A CA  1 
ATOM   457 C  C   . ILE A 1 61 ? 0.744   5.090   -3.868  1.00 19.57 ? 61  ILE A C   1 
ATOM   458 O  O   . ILE A 1 61 ? 1.039   6.043   -3.142  1.00 19.77 ? 61  ILE A O   1 
ATOM   459 C  CB  . ILE A 1 61 ? 2.484   3.385   -3.746  1.00 19.46 ? 61  ILE A CB  1 
ATOM   460 C  CG1 . ILE A 1 61 ? 3.720   2.823   -4.419  1.00 19.41 ? 61  ILE A CG1 1 
ATOM   461 C  CG2 . ILE A 1 61 ? 1.495   2.257   -3.366  1.00 18.68 ? 61  ILE A CG2 1 
ATOM   462 C  CD1 . ILE A 1 61 ? 4.634   2.036   -3.473  1.00 20.19 ? 61  ILE A CD1 1 
ATOM   463 N  N   . ARG A 1 62 ? -0.498  4.638   -4.024  1.00 19.60 ? 62  ARG A N   1 
ATOM   464 C  CA  . ARG A 1 62 ? -1.600  5.051   -3.145  1.00 18.79 ? 62  ARG A CA  1 
ATOM   465 C  C   . ARG A 1 62 ? -2.252  3.820   -2.520  1.00 17.33 ? 62  ARG A C   1 
ATOM   466 O  O   . ARG A 1 62 ? -2.658  2.901   -3.211  1.00 17.66 ? 62  ARG A O   1 
ATOM   467 C  CB  . ARG A 1 62 ? -2.641  5.888   -3.916  1.00 18.85 ? 62  ARG A CB  1 
ATOM   468 C  CG  . ARG A 1 62 ? -2.092  7.173   -4.575  1.00 19.43 ? 62  ARG A CG  1 
ATOM   469 C  CD  . ARG A 1 62 ? -1.805  8.292   -3.489  1.00 19.88 ? 62  ARG A CD  1 
ATOM   470 N  NE  . ARG A 1 62 ? -1.271  9.508   -4.095  1.00 18.55 ? 62  ARG A NE  1 
ATOM   471 C  CZ  . ARG A 1 62 ? 0.016   9.749   -4.294  1.00 20.51 ? 62  ARG A CZ  1 
ATOM   472 N  NH1 . ARG A 1 62 ? 0.948   8.875   -3.880  1.00 17.79 ? 62  ARG A NH1 1 
ATOM   473 N  NH2 . ARG A 1 62 ? 0.376   10.881  -4.911  1.00 19.39 ? 62  ARG A NH2 1 
ATOM   474 N  N   . VAL A 1 63 ? -2.353  3.815   -1.205  1.00 17.20 ? 63  VAL A N   1 
ATOM   475 C  CA  . VAL A 1 63 ? -2.921  2.702   -0.432  1.00 17.96 ? 63  VAL A CA  1 
ATOM   476 C  C   . VAL A 1 63 ? -4.178  3.212   0.250   1.00 18.21 ? 63  VAL A C   1 
ATOM   477 O  O   . VAL A 1 63 ? -4.121  4.195   1.005   1.00 18.34 ? 63  VAL A O   1 
ATOM   478 C  CB  . VAL A 1 63 ? -1.965  2.170   0.671   1.00 16.45 ? 63  VAL A CB  1 
ATOM   479 C  CG1 . VAL A 1 63 ? -2.695  1.144   1.603   1.00 18.04 ? 63  VAL A CG1 1 
ATOM   480 C  CG2 . VAL A 1 63 ? -0.805  1.548   0.130   1.00 16.53 ? 63  VAL A CG2 1 
ATOM   481 N  N   . TYR A 1 64 ? -5.304  2.549   -0.002  1.00 19.71 ? 64  TYR A N   1 
ATOM   482 C  CA  . TYR A 1 64 ? -6.590  2.884   0.636   1.00 20.01 ? 64  TYR A CA  1 
ATOM   483 C  C   . TYR A 1 64 ? -6.836  1.896   1.755   1.00 20.59 ? 64  TYR A C   1 
ATOM   484 O  O   . TYR A 1 64 ? -6.982  0.716   1.516   1.00 21.41 ? 64  TYR A O   1 
ATOM   485 C  CB  . TYR A 1 64 ? -7.738  2.929   -0.411  1.00 19.17 ? 64  TYR A CB  1 
ATOM   486 C  CG  . TYR A 1 64 ? -7.341  3.922   -1.496  1.00 19.38 ? 64  TYR A CG  1 
ATOM   487 C  CD1 . TYR A 1 64 ? -7.634  5.278   -1.339  1.00 18.53 ? 64  TYR A CD1 1 
ATOM   488 C  CD2 . TYR A 1 64 ? -6.578  3.533   -2.588  1.00 17.24 ? 64  TYR A CD2 1 
ATOM   489 C  CE1 . TYR A 1 64 ? -7.249  6.199   -2.258  1.00 16.36 ? 64  TYR A CE1 1 
ATOM   490 C  CE2 . TYR A 1 64 ? -6.159  4.479   -3.550  1.00 19.35 ? 64  TYR A CE2 1 
ATOM   491 C  CZ  . TYR A 1 64 ? -6.493  5.819   -3.351  1.00 19.01 ? 64  TYR A CZ  1 
ATOM   492 O  OH  . TYR A 1 64 ? -6.086  6.808   -4.201  1.00 17.10 ? 64  TYR A OH  1 
ATOM   493 N  N   . ALA A 1 65 ? -6.837  2.392   2.987   1.00 21.60 ? 65  ALA A N   1 
ATOM   494 C  CA  . ALA A 1 65 ? -7.026  1.569   4.180   1.00 21.61 ? 65  ALA A CA  1 
ATOM   495 C  C   . ALA A 1 65 ? -8.351  1.897   4.813   1.00 22.15 ? 65  ALA A C   1 
ATOM   496 O  O   . ALA A 1 65 ? -8.623  3.035   5.084   1.00 21.94 ? 65  ALA A O   1 
ATOM   497 C  CB  . ALA A 1 65 ? -5.918  1.837   5.184   1.00 21.71 ? 65  ALA A CB  1 
ATOM   498 N  N   . SER A 1 66 ? -9.146  0.877   5.115   1.00 23.79 ? 66  SER A N   1 
ATOM   499 C  CA  . SER A 1 66 ? -10.472 1.094   5.655   1.00 24.04 ? 66  SER A CA  1 
ATOM   500 C  C   . SER A 1 66 ? -10.678 0.414   6.995   1.00 24.51 ? 66  SER A C   1 
ATOM   501 O  O   . SER A 1 66 ? -10.337 -0.768  7.200   1.00 25.14 ? 66  SER A O   1 
ATOM   502 C  CB  . SER A 1 66 ? -11.545 0.659   4.640   1.00 23.48 ? 66  SER A CB  1 
ATOM   503 O  OG  . SER A 1 66 ? -11.394 1.380   3.446   1.00 22.63 ? 66  SER A OG  1 
ATOM   504 N  N   . THR A 1 67 ? -11.253 1.190   7.908   1.00 25.51 ? 67  THR A N   1 
ATOM   505 C  CA  . THR A 1 67 ? -11.747 0.691   9.198   1.00 25.79 ? 67  THR A CA  1 
ATOM   506 C  C   . THR A 1 67 ? -13.180 1.145   9.367   1.00 25.82 ? 67  THR A C   1 
ATOM   507 O  O   . THR A 1 67 ? -13.454 2.346   9.334   1.00 25.34 ? 67  THR A O   1 
ATOM   508 C  CB  . THR A 1 67 ? -10.956 1.274   10.347  1.00 26.25 ? 67  THR A CB  1 
ATOM   509 O  OG1 . THR A 1 67 ? -9.555  1.031   10.137  1.00 25.37 ? 67  THR A OG1 1 
ATOM   510 C  CG2 . THR A 1 67 ? -11.449 0.656   11.669  1.00 26.50 ? 67  THR A CG2 1 
ATOM   511 N  N   . GLY A 1 68 ? -14.092 0.207   9.557   1.00 26.47 ? 68  GLY A N   1 
ATOM   512 C  CA  . GLY A 1 68 ? -15.505 0.554   9.616   1.00 26.83 ? 68  GLY A CA  1 
ATOM   513 C  C   . GLY A 1 68 ? -15.914 1.222   8.319   1.00 27.02 ? 68  GLY A C   1 
ATOM   514 O  O   . GLY A 1 68 ? -15.689 0.666   7.254   1.00 27.37 ? 68  GLY A O   1 
ATOM   515 N  N   . THR A 1 69 ? -16.482 2.424   8.395   1.00 27.44 ? 69  THR A N   1 
ATOM   516 C  CA  . THR A 1 69 ? -16.893 3.164   7.181   1.00 27.40 ? 69  THR A CA  1 
ATOM   517 C  C   . THR A 1 69 ? -15.891 4.231   6.723   1.00 27.43 ? 69  THR A C   1 
ATOM   518 O  O   . THR A 1 69 ? -16.191 4.997   5.810   1.00 27.64 ? 69  THR A O   1 
ATOM   519 C  CB  . THR A 1 69 ? -18.247 3.856   7.395   1.00 27.58 ? 69  THR A CB  1 
ATOM   520 O  OG1 . THR A 1 69 ? -18.159 4.662   8.563   1.00 27.47 ? 69  THR A OG1 1 
ATOM   521 C  CG2 . THR A 1 69 ? -19.364 2.833   7.574   1.00 28.35 ? 69  THR A CG2 1 
ATOM   522 N  N   . THR A 1 70 ? -14.697 4.272   7.327   1.00 27.16 ? 70  THR A N   1 
ATOM   523 C  CA  . THR A 1 70 ? -13.712 5.329   7.027   1.00 26.21 ? 70  THR A CA  1 
ATOM   524 C  C   . THR A 1 70 ? -12.550 4.807   6.207   1.00 25.77 ? 70  THR A C   1 
ATOM   525 O  O   . THR A 1 70 ? -11.859 3.903   6.634   1.00 26.77 ? 70  THR A O   1 
ATOM   526 C  CB  . THR A 1 70 ? -13.169 5.979   8.335   1.00 26.97 ? 70  THR A CB  1 
ATOM   527 O  OG1 . THR A 1 70 ? -14.260 6.243   9.239   1.00 26.69 ? 70  THR A OG1 1 
ATOM   528 C  CG2 . THR A 1 70 ? -12.427 7.281   8.045   1.00 26.42 ? 70  THR A CG2 1 
ATOM   529 N  N   . THR A 1 71 ? -12.326 5.404   5.037   1.00 25.05 ? 71  THR A N   1 
ATOM   530 C  CA  . THR A 1 71 ? -11.153 5.122   4.182   1.00 23.93 ? 71  THR A CA  1 
ATOM   531 C  C   . THR A 1 71 ? -10.121 6.298   4.214   1.00 23.41 ? 71  THR A C   1 
ATOM   532 O  O   . THR A 1 71 ? -10.456 7.495   4.085   1.00 22.67 ? 71  THR A O   1 
ATOM   533 C  CB  . THR A 1 71 ? -11.605 4.823   2.744   1.00 24.08 ? 71  THR A CB  1 
ATOM   534 O  OG1 . THR A 1 71 ? -12.524 3.734   2.730   1.00 21.28 ? 71  THR A OG1 1 
ATOM   535 C  CG2 . THR A 1 71 ? -10.435 4.498   1.821   1.00 24.63 ? 71  THR A CG2 1 
ATOM   536 N  N   . THR A 1 72 ? -8.856  5.919   4.401   1.00 22.54 ? 72  THR A N   1 
ATOM   537 C  CA  . THR A 1 72 ? -7.745  6.827   4.463   1.00 21.64 ? 72  THR A CA  1 
ATOM   538 C  C   . THR A 1 72 ? -6.802  6.398   3.385   1.00 21.16 ? 72  THR A C   1 
ATOM   539 O  O   . THR A 1 72 ? -6.419  5.231   3.306   1.00 21.76 ? 72  THR A O   1 
ATOM   540 C  CB  . THR A 1 72 ? -6.970  6.728   5.822   1.00 22.46 ? 72  THR A CB  1 
ATOM   541 O  OG1 . THR A 1 72 ? -7.880  6.908   6.901   1.00 20.96 ? 72  THR A OG1 1 
ATOM   542 C  CG2 . THR A 1 72 ? -5.859  7.775   5.920   1.00 21.54 ? 72  THR A CG2 1 
ATOM   543 N  N   . GLU A 1 73 ? -6.441  7.370   2.564   1.00 19.79 ? 73  GLU A N   1 
ATOM   544 C  CA  . GLU A 1 73 ? -5.402  7.243   1.603   1.00 18.80 ? 73  GLU A CA  1 
ATOM   545 C  C   . GLU A 1 73 ? -4.033  7.548   2.232   1.00 18.97 ? 73  GLU A C   1 
ATOM   546 O  O   . GLU A 1 73 ? -3.874  8.521   2.979   1.00 18.77 ? 73  GLU A O   1 
ATOM   547 C  CB  . GLU A 1 73 ? -5.689  8.185   0.476   1.00 18.31 ? 73  GLU A CB  1 
ATOM   548 C  CG  . GLU A 1 73 ? -4.775  8.144   -0.674  1.00 18.03 ? 73  GLU A CG  1 
ATOM   549 C  CD  . GLU A 1 73 ? -5.143  9.198   -1.650  1.00 16.99 ? 73  GLU A CD  1 
ATOM   550 O  OE1 . GLU A 1 73 ? -5.231  10.422  -1.257  1.00 14.76 ? 73  GLU A OE1 1 
ATOM   551 O  OE2 . GLU A 1 73 ? -5.375  8.816   -2.809  1.00 16.55 ? 73  GLU A OE2 1 
ATOM   552 N  N   . TRP A 1 74 ? -3.069  6.685   1.889   1.00 18.01 ? 74  TRP A N   1 
ATOM   553 C  CA  . TRP A 1 74 ? -1.687  6.802   2.234   1.00 17.55 ? 74  TRP A CA  1 
ATOM   554 C  C   . TRP A 1 74 ? -0.883  6.911   0.941   1.00 17.17 ? 74  TRP A C   1 
ATOM   555 O  O   . TRP A 1 74 ? -1.088  6.172   -0.019  1.00 15.87 ? 74  TRP A O   1 
ATOM   556 C  CB  . TRP A 1 74 ? -1.247  5.601   3.059   1.00 18.12 ? 74  TRP A CB  1 
ATOM   557 C  CG  . TRP A 1 74 ? -1.884  5.624   4.393   1.00 18.24 ? 74  TRP A CG  1 
ATOM   558 C  CD1 . TRP A 1 74 ? -2.924  4.852   4.820   1.00 17.53 ? 74  TRP A CD1 1 
ATOM   559 C  CD2 . TRP A 1 74 ? -1.575  6.522   5.457   1.00 18.53 ? 74  TRP A CD2 1 
ATOM   560 N  NE1 . TRP A 1 74 ? -3.244  5.184   6.131   1.00 19.48 ? 74  TRP A NE1 1 
ATOM   561 C  CE2 . TRP A 1 74 ? -2.433  6.212   6.535   1.00 17.60 ? 74  TRP A CE2 1 
ATOM   562 C  CE3 . TRP A 1 74 ? -0.625  7.533   5.624   1.00 19.48 ? 74  TRP A CE3 1 
ATOM   563 C  CZ2 . TRP A 1 74 ? -2.402  6.915   7.747   1.00 19.17 ? 74  TRP A CZ2 1 
ATOM   564 C  CZ3 . TRP A 1 74 ? -0.573  8.210   6.850   1.00 18.55 ? 74  TRP A CZ3 1 
ATOM   565 C  CH2 . TRP A 1 74 ? -1.468  7.909   7.882   1.00 19.31 ? 74  TRP A CH2 1 
ATOM   566 N  N   . CYS A 1 75 ? 0.044   7.838   0.936   1.00 17.66 ? 75  CYS A N   1 
ATOM   567 C  CA  . CYS A 1 75 ? 0.720   8.252   -0.295  1.00 18.50 ? 75  CYS A CA  1 
ATOM   568 C  C   . CYS A 1 75 ? 2.212   7.975   -0.164  1.00 19.46 ? 75  CYS A C   1 
ATOM   569 O  O   . CYS A 1 75 ? 2.888   8.500   0.722   1.00 20.47 ? 75  CYS A O   1 
ATOM   570 C  CB  . CYS A 1 75 ? 0.482   9.727   -0.515  1.00 18.46 ? 75  CYS A CB  1 
ATOM   571 S  SG  . CYS A 1 75 ? -1.264  10.230  -0.652  1.00 18.93 ? 75  CYS A SG  1 
ATOM   572 N  N   . TRP A 1 76 ? 2.738   7.137   -1.024  1.00 19.55 ? 76  TRP A N   1 
ATOM   573 C  CA  . TRP A 1 76 ? 4.167   7.097   -1.158  1.00 20.77 ? 76  TRP A CA  1 
ATOM   574 C  C   . TRP A 1 76 ? 4.531   7.910   -2.384  1.00 21.72 ? 76  TRP A C   1 
ATOM   575 O  O   . TRP A 1 76 ? 4.018   7.645   -3.459  1.00 22.84 ? 76  TRP A O   1 
ATOM   576 C  CB  . TRP A 1 76 ? 4.703   5.676   -1.301  1.00 19.66 ? 76  TRP A CB  1 
ATOM   577 C  CG  . TRP A 1 76 ? 6.175   5.698   -1.546  1.00 19.61 ? 76  TRP A CG  1 
ATOM   578 C  CD1 . TRP A 1 76 ? 6.784   5.822   -2.737  1.00 19.21 ? 76  TRP A CD1 1 
ATOM   579 C  CD2 . TRP A 1 76 ? 7.221   5.616   -0.561  1.00 18.56 ? 76  TRP A CD2 1 
ATOM   580 N  NE1 . TRP A 1 76 ? 8.144   5.803   -2.580  1.00 20.60 ? 76  TRP A NE1 1 
ATOM   581 C  CE2 . TRP A 1 76 ? 8.448   5.683   -1.255  1.00 17.86 ? 76  TRP A CE2 1 
ATOM   582 C  CE3 . TRP A 1 76 ? 7.239   5.491   0.812   1.00 17.00 ? 76  TRP A CE3 1 
ATOM   583 C  CZ2 . TRP A 1 76 ? 9.697   5.618   -0.611  1.00 18.78 ? 76  TRP A CZ2 1 
ATOM   584 C  CZ3 . TRP A 1 76 ? 8.505   5.413   1.475   1.00 19.60 ? 76  TRP A CZ3 1 
ATOM   585 C  CH2 . TRP A 1 76 ? 9.708   5.482   0.742   1.00 18.97 ? 76  TRP A CH2 1 
ATOM   586 N  N   . ASP A 1 77 ? 5.412   8.896   -2.223  1.00 22.82 ? 77  ASP A N   1 
ATOM   587 C  CA  . ASP A 1 77 ? 5.853   9.727   -3.338  1.00 23.46 ? 77  ASP A CA  1 
ATOM   588 C  C   . ASP A 1 77 ? 7.358   9.894   -3.386  1.00 24.99 ? 77  ASP A C   1 
ATOM   589 O  O   . ASP A 1 77 ? 7.869   10.841  -3.999  1.00 25.68 ? 77  ASP A O   1 
ATOM   590 C  CB  . ASP A 1 77 ? 5.176   11.105  -3.281  1.00 24.27 ? 77  ASP A CB  1 
ATOM   591 C  CG  . ASP A 1 77 ? 3.662   11.020  -3.285  1.00 22.85 ? 77  ASP A CG  1 
ATOM   592 O  OD1 . ASP A 1 77 ? 3.075   10.812  -4.369  1.00 22.25 ? 77  ASP A OD1 1 
ATOM   593 O  OD2 . ASP A 1 77 ? 3.054   11.144  -2.193  1.00 25.73 ? 77  ASP A OD2 1 
ATOM   594 N  N   . GLY A 1 78 ? 8.077   8.941   -2.788  1.00 26.24 ? 78  GLY A N   1 
ATOM   595 C  CA  . GLY A 1 78 ? 9.524   8.859   -2.930  1.00 26.66 ? 78  GLY A CA  1 
ATOM   596 C  C   . GLY A 1 78 ? 10.322  9.101   -1.657  1.00 27.66 ? 78  GLY A C   1 
ATOM   597 O  O   . GLY A 1 78 ? 11.547  8.877   -1.638  1.00 28.91 ? 78  GLY A O   1 
ATOM   598 N  N   . ASN A 1 79 ? 9.651   9.560   -0.604  1.00 27.52 ? 79  ASN A N   1 
ATOM   599 C  CA  . ASN A 1 79 ? 10.315  9.917   0.645   1.00 27.78 ? 79  ASN A CA  1 
ATOM   600 C  C   . ASN A 1 79 ? 9.728   9.243   1.867   1.00 27.48 ? 79  ASN A C   1 
ATOM   601 O  O   . ASN A 1 79 ? 10.475  8.798   2.754   1.00 28.51 ? 79  ASN A O   1 
ATOM   602 C  CB  . ASN A 1 79 ? 10.254  11.419  0.841   1.00 28.47 ? 79  ASN A CB  1 
ATOM   603 C  CG  . ASN A 1 79 ? 10.851  12.166  -0.337  1.00 32.05 ? 79  ASN A CG  1 
ATOM   604 O  OD1 . ASN A 1 79 ? 10.125  12.759  -1.167  1.00 37.47 ? 79  ASN A OD1 1 
ATOM   605 N  ND2 . ASN A 1 79 ? 12.184  12.100  -0.452  1.00 35.13 ? 79  ASN A ND2 1 
ATOM   606 N  N   . GLY A 1 80 ? 8.410   9.194   1.934   1.00 26.34 ? 80  GLY A N   1 
ATOM   607 C  CA  . GLY A 1 80 ? 7.732   8.538   3.071   1.00 25.63 ? 80  GLY A CA  1 
ATOM   608 C  C   . GLY A 1 80 ? 6.236   8.522   2.840   1.00 24.83 ? 80  GLY A C   1 
ATOM   609 O  O   . GLY A 1 80 ? 5.747   9.082   1.841   1.00 24.17 ? 80  GLY A O   1 
ATOM   610 N  N   . TRP A 1 81 ? 5.514   7.869   3.751   1.00 23.90 ? 81  TRP A N   1 
ATOM   611 C  CA  . TRP A 1 81 ? 4.066   7.731   3.646   1.00 23.01 ? 81  TRP A CA  1 
ATOM   612 C  C   . TRP A 1 81 ? 3.394   8.926   4.296   1.00 23.32 ? 81  TRP A C   1 
ATOM   613 O  O   . TRP A 1 81 ? 3.652   9.239   5.455   1.00 23.52 ? 81  TRP A O   1 
ATOM   614 C  CB  . TRP A 1 81 ? 3.595   6.435   4.308   1.00 21.86 ? 81  TRP A CB  1 
ATOM   615 C  CG  . TRP A 1 81 ? 4.043   5.213   3.582   1.00 20.06 ? 81  TRP A CG  1 
ATOM   616 C  CD1 . TRP A 1 81 ? 5.110   4.409   3.894   1.00 21.33 ? 81  TRP A CD1 1 
ATOM   617 C  CD2 . TRP A 1 81 ? 3.457   4.659   2.409   1.00 20.06 ? 81  TRP A CD2 1 
ATOM   618 N  NE1 . TRP A 1 81 ? 5.228   3.391   2.965   1.00 21.59 ? 81  TRP A NE1 1 
ATOM   619 C  CE2 . TRP A 1 81 ? 4.200   3.508   2.065   1.00 21.87 ? 81  TRP A CE2 1 
ATOM   620 C  CE3 . TRP A 1 81 ? 2.352   5.006   1.621   1.00 21.92 ? 81  TRP A CE3 1 
ATOM   621 C  CZ2 . TRP A 1 81 ? 3.884   2.729   0.959   1.00 21.49 ? 81  TRP A CZ2 1 
ATOM   622 C  CZ3 . TRP A 1 81 ? 2.036   4.216   0.536   1.00 21.20 ? 81  TRP A CZ3 1 
ATOM   623 C  CH2 . TRP A 1 81 ? 2.804   3.100   0.210   1.00 21.11 ? 81  TRP A CH2 1 
ATOM   624 N  N   . THR A 1 82 ? 2.542   9.600   3.530   1.00 23.23 ? 82  THR A N   1 
ATOM   625 C  CA  . THR A 1 82 ? 1.812   10.757  4.001   1.00 23.53 ? 82  THR A CA  1 
ATOM   626 C  C   . THR A 1 82 ? 0.363   10.482  3.737   1.00 23.87 ? 82  THR A C   1 
ATOM   627 O  O   . THR A 1 82 ? 0.022   9.629   2.916   1.00 23.90 ? 82  THR A O   1 
ATOM   628 C  CB  . THR A 1 82 ? 2.295   12.050  3.330   1.00 23.35 ? 82  THR A CB  1 
ATOM   629 O  OG1 . THR A 1 82 ? 2.320   11.894  1.901   1.00 25.49 ? 82  THR A OG1 1 
ATOM   630 C  CG2 . THR A 1 82 ? 3.735   12.409  3.870   1.00 22.30 ? 82  THR A CG2 1 
ATOM   631 N  N   . LYS A 1 83 ? -0.492  11.135  4.504   1.00 24.48 ? 83  LYS A N   1 
ATOM   632 C  CA  . LYS A 1 83 ? -1.924  10.934  4.394   1.00 24.66 ? 83  LYS A CA  1 
ATOM   633 C  C   . LYS A 1 83 ? -2.478  11.798  3.269   1.00 23.83 ? 83  LYS A C   1 
ATOM   634 O  O   . LYS A 1 83 ? -2.238  13.008  3.236   1.00 23.25 ? 83  LYS A O   1 
ATOM   635 C  CB  . LYS A 1 83 ? -2.591  11.265  5.727   1.00 24.70 ? 83  LYS A CB  1 
ATOM   636 C  CG  . LYS A 1 83 ? -4.052  11.030  5.760   1.00 26.46 ? 83  LYS A CG  1 
ATOM   637 C  CD  . LYS A 1 83 ? -4.624  11.370  7.140   1.00 28.25 ? 83  LYS A CD  1 
ATOM   638 C  CE  . LYS A 1 83 ? -4.104  10.386  8.243   1.00 32.54 ? 83  LYS A CE  1 
ATOM   639 N  NZ  . LYS A 1 83 ? -4.572  10.760  9.643   1.00 32.72 ? 83  LYS A NZ  1 
ATOM   640 N  N   . GLY A 1 84 ? -3.234  11.177  2.362   1.00 22.18 ? 84  GLY A N   1 
ATOM   641 C  CA  . GLY A 1 84 ? -3.613  11.824  1.115   1.00 22.67 ? 84  GLY A CA  1 
ATOM   642 C  C   . GLY A 1 84 ? -4.910  12.593  1.208   1.00 22.32 ? 84  GLY A C   1 
ATOM   643 O  O   . GLY A 1 84 ? -5.615  12.488  2.205   1.00 22.39 ? 84  GLY A O   1 
ATOM   644 N  N   . ALA A 1 85 ? -5.232  13.350  0.160   1.00 21.35 ? 85  ALA A N   1 
ATOM   645 C  CA  . ALA A 1 85 ? -6.482  14.127  0.133   1.00 22.12 ? 85  ALA A CA  1 
ATOM   646 C  C   . ALA A 1 85 ? -7.797  13.326  0.228   1.00 21.80 ? 85  ALA A C   1 
ATOM   647 O  O   . ALA A 1 85 ? -8.808  13.907  0.635   1.00 23.98 ? 85  ALA A O   1 
ATOM   648 C  CB  . ALA A 1 85 ? -6.531  15.033  -1.077  1.00 21.93 ? 85  ALA A CB  1 
ATOM   649 N  N   . TYR A 1 86 ? -7.798  12.040  -0.136  1.00 20.57 ? 86  TYR A N   1 
ATOM   650 C  CA  . TYR A 1 86 ? -9.026  11.236  -0.261  1.00 20.62 ? 86  TYR A CA  1 
ATOM   651 C  C   . TYR A 1 86 ? -10.008 11.422  0.859   1.00 21.25 ? 86  TYR A C   1 
ATOM   652 O  O   . TYR A 1 86 ? -9.672  11.264  2.051   1.00 23.03 ? 86  TYR A O   1 
ATOM   653 C  CB  . TYR A 1 86 ? -8.748  9.709   -0.288  1.00 19.16 ? 86  TYR A CB  1 
ATOM   654 C  CG  . TYR A 1 86 ? -9.986  8.824   -0.509  1.00 17.45 ? 86  TYR A CG  1 
ATOM   655 C  CD1 . TYR A 1 86 ? -10.418 8.525   -1.787  1.00 16.48 ? 86  TYR A CD1 1 
ATOM   656 C  CD2 . TYR A 1 86 ? -10.700 8.271   0.568   1.00 18.96 ? 86  TYR A CD2 1 
ATOM   657 C  CE1 . TYR A 1 86 ? -11.495 7.738   -2.033  1.00 15.22 ? 86  TYR A CE1 1 
ATOM   658 C  CE2 . TYR A 1 86 ? -11.796 7.463   0.345   1.00 16.64 ? 86  TYR A CE2 1 
ATOM   659 C  CZ  . TYR A 1 86 ? -12.183 7.199   -0.953  1.00 16.14 ? 86  TYR A CZ  1 
ATOM   660 O  OH  . TYR A 1 86 ? -13.251 6.407   -1.202  1.00 14.82 ? 86  TYR A OH  1 
ATOM   661 N  N   . THR A 1 87 ? -11.252 11.664  0.456   1.00 21.80 ? 87  THR A N   1 
ATOM   662 C  CA  . THR A 1 87 ? -12.384 11.647  1.363   1.00 21.75 ? 87  THR A CA  1 
ATOM   663 C  C   . THR A 1 87 ? -13.531 10.919  0.663   1.00 22.51 ? 87  THR A C   1 
ATOM   664 O  O   . THR A 1 87 ? -13.596 10.871  -0.584  1.00 21.03 ? 87  THR A O   1 
ATOM   665 C  CB  . THR A 1 87 ? -12.857 13.074  1.741   1.00 20.95 ? 87  THR A CB  1 
ATOM   666 O  OG1 . THR A 1 87 ? -13.059 13.836  0.541   1.00 22.06 ? 87  THR A OG1 1 
ATOM   667 C  CG2 . THR A 1 87 ? -11.811 13.779  2.644   1.00 19.39 ? 87  THR A CG2 1 
ATOM   668 N  N   . ALA A 1 88 ? -14.412 10.348  1.480   1.00 22.61 ? 88  ALA A N   1 
ATOM   669 C  CA  . ALA A 1 88 ? -15.649 9.718   1.030   1.00 24.61 ? 88  ALA A CA  1 
ATOM   670 C  C   . ALA A 1 88 ? -16.711 9.858   2.122   1.00 25.21 ? 88  ALA A C   1 
ATOM   671 O  O   . ALA A 1 88 ? -16.416 10.163  3.268   1.00 26.27 ? 88  ALA A O   1 
ATOM   672 C  CB  . ALA A 1 88 ? -15.435 8.259   0.719   1.00 24.10 ? 88  ALA A CB  1 
ATOM   673 N  N   . THR A 1 89 ? -17.943 9.646   1.739   1.00 26.95 ? 89  THR A N   1 
ATOM   674 C  CA  . THR A 1 89 ? -19.058 9.618   2.686   1.00 28.36 ? 89  THR A CA  1 
ATOM   675 C  C   . THR A 1 89 ? -19.706 8.241   2.643   1.00 29.51 ? 89  THR A C   1 
ATOM   676 O  O   . THR A 1 89 ? -20.630 7.997   1.848   1.00 30.38 ? 89  THR A O   1 
ATOM   677 C  CB  . THR A 1 89 ? -20.131 10.687  2.335   1.00 28.66 ? 89  THR A CB  1 
ATOM   678 O  OG1 . THR A 1 89 ? -19.500 11.956  2.135   1.00 28.78 ? 89  THR A OG1 1 
ATOM   679 C  CG2 . THR A 1 89 ? -21.157 10.820  3.495   1.00 28.67 ? 89  THR A CG2 1 
ATOM   680 N  N   . ASN A 1 90 ? -19.196 7.322   3.452   1.00 30.14 ? 90  ASN A N   1 
ATOM   681 C  CA  . ASN A 1 90 ? -19.730 5.963   3.464   1.00 30.12 ? 90  ASN A CA  1 
ATOM   682 C  C   . ASN A 1 90 ? -20.615 5.833   4.710   1.00 31.38 ? 90  ASN A C   1 
ATOM   683 O  O   . ASN A 1 90 ? -21.396 4.885   4.842   1.00 31.76 ? 90  ASN A O   1 
ATOM   684 C  CB  . ASN A 1 90 ? -18.603 4.909   3.454   1.00 30.30 ? 90  ASN A CB  1 
ATOM   685 C  CG  . ASN A 1 90 ? -17.558 5.126   2.312   1.00 30.11 ? 90  ASN A CG  1 
ATOM   686 O  OD1 . ASN A 1 90 ? -16.317 5.162   2.546   1.00 28.68 ? 90  ASN A OD1 1 
ATOM   687 N  ND2 . ASN A 1 90 ? -18.052 5.223   1.094   1.00 27.44 ? 90  ASN A ND2 1 
ATOM   688 O  OXT . ASN A 1 90 ? -20.586 6.695   5.623   1.00 31.54 ? 90  ASN A OXT 1 
HETATM 689 C  C2  . BGC B 2 .  ? 14.494  0.686   -4.746  1.00 42.10 ? 1   BGC B C2  1 
HETATM 690 C  C3  . BGC B 2 .  ? 14.275  0.460   -3.279  1.00 39.08 ? 1   BGC B C3  1 
HETATM 691 C  C4  . BGC B 2 .  ? 13.599  1.688   -2.657  1.00 38.40 ? 1   BGC B C4  1 
HETATM 692 C  C5  . BGC B 2 .  ? 12.475  2.342   -3.534  1.00 41.34 ? 1   BGC B C5  1 
HETATM 693 C  C6  . BGC B 2 .  ? 12.356  3.866   -3.341  1.00 42.59 ? 1   BGC B C6  1 
HETATM 694 C  C1  . BGC B 2 .  ? 13.095  0.868   -5.308  1.00 43.30 ? 1   BGC B C1  1 
HETATM 695 O  O1  . BGC B 2 .  ? 13.181  0.708   -6.705  1.00 46.25 ? 1   BGC B O1  1 
HETATM 696 O  O2  . BGC B 2 .  ? 15.209  -0.390  -5.332  1.00 42.81 ? 1   BGC B O2  1 
HETATM 697 O  O3  . BGC B 2 .  ? 15.526  0.168   -2.705  1.00 39.40 ? 1   BGC B O3  1 
HETATM 698 O  O4  . BGC B 2 .  ? 13.092  1.234   -1.392  1.00 32.02 ? 1   BGC B O4  1 
HETATM 699 O  O5  . BGC B 2 .  ? 12.612  2.158   -4.933  1.00 42.59 ? 1   BGC B O5  1 
HETATM 700 O  O6  . BGC B 2 .  ? 11.190  4.440   -3.923  1.00 45.00 ? 1   BGC B O6  1 
HETATM 701 C  C1  . GAL B 2 .  ? 13.255  2.125   -0.285  1.00 30.71 ? 2   GAL B C1  1 
HETATM 702 C  C2  . GAL B 2 .  ? 12.364  1.667   0.885   1.00 28.73 ? 2   GAL B C2  1 
HETATM 703 C  C3  . GAL B 2 .  ? 12.625  2.535   2.102   1.00 31.00 ? 2   GAL B C3  1 
HETATM 704 C  C4  . GAL B 2 .  ? 14.116  2.581   2.420   1.00 35.00 ? 2   GAL B C4  1 
HETATM 705 C  C5  . GAL B 2 .  ? 14.798  3.147   1.183   1.00 37.20 ? 2   GAL B C5  1 
HETATM 706 C  C6  . GAL B 2 .  ? 16.274  3.481   1.412   1.00 39.09 ? 2   GAL B C6  1 
HETATM 707 O  O2  . GAL B 2 .  ? 10.992  1.857   0.577   1.00 22.96 ? 2   GAL B O2  1 
HETATM 708 O  O3  . GAL B 2 .  ? 11.888  2.046   3.196   1.00 32.25 ? 2   GAL B O3  1 
HETATM 709 O  O4  . GAL B 2 .  ? 14.598  1.277   2.701   1.00 35.65 ? 2   GAL B O4  1 
HETATM 710 O  O5  . GAL B 2 .  ? 14.617  2.222   0.118   1.00 33.84 ? 2   GAL B O5  1 
HETATM 711 O  O6  . GAL B 2 .  ? 16.845  3.732   0.135   1.00 42.55 ? 2   GAL B O6  1 
HETATM 712 C  C1  . FUC B 2 .  ? 10.245  0.711   0.179   1.00 17.83 ? 3   FUC B C1  1 
HETATM 713 C  C2  . FUC B 2 .  ? 9.179   0.520   1.260   1.00 18.28 ? 3   FUC B C2  1 
HETATM 714 C  C3  . FUC B 2 .  ? 8.177   1.677   1.188   1.00 13.72 ? 3   FUC B C3  1 
HETATM 715 C  C4  . FUC B 2 .  ? 7.560   1.715   -0.200  1.00 18.94 ? 3   FUC B C4  1 
HETATM 716 C  C5  . FUC B 2 .  ? 8.693   1.982   -1.185  1.00 15.89 ? 3   FUC B C5  1 
HETATM 717 C  C6  . FUC B 2 .  ? 8.157   2.000   -2.592  1.00 17.24 ? 3   FUC B C6  1 
HETATM 718 O  O2  . FUC B 2 .  ? 9.808   0.473   2.530   1.00 15.03 ? 3   FUC B O2  1 
HETATM 719 O  O3  . FUC B 2 .  ? 7.160   1.489   2.101   1.00 18.94 ? 3   FUC B O3  1 
HETATM 720 O  O4  . FUC B 2 .  ? 6.929   0.501   -0.571  1.00 18.23 ? 3   FUC B O4  1 
HETATM 721 O  O5  . FUC B 2 .  ? 9.640   0.942   -1.072  1.00 19.04 ? 3   FUC B O5  1 
HETATM 722 C  C2  . BGC C 2 .  ? 3.832   15.020  -5.210  1.00 41.11 ? 1   BGC C C2  1 
HETATM 723 C  C3  . BGC C 2 .  ? 2.475   15.288  -4.564  1.00 41.01 ? 1   BGC C C3  1 
HETATM 724 C  C4  . BGC C 2 .  ? 1.332   15.414  -5.598  1.00 39.93 ? 1   BGC C C4  1 
HETATM 725 C  C5  . BGC C 2 .  ? 1.379   14.282  -6.629  1.00 40.49 ? 1   BGC C C5  1 
HETATM 726 C  C6  . BGC C 2 .  ? 0.351   14.469  -7.730  1.00 40.82 ? 1   BGC C C6  1 
HETATM 727 C  C1  . BGC C 2 .  ? 3.733   13.957  -6.310  1.00 40.87 ? 1   BGC C C1  1 
HETATM 728 O  O1  . BGC C 2 .  ? 4.927   13.985  -7.059  1.00 41.91 ? 1   BGC C O1  1 
HETATM 729 O  O2  . BGC C 2 .  ? 4.741   14.646  -4.183  1.00 39.50 ? 1   BGC C O2  1 
HETATM 730 O  O3  . BGC C 2 .  ? 2.619   16.443  -3.761  1.00 41.83 ? 1   BGC C O3  1 
HETATM 731 O  O4  . BGC C 2 .  ? 0.119   15.244  -4.902  1.00 39.51 ? 1   BGC C O4  1 
HETATM 732 O  O5  . BGC C 2 .  ? 2.662   14.201  -7.212  1.00 40.66 ? 1   BGC C O5  1 
HETATM 733 O  O6  . BGC C 2 .  ? 0.294   13.257  -8.450  1.00 43.13 ? 1   BGC C O6  1 
HETATM 734 C  C1  . GAL C 2 .  ? -0.817  16.320  -4.997  1.00 33.59 ? 2   GAL C C1  1 
HETATM 735 C  C2  . GAL C 2 .  ? -1.853  15.987  -3.934  1.00 30.06 ? 2   GAL C C2  1 
HETATM 736 C  C3  . GAL C 2 .  ? -2.794  17.165  -3.650  1.00 30.01 ? 2   GAL C C3  1 
HETATM 737 C  C4  . GAL C 2 .  ? -2.038  18.505  -3.555  1.00 30.33 ? 2   GAL C C4  1 
HETATM 738 C  C5  . GAL C 2 .  ? -1.217  18.622  -4.834  1.00 34.57 ? 2   GAL C C5  1 
HETATM 739 C  C6  . GAL C 2 .  ? -0.686  20.040  -5.096  1.00 34.34 ? 2   GAL C C6  1 
HETATM 740 O  O2  . GAL C 2 .  ? -2.668  14.915  -4.355  1.00 24.13 ? 2   GAL C O2  1 
HETATM 741 O  O3  . GAL C 2 .  ? -3.537  16.866  -2.500  1.00 29.46 ? 2   GAL C O3  1 
HETATM 742 O  O4  . GAL C 2 .  ? -1.208  18.567  -2.424  1.00 31.85 ? 2   GAL C O4  1 
HETATM 743 O  O5  . GAL C 2 .  ? -0.229  17.597  -4.755  1.00 35.18 ? 2   GAL C O5  1 
HETATM 744 O  O6  . GAL C 2 .  ? 0.496   20.210  -4.345  1.00 35.23 ? 2   GAL C O6  1 
HETATM 745 C  C1  . FUC C 2 .  ? -2.256  13.619  -3.890  1.00 21.24 ? 3   FUC C C1  1 
HETATM 746 C  C2  . FUC C 2 .  ? -3.341  13.039  -3.018  1.00 20.47 ? 3   FUC C C2  1 
HETATM 747 C  C3  . FUC C 2 .  ? -4.595  12.774  -3.892  1.00 20.56 ? 3   FUC C C3  1 
HETATM 748 C  C4  . FUC C 2 .  ? -4.237  11.852  -5.069  1.00 19.72 ? 3   FUC C C4  1 
HETATM 749 C  C5  . FUC C 2 .  ? -3.109  12.514  -5.852  1.00 20.87 ? 3   FUC C C5  1 
HETATM 750 C  C6  . FUC C 2 .  ? -2.611  11.740  -7.087  1.00 17.99 ? 3   FUC C C6  1 
HETATM 751 O  O2  . FUC C 2 .  ? -3.541  13.971  -1.998  1.00 17.41 ? 3   FUC C O2  1 
HETATM 752 O  O3  . FUC C 2 .  ? -5.639  12.243  -3.126  1.00 19.50 ? 3   FUC C O3  1 
HETATM 753 O  O4  . FUC C 2 .  ? -3.866  10.565  -4.576  1.00 24.20 ? 3   FUC C O4  1 
HETATM 754 O  O5  . FUC C 2 .  ? -2.004  12.763  -4.986  1.00 22.38 ? 3   FUC C O5  1 
HETATM 755 CL CL  . CL  D 3 .  ? 13.185  -14.144 -1.196  0.50 15.47 ? 807 CL  A CL  1 
HETATM 756 O  O   . HOH E 4 .  ? -10.471 9.882   4.312   1.00 26.48 ? 901 HOH A O   1 
HETATM 757 O  O   . HOH E 4 .  ? 5.244   -2.987  6.918   1.00 17.39 ? 902 HOH A O   1 
HETATM 758 O  O   . HOH E 4 .  ? -8.221  2.275   8.497   1.00 23.21 ? 903 HOH A O   1 
HETATM 759 O  O   . HOH E 4 .  ? 15.060  -9.802  2.237   0.50 8.79  ? 904 HOH A O   1 
HETATM 760 O  O   . HOH E 4 .  ? 1.938   -8.295  2.856   1.00 20.69 ? 905 HOH A O   1 
HETATM 761 O  O   . HOH E 4 .  ? -14.105 4.799   0.531   1.00 11.48 ? 906 HOH A O   1 
HETATM 762 O  O   . HOH E 4 .  ? 18.533  -8.167  -0.902  1.00 18.97 ? 907 HOH A O   1 
HETATM 763 O  O   . HOH E 4 .  ? -4.101  0.302   -10.660 1.00 26.15 ? 908 HOH A O   1 
HETATM 764 O  O   . HOH E 4 .  ? 12.469  -1.553  -9.620  1.00 31.27 ? 909 HOH A O   1 
HETATM 765 O  O   . HOH E 4 .  ? -4.477  -13.025 -0.549  1.00 17.97 ? 910 HOH A O   1 
HETATM 766 O  O   . HOH E 4 .  ? 15.617  -0.712  -0.215  1.00 40.77 ? 911 HOH A O   1 
HETATM 767 O  O   . HOH E 4 .  ? 4.413   11.453  0.345   1.00 34.14 ? 912 HOH A O   1 
HETATM 768 O  O   . HOH E 4 .  ? -0.600  -7.043  8.640   1.00 22.61 ? 913 HOH A O   1 
HETATM 769 O  O   . HOH E 4 .  ? -18.550 12.043  -0.339  1.00 23.39 ? 914 HOH A O   1 
HETATM 770 O  O   . HOH E 4 .  ? 14.328  -7.333  -3.243  1.00 21.14 ? 915 HOH A O   1 
HETATM 771 O  O   . HOH E 4 .  ? -9.618  -2.336  13.206  1.00 28.41 ? 916 HOH A O   1 
HETATM 772 O  O   . HOH E 4 .  ? 6.682   10.544  -0.230  1.00 22.55 ? 917 HOH A O   1 
HETATM 773 O  O   . HOH E 4 .  ? -9.197  4.785   7.959   1.00 19.79 ? 918 HOH A O   1 
HETATM 774 O  O   . HOH E 4 .  ? 1.157   22.768  -5.048  1.00 34.86 ? 919 HOH A O   1 
HETATM 775 O  O   . HOH E 4 .  ? 1.307   13.250  -2.204  1.00 25.13 ? 920 HOH A O   1 
HETATM 776 O  O   . HOH E 4 .  ? 13.042  -4.327  6.199   1.00 21.44 ? 921 HOH A O   1 
HETATM 777 O  O   . HOH E 4 .  ? -14.140 7.381   4.371   1.00 21.19 ? 922 HOH A O   1 
HETATM 778 O  O   . HOH E 4 .  ? -5.108  3.962   7.816   1.00 32.29 ? 923 HOH A O   1 
HETATM 779 O  O   . HOH E 4 .  ? 6.297   7.630   -16.457 1.00 26.75 ? 924 HOH A O   1 
HETATM 780 O  O   . HOH E 4 .  ? 15.322  -3.287  -1.883  1.00 25.54 ? 925 HOH A O   1 
HETATM 781 O  O   . HOH E 4 .  ? 12.744  9.399   -13.096 1.00 29.56 ? 926 HOH A O   1 
HETATM 782 O  O   . HOH E 4 .  ? -8.123  -9.279  -1.568  1.00 28.33 ? 927 HOH A O   1 
HETATM 783 O  O   . HOH E 4 .  ? 12.352  -10.159 -10.151 1.00 19.50 ? 928 HOH A O   1 
HETATM 784 O  O   . HOH E 4 .  ? 2.945   -3.818  -13.488 1.00 22.73 ? 929 HOH A O   1 
HETATM 785 O  O   . HOH E 4 .  ? -7.286  10.181  3.175   1.00 15.47 ? 930 HOH A O   1 
HETATM 786 O  O   . HOH E 4 .  ? 2.764   0.616   -11.713 1.00 24.51 ? 931 HOH A O   1 
HETATM 787 O  O   . HOH E 4 .  ? -4.450  -5.516  -5.872  1.00 17.33 ? 932 HOH A O   1 
HETATM 788 O  O   . HOH E 4 .  ? -5.569  -3.218  -5.201  1.00 25.20 ? 933 HOH A O   1 
HETATM 789 O  O   . HOH E 4 .  ? -10.971 15.308  -0.870  1.00 27.65 ? 934 HOH A O   1 
HETATM 790 O  O   . HOH E 4 .  ? -8.189  -1.027  11.859  1.00 24.60 ? 935 HOH A O   1 
HETATM 791 O  O   . HOH E 4 .  ? 11.086  -2.598  -11.809 1.00 30.44 ? 936 HOH A O   1 
HETATM 792 O  O   . HOH E 4 .  ? 3.649   3.889   7.579   1.00 25.04 ? 937 HOH A O   1 
HETATM 793 O  O   . HOH E 4 .  ? 11.319  4.488   -7.631  1.00 41.73 ? 938 HOH A O   1 
HETATM 794 O  O   . HOH E 4 .  ? -0.826  0.067   -11.666 1.00 31.34 ? 939 HOH A O   1 
HETATM 795 O  O   . HOH E 4 .  ? -3.747  15.437  2.486   1.00 16.86 ? 940 HOH A O   1 
HETATM 796 O  O   . HOH E 4 .  ? -11.326 -6.596  4.328   1.00 19.82 ? 941 HOH A O   1 
HETATM 797 O  O   . HOH E 4 .  ? -21.265 14.132  3.147   1.00 38.30 ? 942 HOH A O   1 
HETATM 798 O  O   . HOH E 4 .  ? 2.571   11.997  -9.915  1.00 34.57 ? 943 HOH A O   1 
HETATM 799 O  O   . HOH E 4 .  ? 5.522   -0.072  -15.064 1.00 14.47 ? 944 HOH A O   1 
HETATM 800 O  O   . HOH E 4 .  ? -0.683  0.254   12.630  1.00 34.20 ? 945 HOH A O   1 
HETATM 801 O  O   . HOH E 4 .  ? -2.698  5.972   11.338  1.00 30.27 ? 946 HOH A O   1 
HETATM 802 O  O   . HOH E 4 .  ? -13.341 9.930   4.288   1.00 26.00 ? 947 HOH A O   1 
HETATM 803 O  O   . HOH E 4 .  ? 5.547   -3.447  9.252   1.00 29.72 ? 948 HOH A O   1 
HETATM 804 O  O   . HOH E 4 .  ? 0.432   13.869  0.528   1.00 31.92 ? 949 HOH A O   1 
HETATM 805 O  O   . HOH E 4 .  ? -19.014 7.938   -0.763  1.00 32.50 ? 950 HOH A O   1 
HETATM 806 O  O   . HOH E 4 .  ? 8.580   -1.966  9.144   1.00 27.54 ? 951 HOH A O   1 
HETATM 807 O  O   . HOH E 4 .  ? 0.272   12.068  7.350   1.00 24.51 ? 952 HOH A O   1 
HETATM 808 O  O   . HOH E 4 .  ? 7.488   6.441   5.687   1.00 20.21 ? 953 HOH A O   1 
HETATM 809 O  O   . HOH E 4 .  ? -15.975 4.282   10.990  1.00 33.92 ? 954 HOH A O   1 
HETATM 810 O  O   . HOH E 4 .  ? 7.127   12.603  -0.196  1.00 23.25 ? 955 HOH A O   1 
HETATM 811 O  O   . HOH E 4 .  ? 2.777   3.771   -14.807 1.00 19.49 ? 956 HOH A O   1 
HETATM 812 O  O   . HOH E 4 .  ? -2.491  -2.229  -8.541  1.00 37.02 ? 957 HOH A O   1 
HETATM 813 O  O   . HOH E 4 .  ? 0.146   16.271  -0.647  1.00 31.94 ? 958 HOH A O   1 
HETATM 814 O  O   . HOH E 4 .  ? 9.933   7.262   -5.877  1.00 35.27 ? 959 HOH A O   1 
HETATM 815 O  O   . HOH E 4 .  ? 12.920  -0.890  4.489   1.00 25.87 ? 960 HOH A O   1 
HETATM 816 O  O   . HOH E 4 .  ? -19.202 9.828   -1.367  1.00 76.15 ? 961 HOH A O   1 
HETATM 817 O  O   . HOH E 4 .  ? 7.961   12.106  -9.473  1.00 31.83 ? 962 HOH A O   1 
HETATM 818 O  O   . HOH E 4 .  ? -8.588  -7.450  9.319   1.00 21.37 ? 963 HOH A O   1 
HETATM 819 O  O   . HOH E 4 .  ? -6.052  -6.230  -4.211  1.00 32.41 ? 964 HOH A O   1 
HETATM 820 O  O   . HOH E 4 .  ? 13.384  6.301   -0.314  1.00 44.54 ? 965 HOH A O   1 
HETATM 821 O  O   . HOH E 4 .  ? 12.064  -4.793  8.523   1.00 29.95 ? 966 HOH A O   1 
HETATM 822 O  O   . HOH E 4 .  ? -7.294  -12.954 10.929  1.00 43.15 ? 967 HOH A O   1 
HETATM 823 O  O   . HOH E 4 .  ? -11.474 -13.716 3.940   1.00 33.10 ? 968 HOH A O   1 
HETATM 824 O  O   . HOH E 4 .  ? -9.025  -9.193  7.876   1.00 36.10 ? 969 HOH A O   1 
HETATM 825 O  O   . HOH E 4 .  ? 10.466  5.518   4.676   1.00 37.48 ? 970 HOH A O   1 
HETATM 826 O  O   . HOH E 4 .  ? -11.110 -7.902  -0.734  0.33 40.45 ? 971 HOH A O   1 
HETATM 827 O  O   . HOH E 4 .  ? 11.989  -0.018  6.560   1.00 34.75 ? 972 HOH A O   1 
HETATM 828 O  O   . HOH E 4 .  ? 16.005  -2.326  1.858   1.00 43.97 ? 973 HOH A O   1 
HETATM 829 O  O   . HOH E 4 .  ? 16.011  -5.386  -2.342  1.00 19.54 ? 974 HOH A O   1 
HETATM 830 O  O   . HOH E 4 .  ? -7.647  4.411   11.565  1.00 29.43 ? 975 HOH A O   1 
HETATM 831 O  O   . HOH E 4 .  ? -10.061 5.175   10.608  1.00 25.69 ? 976 HOH A O   1 
# 
